data_8YQ7
#
_entry.id   8YQ7
#
_cell.length_a   70.860
_cell.length_b   162.370
_cell.length_c   79.110
_cell.angle_alpha   90.000
_cell.angle_beta   108.957
_cell.angle_gamma   90.000
#
_symmetry.space_group_name_H-M   'P 1 21 1'
#
loop_
_entity.id
_entity.type
_entity.pdbx_description
1 polymer 'Endolytic murein transglycosylase'
2 water water
#
_entity_poly.entity_id   1
_entity_poly.type   'polypeptide(L)'
_entity_poly.pdbx_seq_one_letter_code
;MHDSMKAGVYEIEQGMSVRQVLEMLSDADNAQMNRVLVIEGTTFKQLITALKNDKNVKNTILDLPDDQLMKALGIPYHHP
EGLFAPNTYFFAKGETDKKILTDLYHRQMKALDAAWAKRAPNLPYKDKYEALIMASIVEKETSLDSELTQVSGVFVRRLK
LGMRLQTDPTVIYGMGANYKGNITREDLRTPTPYNTYTINGLPPTPIALPSQKAIEAALHPDDSNNIYFVATGNGGHKFT
ADLQAHNQAVQEYLSVLRSKKLEHHHHHH
;
_entity_poly.pdbx_strand_id   A,B,C,D,E,F
#
# COMPACT_ATOMS: atom_id res chain seq x y z
N ALA A 31 15.86 12.74 -30.64
CA ALA A 31 15.03 13.71 -29.92
C ALA A 31 14.89 13.32 -28.46
N GLN A 32 14.34 12.13 -28.22
CA GLN A 32 14.03 11.66 -26.86
C GLN A 32 13.27 12.74 -26.09
N MET A 33 12.22 13.25 -26.72
CA MET A 33 11.43 14.33 -26.11
C MET A 33 10.80 13.88 -24.81
N ASN A 34 10.36 14.87 -24.01
CA ASN A 34 9.92 14.59 -22.66
C ASN A 34 8.62 13.80 -22.67
N ARG A 35 8.49 12.87 -21.74
CA ARG A 35 7.26 12.08 -21.60
C ARG A 35 6.59 12.43 -20.27
N VAL A 36 5.34 12.87 -20.36
CA VAL A 36 4.47 13.02 -19.21
C VAL A 36 3.45 11.88 -19.25
N LEU A 37 3.48 11.03 -18.24
CA LEU A 37 2.56 9.89 -18.16
C LEU A 37 1.45 10.22 -17.18
N VAL A 38 0.21 10.07 -17.63
CA VAL A 38 -0.96 10.28 -16.80
C VAL A 38 -1.73 8.97 -16.75
N ILE A 39 -1.76 8.35 -15.57
CA ILE A 39 -2.38 7.04 -15.40
C ILE A 39 -3.77 7.26 -14.83
N GLU A 40 -4.71 6.42 -15.28
CA GLU A 40 -6.08 6.53 -14.82
C GLU A 40 -6.18 6.26 -13.32
N GLY A 41 -7.04 7.04 -12.66
CA GLY A 41 -7.27 6.97 -11.24
C GLY A 41 -6.44 7.92 -10.40
N THR A 42 -5.45 8.58 -11.00
CA THR A 42 -4.64 9.55 -10.29
C THR A 42 -5.41 10.85 -10.13
N THR A 43 -4.99 11.64 -9.15
CA THR A 43 -5.57 12.94 -8.88
C THR A 43 -4.93 14.03 -9.71
N PHE A 44 -5.66 15.14 -9.86
CA PHE A 44 -5.08 16.30 -10.50
C PHE A 44 -3.85 16.77 -9.74
N LYS A 45 -3.97 16.84 -8.40
CA LYS A 45 -2.85 17.29 -7.57
C LYS A 45 -1.59 16.47 -7.83
N GLN A 46 -1.73 15.16 -7.93
CA GLN A 46 -0.58 14.33 -8.29
C GLN A 46 0.03 14.79 -9.60
N LEU A 47 -0.81 15.10 -10.60
CA LEU A 47 -0.33 15.55 -11.89
C LEU A 47 0.33 16.91 -11.81
N ILE A 48 -0.22 17.82 -11.00
CA ILE A 48 0.39 19.14 -10.85
C ILE A 48 1.79 18.99 -10.26
N THR A 49 1.92 18.18 -9.21
CA THR A 49 3.23 17.96 -8.61
C THR A 49 4.16 17.25 -9.59
N ALA A 50 3.63 16.37 -10.43
CA ALA A 50 4.47 15.63 -11.37
C ALA A 50 5.03 16.55 -12.45
N LEU A 51 4.25 17.55 -12.86
CA LEU A 51 4.78 18.53 -13.81
C LEU A 51 5.67 19.56 -13.12
N LYS A 52 5.41 19.84 -11.84
CA LYS A 52 6.26 20.75 -11.08
C LYS A 52 7.61 20.14 -10.77
N ASN A 53 7.72 18.81 -10.77
CA ASN A 53 8.98 18.12 -10.53
C ASN A 53 9.66 17.67 -11.82
N ASP A 54 9.31 18.26 -12.96
CA ASP A 54 9.91 17.90 -14.25
C ASP A 54 10.75 19.08 -14.71
N LYS A 55 12.00 18.80 -15.06
CA LYS A 55 12.88 19.84 -15.57
C LYS A 55 12.36 20.40 -16.90
N ASN A 56 11.87 19.52 -17.77
CA ASN A 56 11.51 19.91 -19.13
C ASN A 56 10.24 20.77 -19.18
N VAL A 57 9.43 20.80 -18.13
CA VAL A 57 8.18 21.55 -18.14
C VAL A 57 8.39 22.89 -17.46
N LYS A 58 7.99 23.97 -18.14
CA LYS A 58 8.13 25.30 -17.58
C LYS A 58 6.97 25.61 -16.62
N ASN A 59 7.30 26.22 -15.49
CA ASN A 59 6.32 26.50 -14.44
C ASN A 59 5.90 27.96 -14.61
N THR A 60 4.77 28.15 -15.27
CA THR A 60 4.19 29.47 -15.46
C THR A 60 3.02 29.70 -14.52
N ILE A 61 2.14 28.71 -14.36
CA ILE A 61 0.94 28.88 -13.55
C ILE A 61 0.68 27.67 -12.67
N LEU A 62 1.70 26.85 -12.43
CA LEU A 62 1.45 25.58 -11.75
C LEU A 62 1.13 25.74 -10.26
N ASP A 63 1.55 26.83 -9.63
CA ASP A 63 1.32 27.04 -8.20
C ASP A 63 0.16 27.96 -7.89
N LEU A 64 -0.72 28.21 -8.86
CA LEU A 64 -1.84 29.08 -8.56
C LEU A 64 -2.96 28.35 -7.82
N PRO A 65 -3.77 29.09 -7.04
CA PRO A 65 -5.03 28.51 -6.54
C PRO A 65 -5.90 28.04 -7.70
N ASP A 66 -6.79 27.10 -7.39
CA ASP A 66 -7.49 26.38 -8.45
C ASP A 66 -8.43 27.28 -9.25
N ASP A 67 -9.11 28.22 -8.59
CA ASP A 67 -10.01 29.11 -9.31
C ASP A 67 -9.23 29.95 -10.32
N GLN A 68 -8.17 30.60 -9.88
CA GLN A 68 -7.36 31.40 -10.79
C GLN A 68 -6.67 30.54 -11.84
N LEU A 69 -6.35 29.29 -11.51
CA LEU A 69 -5.68 28.44 -12.49
C LEU A 69 -6.63 28.02 -13.59
N MET A 70 -7.86 27.67 -13.23
CA MET A 70 -8.84 27.35 -14.25
C MET A 70 -9.15 28.57 -15.09
N LYS A 71 -9.20 29.75 -14.47
CA LYS A 71 -9.37 30.97 -15.27
C LYS A 71 -8.17 31.19 -16.18
N ALA A 72 -6.98 30.88 -15.72
CA ALA A 72 -5.79 31.08 -16.54
C ALA A 72 -5.82 30.18 -17.76
N LEU A 73 -6.32 28.95 -17.60
CA LEU A 73 -6.38 28.00 -18.70
C LEU A 73 -7.60 28.18 -19.60
N GLY A 74 -8.59 28.97 -19.19
CA GLY A 74 -9.80 29.13 -19.96
C GLY A 74 -10.87 28.10 -19.71
N ILE A 75 -10.70 27.24 -18.72
CA ILE A 75 -11.63 26.13 -18.47
C ILE A 75 -12.80 26.65 -17.63
N PRO A 76 -14.05 26.47 -18.08
CA PRO A 76 -15.19 27.14 -17.43
C PRO A 76 -15.58 26.54 -16.09
N TYR A 77 -14.85 25.55 -15.61
CA TYR A 77 -15.14 24.94 -14.32
C TYR A 77 -14.29 25.55 -13.21
N HIS A 78 -14.88 25.60 -12.00
CA HIS A 78 -14.22 26.24 -10.88
C HIS A 78 -13.11 25.38 -10.28
N HIS A 79 -13.31 24.05 -10.20
CA HIS A 79 -12.30 23.15 -9.65
C HIS A 79 -11.79 22.18 -10.72
N PRO A 80 -10.50 21.85 -10.73
CA PRO A 80 -9.93 21.12 -11.86
C PRO A 80 -10.05 19.61 -11.85
N GLU A 81 -10.62 18.97 -10.83
CA GLU A 81 -10.47 17.54 -10.75
C GLU A 81 -11.24 16.86 -11.87
N GLY A 82 -10.61 15.85 -12.46
CA GLY A 82 -11.25 14.98 -13.42
C GLY A 82 -11.29 15.48 -14.85
N LEU A 83 -10.81 16.69 -15.11
CA LEU A 83 -10.98 17.32 -16.41
C LEU A 83 -9.78 17.17 -17.33
N PHE A 84 -8.84 16.27 -17.01
CA PHE A 84 -7.62 16.11 -17.80
C PHE A 84 -7.40 14.63 -18.06
N ALA A 85 -7.22 14.27 -19.32
CA ALA A 85 -7.40 12.89 -19.75
C ALA A 85 -6.15 12.08 -19.43
N PRO A 86 -6.30 10.93 -18.76
CA PRO A 86 -5.12 10.08 -18.53
C PRO A 86 -4.70 9.37 -19.81
N ASN A 87 -3.41 9.49 -20.13
CA ASN A 87 -2.78 8.81 -21.24
C ASN A 87 -1.30 9.19 -21.15
N THR A 88 -0.50 8.57 -22.01
CA THR A 88 0.94 8.83 -22.08
C THR A 88 1.24 9.83 -23.19
N TYR A 89 1.63 11.05 -22.82
CA TYR A 89 1.88 12.13 -23.76
C TYR A 89 3.38 12.39 -23.86
N PHE A 90 3.79 12.89 -25.04
CA PHE A 90 5.15 13.37 -25.26
C PHE A 90 5.10 14.82 -25.67
N PHE A 91 5.96 15.64 -25.06
CA PHE A 91 6.04 17.06 -25.37
C PHE A 91 7.49 17.48 -25.57
N ALA A 92 7.65 18.64 -26.23
CA ALA A 92 8.97 19.21 -26.42
C ALA A 92 9.52 19.72 -25.10
N LYS A 93 10.78 19.40 -24.82
CA LYS A 93 11.43 19.89 -23.61
C LYS A 93 11.35 21.40 -23.57
N GLY A 94 10.93 21.94 -22.42
CA GLY A 94 10.74 23.36 -22.25
C GLY A 94 9.34 23.86 -22.53
N GLU A 95 8.40 22.97 -22.84
CA GLU A 95 7.03 23.39 -23.11
C GLU A 95 6.38 23.99 -21.86
N THR A 96 5.39 24.82 -22.11
CA THR A 96 4.69 25.50 -21.03
C THR A 96 3.76 24.53 -20.29
N ASP A 97 3.58 24.78 -19.00
CA ASP A 97 2.56 24.03 -18.27
C ASP A 97 1.18 24.31 -18.86
N LYS A 98 0.95 25.55 -19.30
CA LYS A 98 -0.37 25.95 -19.79
C LYS A 98 -0.73 25.21 -21.08
N LYS A 99 0.23 25.08 -22.00
CA LYS A 99 -0.02 24.29 -23.21
C LYS A 99 -0.35 22.85 -22.85
N ILE A 100 0.48 22.24 -22.02
CA ILE A 100 0.25 20.83 -21.63
C ILE A 100 -1.15 20.66 -21.08
N LEU A 101 -1.51 21.49 -20.09
CA LEU A 101 -2.81 21.34 -19.43
C LEU A 101 -3.96 21.67 -20.38
N THR A 102 -3.80 22.67 -21.25
CA THR A 102 -4.84 22.95 -22.22
C THR A 102 -5.07 21.73 -23.12
N ASP A 103 -3.99 21.08 -23.54
CA ASP A 103 -4.13 19.91 -24.41
C ASP A 103 -4.78 18.74 -23.67
N LEU A 104 -4.41 18.53 -22.41
CA LEU A 104 -5.03 17.46 -21.64
C LEU A 104 -6.51 17.74 -21.42
N TYR A 105 -6.86 18.99 -21.11
CA TYR A 105 -8.25 19.37 -20.97
C TYR A 105 -9.00 19.11 -22.27
N HIS A 106 -8.41 19.50 -23.41
CA HIS A 106 -9.08 19.29 -24.69
C HIS A 106 -9.27 17.81 -25.00
N ARG A 107 -8.27 16.97 -24.69
CA ARG A 107 -8.45 15.54 -24.94
C ARG A 107 -9.57 14.97 -24.08
N GLN A 108 -9.61 15.36 -22.80
CA GLN A 108 -10.65 14.83 -21.92
C GLN A 108 -12.01 15.30 -22.36
N MET A 109 -12.13 16.58 -22.76
CA MET A 109 -13.43 17.07 -23.19
C MET A 109 -13.84 16.49 -24.55
N LYS A 110 -12.90 16.22 -25.45
CA LYS A 110 -13.23 15.48 -26.66
C LYS A 110 -13.86 14.15 -26.30
N ALA A 111 -13.20 13.37 -25.43
CA ALA A 111 -13.74 12.09 -25.02
C ALA A 111 -15.13 12.23 -24.36
N LEU A 112 -15.27 13.22 -23.48
CA LEU A 112 -16.52 13.37 -22.74
C LEU A 112 -17.66 13.81 -23.65
N ASP A 113 -17.42 14.79 -24.52
CA ASP A 113 -18.47 15.23 -25.44
C ASP A 113 -18.87 14.08 -26.35
N ALA A 114 -17.90 13.34 -26.88
CA ALA A 114 -18.24 12.18 -27.71
C ALA A 114 -19.14 11.21 -26.96
N ALA A 115 -18.74 10.81 -25.75
CA ALA A 115 -19.55 9.82 -25.02
C ALA A 115 -20.92 10.38 -24.66
N TRP A 116 -20.99 11.65 -24.26
CA TRP A 116 -22.25 12.27 -23.90
C TRP A 116 -23.20 12.32 -25.08
N ALA A 117 -22.66 12.54 -26.28
CA ALA A 117 -23.53 12.66 -27.46
C ALA A 117 -24.26 11.35 -27.73
N LYS A 118 -23.61 10.22 -27.49
CA LYS A 118 -24.16 8.91 -27.78
C LYS A 118 -24.71 8.21 -26.53
N ARG A 119 -25.01 8.97 -25.49
CA ARG A 119 -25.31 8.39 -24.19
C ARG A 119 -26.65 7.66 -24.21
N ALA A 120 -26.85 6.85 -23.17
CA ALA A 120 -28.07 6.10 -22.98
C ALA A 120 -29.18 7.01 -22.48
N PRO A 121 -30.43 6.63 -22.68
CA PRO A 121 -31.54 7.48 -22.22
C PRO A 121 -31.77 7.34 -20.72
N ASN A 122 -32.50 8.32 -20.18
CA ASN A 122 -32.98 8.24 -18.81
C ASN A 122 -31.85 8.15 -17.80
N LEU A 123 -30.76 8.79 -18.07
CA LEU A 123 -29.69 8.78 -17.10
C LEU A 123 -29.90 9.90 -16.10
N PRO A 124 -29.48 9.71 -14.86
CA PRO A 124 -29.78 10.73 -13.84
C PRO A 124 -28.76 11.85 -13.79
N TYR A 125 -28.10 12.15 -14.89
CA TYR A 125 -27.10 13.21 -14.94
C TYR A 125 -27.72 14.47 -15.49
N LYS A 126 -27.52 15.59 -14.79
CA LYS A 126 -28.00 16.87 -15.29
C LYS A 126 -27.20 17.33 -16.51
N ASP A 127 -25.90 17.10 -16.50
CA ASP A 127 -25.02 17.54 -17.57
C ASP A 127 -23.81 16.60 -17.64
N LYS A 128 -22.92 16.87 -18.59
CA LYS A 128 -21.77 15.99 -18.78
C LYS A 128 -20.83 16.00 -17.58
N TYR A 129 -20.82 17.08 -16.81
CA TYR A 129 -19.93 17.14 -15.64
C TYR A 129 -20.32 16.10 -14.60
N GLU A 130 -21.62 15.92 -14.37
CA GLU A 130 -22.06 14.89 -13.44
C GLU A 130 -21.70 13.51 -13.97
N ALA A 131 -21.78 13.32 -15.28
CA ALA A 131 -21.31 12.05 -15.83
C ALA A 131 -19.84 11.84 -15.55
N LEU A 132 -19.03 12.91 -15.62
CA LEU A 132 -17.60 12.78 -15.35
C LEU A 132 -17.35 12.44 -13.89
N ILE A 133 -18.08 13.09 -12.98
CA ILE A 133 -17.99 12.75 -11.58
C ILE A 133 -18.25 11.26 -11.39
N MET A 134 -19.34 10.76 -11.96
CA MET A 134 -19.62 9.34 -11.79
C MET A 134 -18.54 8.49 -12.42
N ALA A 135 -18.00 8.92 -13.56
CA ALA A 135 -16.93 8.14 -14.20
C ALA A 135 -15.72 8.01 -13.27
N SER A 136 -15.36 9.09 -12.57
CA SER A 136 -14.25 9.05 -11.62
C SER A 136 -14.56 8.09 -10.46
N ILE A 137 -15.77 8.16 -9.92
CA ILE A 137 -16.17 7.23 -8.85
C ILE A 137 -16.02 5.78 -9.33
N VAL A 138 -16.58 5.47 -10.50
CA VAL A 138 -16.50 4.14 -11.06
C VAL A 138 -15.05 3.72 -11.24
N GLU A 139 -14.21 4.63 -11.75
CA GLU A 139 -12.80 4.32 -11.98
C GLU A 139 -12.13 3.86 -10.71
N LYS A 140 -12.31 4.62 -9.64
CA LYS A 140 -11.66 4.29 -8.38
C LYS A 140 -12.34 3.12 -7.66
N GLU A 141 -13.51 2.71 -8.12
CA GLU A 141 -14.25 1.64 -7.48
C GLU A 141 -14.04 0.28 -8.15
N THR A 142 -13.33 0.21 -9.26
CA THR A 142 -13.17 -1.08 -9.93
C THR A 142 -11.88 -1.09 -10.73
N SER A 143 -11.30 -2.29 -10.87
CA SER A 143 -10.07 -2.49 -11.62
C SER A 143 -10.23 -3.37 -12.85
N LEU A 144 -11.31 -4.17 -12.93
CA LEU A 144 -11.57 -5.01 -14.10
C LEU A 144 -12.54 -4.32 -15.05
N ASP A 145 -12.18 -4.27 -16.33
CA ASP A 145 -13.05 -3.63 -17.31
C ASP A 145 -14.41 -4.31 -17.38
N SER A 146 -14.42 -5.65 -17.31
CA SER A 146 -15.67 -6.41 -17.47
C SER A 146 -16.75 -5.95 -16.51
N GLU A 147 -16.38 -5.40 -15.36
CA GLU A 147 -17.35 -5.05 -14.33
C GLU A 147 -17.72 -3.55 -14.35
N LEU A 148 -17.07 -2.74 -15.19
CA LEU A 148 -17.31 -1.30 -15.15
C LEU A 148 -18.80 -0.99 -15.24
N THR A 149 -19.48 -1.46 -16.29
CA THR A 149 -20.90 -1.15 -16.45
C THR A 149 -21.70 -1.54 -15.20
N GLN A 150 -21.42 -2.72 -14.64
CA GLN A 150 -22.16 -3.16 -13.45
C GLN A 150 -21.96 -2.17 -12.31
N VAL A 151 -20.73 -1.76 -12.07
CA VAL A 151 -20.51 -0.79 -11.01
C VAL A 151 -21.32 0.46 -11.31
N SER A 152 -21.22 0.95 -12.55
CA SER A 152 -21.97 2.14 -12.95
C SER A 152 -23.44 1.94 -12.67
N GLY A 153 -23.97 0.76 -13.06
CA GLY A 153 -25.36 0.46 -12.78
C GLY A 153 -25.68 0.65 -11.31
N VAL A 154 -24.89 -0.01 -10.45
CA VAL A 154 -25.15 0.06 -9.01
C VAL A 154 -25.34 1.51 -8.58
N PHE A 155 -24.44 2.39 -9.01
CA PHE A 155 -24.52 3.79 -8.56
C PHE A 155 -25.66 4.51 -9.27
N VAL A 156 -25.80 4.28 -10.58
CA VAL A 156 -26.86 4.94 -11.32
C VAL A 156 -28.20 4.63 -10.69
N ARG A 157 -28.46 3.33 -10.48
CA ARG A 157 -29.69 2.92 -9.80
C ARG A 157 -29.82 3.61 -8.45
N ARG A 158 -28.73 3.61 -7.64
CA ARG A 158 -28.85 4.21 -6.33
C ARG A 158 -29.33 5.65 -6.48
N LEU A 159 -28.74 6.38 -7.43
CA LEU A 159 -29.16 7.76 -7.63
C LEU A 159 -30.64 7.85 -8.03
N LYS A 160 -31.10 6.96 -8.92
CA LYS A 160 -32.50 7.02 -9.30
C LYS A 160 -33.37 6.65 -8.13
N LEU A 161 -32.87 5.82 -7.21
CA LEU A 161 -33.68 5.39 -6.08
C LEU A 161 -33.57 6.34 -4.91
N GLY A 162 -32.75 7.40 -5.00
CA GLY A 162 -32.58 8.30 -3.89
C GLY A 162 -31.64 7.80 -2.80
N MET A 163 -31.03 6.64 -2.99
CA MET A 163 -30.07 6.11 -2.04
C MET A 163 -28.71 6.81 -2.15
N ARG A 164 -28.04 6.88 -1.01
CA ARG A 164 -26.69 7.41 -0.98
C ARG A 164 -25.74 6.39 -1.59
N LEU A 165 -24.70 6.90 -2.26
CA LEU A 165 -23.79 6.02 -2.99
C LEU A 165 -22.91 5.21 -2.05
N GLN A 166 -22.57 5.77 -0.89
CA GLN A 166 -21.86 5.03 0.14
C GLN A 166 -20.63 4.34 -0.43
N THR A 167 -19.80 5.12 -1.11
CA THR A 167 -18.62 4.63 -1.81
C THR A 167 -17.40 5.20 -1.11
N ASP A 168 -16.46 4.33 -0.76
CA ASP A 168 -15.34 4.72 0.08
C ASP A 168 -14.36 5.69 -0.59
N PRO A 169 -14.07 5.55 -1.89
CA PRO A 169 -13.14 6.49 -2.52
C PRO A 169 -13.54 7.96 -2.38
N THR A 170 -14.83 8.26 -2.32
CA THR A 170 -15.23 9.63 -2.08
C THR A 170 -14.84 10.06 -0.68
N VAL A 171 -15.01 9.18 0.31
CA VAL A 171 -14.64 9.49 1.69
C VAL A 171 -13.14 9.70 1.79
N ILE A 172 -12.37 8.84 1.11
CA ILE A 172 -10.92 9.01 1.04
C ILE A 172 -10.58 10.40 0.51
N TYR A 173 -11.22 10.79 -0.59
CA TYR A 173 -10.95 12.10 -1.18
C TYR A 173 -11.28 13.21 -0.20
N GLY A 174 -12.40 13.08 0.51
CA GLY A 174 -12.79 14.09 1.49
C GLY A 174 -11.83 14.19 2.66
N MET A 175 -11.22 13.08 3.08
CA MET A 175 -10.24 13.12 4.16
C MET A 175 -8.90 13.67 3.70
N GLY A 176 -8.58 13.47 2.42
CA GLY A 176 -7.42 14.10 1.81
C GLY A 176 -6.10 13.67 2.42
N ALA A 177 -5.32 14.67 2.87
CA ALA A 177 -4.01 14.37 3.43
C ALA A 177 -4.11 13.57 4.73
N ASN A 178 -5.25 13.63 5.41
CA ASN A 178 -5.37 12.88 6.64
C ASN A 178 -5.66 11.40 6.41
N TYR A 179 -5.49 10.88 5.19
CA TYR A 179 -5.87 9.51 4.88
C TYR A 179 -4.59 8.70 4.87
N LYS A 180 -4.52 7.73 5.77
CA LYS A 180 -3.29 6.98 6.00
C LYS A 180 -3.41 5.53 5.57
N GLY A 181 -4.38 5.22 4.72
CA GLY A 181 -4.64 3.87 4.29
C GLY A 181 -5.71 3.14 5.06
N ASN A 182 -6.42 3.82 5.95
CA ASN A 182 -7.46 3.18 6.75
C ASN A 182 -8.56 4.20 7.03
N ILE A 183 -9.79 3.68 7.12
CA ILE A 183 -10.97 4.48 7.39
C ILE A 183 -11.55 4.01 8.71
N THR A 184 -11.93 4.96 9.55
CA THR A 184 -12.51 4.68 10.85
C THR A 184 -13.99 5.08 10.85
N ARG A 185 -14.71 4.62 11.87
CA ARG A 185 -16.12 4.96 11.99
C ARG A 185 -16.32 6.46 12.18
N GLU A 186 -15.38 7.11 12.87
CA GLU A 186 -15.46 8.56 13.00
C GLU A 186 -15.29 9.23 11.62
N ASP A 187 -14.45 8.64 10.77
CA ASP A 187 -14.33 9.12 9.40
C ASP A 187 -15.64 8.99 8.63
N LEU A 188 -16.30 7.84 8.76
CA LEU A 188 -17.53 7.63 7.98
C LEU A 188 -18.65 8.54 8.43
N ARG A 189 -18.62 8.99 9.67
CA ARG A 189 -19.66 9.86 10.22
C ARG A 189 -19.36 11.33 9.99
N THR A 190 -18.18 11.68 9.50
CA THR A 190 -17.79 13.08 9.40
C THR A 190 -18.41 13.69 8.15
N PRO A 191 -19.31 14.66 8.29
CA PRO A 191 -19.91 15.27 7.10
C PRO A 191 -18.91 16.13 6.33
N THR A 192 -18.04 15.50 5.52
CA THR A 192 -17.22 16.24 4.58
C THR A 192 -18.03 16.49 3.32
N PRO A 193 -17.62 17.45 2.49
CA PRO A 193 -18.36 17.72 1.25
C PRO A 193 -18.42 16.54 0.28
N TYR A 194 -17.46 15.62 0.35
CA TYR A 194 -17.41 14.48 -0.54
C TYR A 194 -17.88 13.16 0.07
N ASN A 195 -18.37 13.15 1.31
CA ASN A 195 -18.65 11.89 2.01
C ASN A 195 -19.96 11.32 1.47
N THR A 196 -19.89 10.24 0.69
CA THR A 196 -21.13 9.70 0.11
C THR A 196 -21.92 8.85 1.10
N TYR A 197 -21.44 8.71 2.34
CA TYR A 197 -22.29 8.18 3.41
C TYR A 197 -23.16 9.26 4.04
N THR A 198 -22.75 10.52 3.95
CA THR A 198 -23.45 11.62 4.59
C THR A 198 -24.15 12.54 3.61
N ILE A 199 -23.66 12.65 2.37
CA ILE A 199 -24.27 13.53 1.38
C ILE A 199 -25.22 12.73 0.51
N ASN A 200 -26.18 13.41 -0.09
CA ASN A 200 -27.07 12.79 -1.06
C ASN A 200 -26.65 13.13 -2.48
N GLY A 201 -26.52 12.10 -3.32
CA GLY A 201 -26.16 12.31 -4.70
C GLY A 201 -24.66 12.24 -4.92
N LEU A 202 -24.25 12.86 -6.01
CA LEU A 202 -22.84 12.88 -6.40
C LEU A 202 -22.09 13.93 -5.58
N PRO A 203 -20.79 13.74 -5.38
CA PRO A 203 -20.00 14.75 -4.70
C PRO A 203 -19.86 15.99 -5.57
N PRO A 204 -19.38 17.10 -5.02
CA PRO A 204 -19.39 18.37 -5.77
C PRO A 204 -18.54 18.34 -7.04
N THR A 205 -17.45 17.58 -7.06
CA THR A 205 -16.56 17.48 -8.22
C THR A 205 -16.22 16.00 -8.45
N PRO A 206 -15.47 15.67 -9.51
CA PRO A 206 -14.90 14.33 -9.62
C PRO A 206 -13.86 14.11 -8.52
N ILE A 207 -13.48 12.85 -8.33
CA ILE A 207 -12.51 12.48 -7.30
C ILE A 207 -11.23 11.89 -7.88
N ALA A 208 -11.10 11.85 -9.21
CA ALA A 208 -9.92 11.30 -9.86
C ALA A 208 -9.99 11.66 -11.34
N LEU A 209 -8.96 11.24 -12.08
CA LEU A 209 -8.92 11.40 -13.51
C LEU A 209 -9.43 10.11 -14.14
N PRO A 210 -10.64 10.10 -14.70
CA PRO A 210 -11.20 8.84 -15.21
C PRO A 210 -10.69 8.50 -16.61
N SER A 211 -10.73 7.21 -16.93
CA SER A 211 -10.36 6.70 -18.24
C SER A 211 -11.54 6.89 -19.20
N GLN A 212 -11.29 6.69 -20.50
CA GLN A 212 -12.37 6.78 -21.46
C GLN A 212 -13.42 5.70 -21.24
N LYS A 213 -12.98 4.45 -21.05
CA LYS A 213 -13.93 3.36 -20.81
C LYS A 213 -14.76 3.61 -19.55
N ALA A 214 -14.17 4.26 -18.55
CA ALA A 214 -14.96 4.56 -17.34
C ALA A 214 -16.05 5.57 -17.65
N ILE A 215 -15.75 6.56 -18.51
CA ILE A 215 -16.76 7.52 -18.93
C ILE A 215 -17.86 6.83 -19.73
N GLU A 216 -17.47 5.99 -20.68
CA GLU A 216 -18.45 5.28 -21.48
C GLU A 216 -19.34 4.44 -20.58
N ALA A 217 -18.74 3.77 -19.61
CA ALA A 217 -19.51 2.98 -18.65
C ALA A 217 -20.46 3.86 -17.87
N ALA A 218 -19.99 5.04 -17.45
CA ALA A 218 -20.87 5.96 -16.73
C ALA A 218 -22.11 6.25 -17.54
N LEU A 219 -21.96 6.32 -18.86
CA LEU A 219 -23.08 6.66 -19.72
C LEU A 219 -23.82 5.44 -20.24
N HIS A 220 -23.43 4.22 -19.85
CA HIS A 220 -24.08 3.00 -20.31
C HIS A 220 -24.15 1.98 -19.18
N PRO A 221 -24.97 2.24 -18.17
CA PRO A 221 -25.12 1.29 -17.06
C PRO A 221 -25.77 0.01 -17.52
N ASP A 222 -25.52 -1.05 -16.75
CA ASP A 222 -26.09 -2.34 -17.11
C ASP A 222 -27.55 -2.42 -16.66
N ASP A 223 -28.25 -3.39 -17.22
CA ASP A 223 -29.66 -3.59 -16.92
C ASP A 223 -29.75 -4.67 -15.85
N SER A 224 -29.93 -4.24 -14.61
CA SER A 224 -29.94 -5.16 -13.47
C SER A 224 -30.69 -4.45 -12.34
N ASN A 225 -30.98 -5.19 -11.29
CA ASN A 225 -31.54 -4.62 -10.07
C ASN A 225 -30.49 -4.50 -8.97
N ASN A 226 -29.25 -4.89 -9.24
CA ASN A 226 -28.22 -4.94 -8.21
C ASN A 226 -27.84 -3.54 -7.73
N ILE A 227 -27.76 -3.36 -6.40
CA ILE A 227 -27.34 -2.08 -5.85
C ILE A 227 -26.26 -2.24 -4.80
N TYR A 228 -25.70 -3.44 -4.68
CA TYR A 228 -24.59 -3.71 -3.77
C TYR A 228 -23.51 -4.46 -4.52
N PHE A 229 -22.28 -4.33 -4.04
CA PHE A 229 -21.20 -5.21 -4.49
C PHE A 229 -20.06 -5.24 -3.48
N VAL A 230 -19.37 -6.38 -3.46
CA VAL A 230 -18.23 -6.58 -2.58
C VAL A 230 -17.28 -7.54 -3.26
N ALA A 231 -15.98 -7.35 -3.04
CA ALA A 231 -15.00 -8.23 -3.65
C ALA A 231 -15.29 -9.69 -3.33
N THR A 232 -15.03 -10.58 -4.30
CA THR A 232 -15.16 -12.01 -4.04
C THR A 232 -13.92 -12.57 -3.37
N GLY A 233 -12.76 -11.95 -3.60
CA GLY A 233 -11.49 -12.49 -3.17
C GLY A 233 -10.71 -13.17 -4.26
N ASN A 234 -11.34 -13.44 -5.40
CA ASN A 234 -10.70 -14.08 -6.55
C ASN A 234 -10.49 -13.12 -7.72
N GLY A 235 -10.39 -11.83 -7.44
CA GLY A 235 -10.12 -10.80 -8.43
C GLY A 235 -11.30 -9.94 -8.84
N GLY A 236 -12.53 -10.42 -8.69
CA GLY A 236 -13.71 -9.71 -9.09
C GLY A 236 -14.55 -9.28 -7.90
N HIS A 237 -15.78 -8.87 -8.20
CA HIS A 237 -16.75 -8.51 -7.18
C HIS A 237 -18.01 -9.36 -7.38
N LYS A 238 -18.78 -9.48 -6.32
CA LYS A 238 -20.11 -10.07 -6.31
C LYS A 238 -21.11 -8.94 -6.15
N PHE A 239 -22.08 -8.89 -7.06
CA PHE A 239 -23.11 -7.86 -7.11
C PHE A 239 -24.43 -8.43 -6.62
N THR A 240 -25.21 -7.62 -5.93
CA THR A 240 -26.48 -8.09 -5.37
C THR A 240 -27.47 -6.94 -5.39
N ALA A 241 -28.75 -7.29 -5.19
CA ALA A 241 -29.84 -6.35 -5.17
C ALA A 241 -30.50 -6.16 -3.80
N ASP A 242 -30.12 -6.94 -2.80
CA ASP A 242 -30.72 -6.84 -1.49
C ASP A 242 -29.64 -7.03 -0.42
N LEU A 243 -29.89 -6.42 0.74
CA LEU A 243 -28.85 -6.35 1.77
C LEU A 243 -28.53 -7.71 2.35
N GLN A 244 -29.51 -8.62 2.40
CA GLN A 244 -29.26 -9.95 2.96
C GLN A 244 -28.31 -10.74 2.07
N ALA A 245 -28.54 -10.70 0.75
CA ALA A 245 -27.63 -11.33 -0.19
C ALA A 245 -26.25 -10.66 -0.15
N HIS A 246 -26.22 -9.33 -0.03
CA HIS A 246 -24.93 -8.65 0.10
C HIS A 246 -24.18 -9.12 1.34
N ASN A 247 -24.89 -9.28 2.47
CA ASN A 247 -24.22 -9.72 3.70
C ASN A 247 -23.72 -11.16 3.57
N GLN A 248 -24.50 -12.03 2.92
CA GLN A 248 -23.97 -13.36 2.63
C GLN A 248 -22.69 -13.26 1.81
N ALA A 249 -22.68 -12.40 0.78
CA ALA A 249 -21.49 -12.27 -0.05
C ALA A 249 -20.29 -11.76 0.74
N VAL A 250 -20.52 -10.81 1.64
CA VAL A 250 -19.41 -10.27 2.43
C VAL A 250 -18.84 -11.37 3.32
N GLN A 251 -19.71 -12.18 3.91
CA GLN A 251 -19.24 -13.29 4.73
C GLN A 251 -18.40 -14.27 3.90
N GLU A 252 -18.86 -14.56 2.67
CA GLU A 252 -18.08 -15.43 1.80
C GLU A 252 -16.70 -14.85 1.55
N TYR A 253 -16.62 -13.54 1.32
CA TYR A 253 -15.34 -12.87 1.09
C TYR A 253 -14.45 -12.97 2.30
N LEU A 254 -15.03 -12.82 3.51
CA LEU A 254 -14.25 -12.96 4.73
C LEU A 254 -13.64 -14.35 4.85
N SER A 255 -14.43 -15.39 4.56
CA SER A 255 -13.89 -16.74 4.61
C SER A 255 -12.76 -16.94 3.59
N VAL A 256 -12.97 -16.46 2.36
CA VAL A 256 -11.98 -16.68 1.30
C VAL A 256 -10.68 -16.00 1.68
N LEU A 257 -10.75 -14.78 2.24
CA LEU A 257 -9.52 -14.11 2.59
C LEU A 257 -8.83 -14.80 3.74
N ARG A 258 -9.60 -15.42 4.64
CA ARG A 258 -9.01 -16.18 5.73
C ARG A 258 -8.16 -17.34 5.24
N SER A 259 -8.67 -18.13 4.27
CA SER A 259 -7.89 -19.30 3.87
C SER A 259 -6.51 -18.92 3.32
N LYS A 260 -6.45 -17.93 2.43
CA LYS A 260 -5.16 -17.51 1.84
C LYS A 260 -4.25 -16.78 2.84
N ARG B 19 -21.90 54.72 0.07
CA ARG B 19 -23.20 54.38 0.65
C ARG B 19 -23.15 53.00 1.30
N GLN B 20 -23.05 51.97 0.46
CA GLN B 20 -22.79 50.62 0.93
C GLN B 20 -21.31 50.32 1.07
N VAL B 21 -20.45 51.32 0.82
CA VAL B 21 -19.01 51.13 1.01
C VAL B 21 -18.70 50.81 2.46
N LEU B 22 -19.19 51.64 3.39
CA LEU B 22 -19.06 51.37 4.81
C LEU B 22 -20.08 50.33 5.29
N GLU B 23 -21.04 49.97 4.46
CA GLU B 23 -21.92 48.85 4.76
C GLU B 23 -21.09 47.65 5.20
N MET B 24 -19.95 47.44 4.55
CA MET B 24 -19.08 46.30 4.83
C MET B 24 -18.13 46.59 5.99
N LEU B 25 -18.67 46.55 7.21
CA LEU B 25 -17.86 46.26 8.37
C LEU B 25 -17.41 44.83 8.23
N SER B 26 -18.36 43.92 7.97
CA SER B 26 -18.15 42.51 7.61
C SER B 26 -19.54 41.91 7.46
N ASP B 27 -19.68 40.82 6.71
CA ASP B 27 -21.01 40.28 6.48
C ASP B 27 -20.97 38.83 6.07
N ALA B 28 -22.14 38.20 6.04
CA ALA B 28 -22.32 36.82 5.61
C ALA B 28 -23.41 36.67 4.56
N GLN B 32 -32.01 41.84 15.32
CA GLN B 32 -32.23 41.50 13.91
C GLN B 32 -31.28 40.40 13.45
N MET B 33 -29.99 40.71 13.48
CA MET B 33 -28.95 39.86 12.90
C MET B 33 -27.92 39.50 13.96
N ASN B 34 -27.39 38.29 13.88
CA ASN B 34 -26.34 37.87 14.78
C ASN B 34 -25.04 38.60 14.42
N ARG B 35 -24.30 39.01 15.44
CA ARG B 35 -23.09 39.81 15.26
C ARG B 35 -21.92 39.04 15.85
N VAL B 36 -21.39 38.08 15.09
CA VAL B 36 -20.17 37.39 15.48
C VAL B 36 -19.00 38.35 15.38
N LEU B 37 -18.11 38.32 16.37
CA LEU B 37 -16.92 39.17 16.39
C LEU B 37 -15.73 38.31 16.76
N VAL B 38 -14.72 38.28 15.89
CA VAL B 38 -13.47 37.54 16.08
C VAL B 38 -12.32 38.53 16.14
N ILE B 39 -11.60 38.53 17.25
CA ILE B 39 -10.59 39.53 17.54
C ILE B 39 -9.23 39.05 17.06
N GLU B 40 -8.41 40.00 16.61
CA GLU B 40 -7.05 39.68 16.18
C GLU B 40 -6.27 39.13 17.36
N GLY B 41 -5.45 38.13 17.11
CA GLY B 41 -4.66 37.53 18.15
C GLY B 41 -5.33 36.38 18.85
N THR B 42 -6.59 36.11 18.52
CA THR B 42 -7.32 35.02 19.13
C THR B 42 -6.89 33.68 18.56
N THR B 43 -7.04 32.65 19.37
CA THR B 43 -6.77 31.29 18.95
C THR B 43 -8.04 30.71 18.32
N PHE B 44 -7.86 29.68 17.48
CA PHE B 44 -9.02 28.97 16.96
C PHE B 44 -9.93 28.50 18.11
N LYS B 45 -9.33 27.86 19.09
CA LYS B 45 -10.11 27.31 20.20
C LYS B 45 -11.03 28.33 20.85
N GLN B 46 -10.52 29.55 21.08
CA GLN B 46 -11.39 30.60 21.60
C GLN B 46 -12.61 30.80 20.70
N LEU B 47 -12.40 30.78 19.38
CA LEU B 47 -13.51 31.02 18.47
C LEU B 47 -14.52 29.90 18.55
N ILE B 48 -14.06 28.65 18.63
CA ILE B 48 -15.01 27.55 18.72
C ILE B 48 -15.81 27.63 20.03
N THR B 49 -15.15 27.88 21.16
CA THR B 49 -15.91 27.95 22.40
C THR B 49 -16.90 29.11 22.35
N ALA B 50 -16.51 30.22 21.73
CA ALA B 50 -17.42 31.36 21.67
C ALA B 50 -18.60 31.08 20.74
N LEU B 51 -18.41 30.21 19.74
CA LEU B 51 -19.53 29.76 18.92
C LEU B 51 -20.42 28.76 19.66
N LYS B 52 -19.85 28.00 20.60
CA LYS B 52 -20.68 27.08 21.37
C LYS B 52 -21.50 27.79 22.43
N ASN B 53 -21.05 28.96 22.89
CA ASN B 53 -21.77 29.74 23.89
C ASN B 53 -22.60 30.85 23.27
N ASP B 54 -22.95 30.72 22.00
CA ASP B 54 -23.79 31.68 21.31
C ASP B 54 -25.15 31.01 21.10
N LYS B 55 -26.21 31.68 21.55
CA LYS B 55 -27.54 31.13 21.38
C LYS B 55 -27.91 31.03 19.91
N ASN B 56 -27.58 32.07 19.14
CA ASN B 56 -28.02 32.24 17.76
C ASN B 56 -27.30 31.33 16.77
N VAL B 57 -26.22 30.67 17.17
CA VAL B 57 -25.46 29.80 16.29
C VAL B 57 -25.86 28.37 16.59
N LYS B 58 -26.25 27.64 15.54
CA LYS B 58 -26.66 26.24 15.72
C LYS B 58 -25.42 25.36 15.77
N ASN B 59 -25.38 24.46 16.76
CA ASN B 59 -24.23 23.60 16.99
C ASN B 59 -24.50 22.25 16.36
N THR B 60 -24.02 22.10 15.14
CA THR B 60 -24.11 20.86 14.39
C THR B 60 -22.79 20.11 14.42
N ILE B 61 -21.67 20.84 14.30
CA ILE B 61 -20.36 20.21 14.18
C ILE B 61 -19.29 20.86 15.03
N LEU B 62 -19.66 21.56 16.10
CA LEU B 62 -18.62 22.23 16.88
C LEU B 62 -17.84 21.26 17.77
N ASP B 63 -18.43 20.14 18.15
CA ASP B 63 -17.80 19.23 19.09
C ASP B 63 -16.97 18.14 18.40
N LEU B 64 -16.62 18.33 17.15
CA LEU B 64 -15.76 17.35 16.50
C LEU B 64 -14.28 17.55 16.85
N PRO B 65 -13.50 16.49 16.75
CA PRO B 65 -12.04 16.65 16.75
C PRO B 65 -11.61 17.60 15.64
N ASP B 66 -10.45 18.24 15.85
CA ASP B 66 -10.05 19.35 14.98
C ASP B 66 -9.71 18.89 13.56
N ASP B 67 -9.05 17.74 13.42
CA ASP B 67 -8.74 17.23 12.10
C ASP B 67 -10.03 16.91 11.33
N GLN B 68 -10.92 16.15 11.96
CA GLN B 68 -12.19 15.81 11.33
C GLN B 68 -13.04 17.05 11.12
N LEU B 69 -12.89 18.06 11.98
CA LEU B 69 -13.66 19.28 11.79
C LEU B 69 -13.16 20.08 10.61
N MET B 70 -11.84 20.15 10.43
CA MET B 70 -11.31 20.83 9.25
C MET B 70 -11.73 20.10 7.98
N LYS B 71 -11.76 18.77 8.01
CA LYS B 71 -12.24 18.00 6.86
C LYS B 71 -13.73 18.19 6.62
N ALA B 72 -14.52 18.30 7.69
CA ALA B 72 -15.95 18.48 7.54
C ALA B 72 -16.25 19.78 6.81
N LEU B 73 -15.44 20.81 7.04
CA LEU B 73 -15.60 22.11 6.42
C LEU B 73 -15.01 22.18 5.02
N GLY B 74 -14.32 21.14 4.57
CA GLY B 74 -13.67 21.17 3.28
C GLY B 74 -12.27 21.73 3.30
N ILE B 75 -11.73 22.01 4.48
CA ILE B 75 -10.41 22.62 4.63
C ILE B 75 -9.34 21.56 4.42
N PRO B 76 -8.37 21.77 3.52
CA PRO B 76 -7.34 20.75 3.27
C PRO B 76 -6.16 20.81 4.22
N TYR B 77 -6.14 21.73 5.17
CA TYR B 77 -5.05 21.83 6.13
C TYR B 77 -5.39 20.94 7.30
N HIS B 78 -4.35 20.35 7.90
CA HIS B 78 -4.54 19.39 8.98
C HIS B 78 -4.90 20.09 10.29
N HIS B 79 -4.29 21.25 10.55
CA HIS B 79 -4.42 21.98 11.82
C HIS B 79 -5.22 23.24 11.59
N PRO B 80 -6.14 23.59 12.50
CA PRO B 80 -7.08 24.69 12.22
C PRO B 80 -6.58 26.08 12.54
N GLU B 81 -5.39 26.22 13.13
CA GLU B 81 -4.99 27.50 13.68
C GLU B 81 -4.63 28.48 12.56
N GLY B 82 -5.08 29.72 12.71
CA GLY B 82 -4.72 30.78 11.81
C GLY B 82 -5.54 30.88 10.54
N LEU B 83 -6.50 29.99 10.32
CA LEU B 83 -7.19 29.88 9.05
C LEU B 83 -8.56 30.55 9.04
N PHE B 84 -8.87 31.36 10.05
CA PHE B 84 -10.18 32.02 10.16
C PHE B 84 -9.98 33.49 10.48
N ALA B 85 -10.58 34.32 9.69
CA ALA B 85 -10.19 35.71 9.63
C ALA B 85 -10.81 36.50 10.78
N PRO B 86 -10.02 37.28 11.52
CA PRO B 86 -10.61 38.15 12.54
C PRO B 86 -11.32 39.33 11.90
N ASN B 87 -12.54 39.59 12.38
CA ASN B 87 -13.32 40.75 11.97
C ASN B 87 -14.64 40.69 12.74
N THR B 88 -15.42 41.77 12.68
CA THR B 88 -16.75 41.84 13.30
C THR B 88 -17.80 41.55 12.22
N TYR B 89 -18.39 40.36 12.27
CA TYR B 89 -19.26 39.89 11.19
C TYR B 89 -20.75 39.97 11.57
N PHE B 90 -21.60 39.70 10.57
CA PHE B 90 -23.05 39.68 10.72
C PHE B 90 -23.61 38.44 10.04
N PHE B 91 -24.24 37.55 10.81
CA PHE B 91 -24.87 36.33 10.31
C PHE B 91 -26.34 36.33 10.71
N ALA B 92 -27.15 35.60 9.93
CA ALA B 92 -28.56 35.44 10.26
C ALA B 92 -28.72 34.76 11.61
N LYS B 93 -29.58 35.31 12.47
CA LYS B 93 -29.84 34.66 13.74
C LYS B 93 -30.36 33.26 13.48
N GLY B 94 -29.74 32.27 14.10
CA GLY B 94 -30.04 30.89 13.82
C GLY B 94 -29.14 30.25 12.79
N GLU B 95 -28.01 30.87 12.47
CA GLU B 95 -27.14 30.38 11.43
C GLU B 95 -26.37 29.16 11.91
N THR B 96 -26.13 28.24 10.98
CA THR B 96 -25.34 27.06 11.31
C THR B 96 -23.88 27.45 11.49
N ASP B 97 -23.21 26.71 12.37
CA ASP B 97 -21.79 26.90 12.61
C ASP B 97 -20.98 26.64 11.34
N LYS B 98 -21.39 25.66 10.54
CA LYS B 98 -20.62 25.28 9.36
C LYS B 98 -20.61 26.41 8.35
N LYS B 99 -21.75 27.07 8.13
CA LYS B 99 -21.77 28.25 7.29
C LYS B 99 -20.77 29.28 7.79
N ILE B 100 -20.87 29.65 9.07
CA ILE B 100 -19.97 30.63 9.66
C ILE B 100 -18.51 30.26 9.35
N LEU B 101 -18.10 29.08 9.81
CA LEU B 101 -16.69 28.72 9.77
C LEU B 101 -16.22 28.59 8.33
N THR B 102 -17.03 28.02 7.44
CA THR B 102 -16.63 27.92 6.05
C THR B 102 -16.40 29.30 5.45
N ASP B 103 -17.30 30.25 5.72
CA ASP B 103 -17.15 31.59 5.16
C ASP B 103 -15.95 32.31 5.76
N LEU B 104 -15.72 32.14 7.06
CA LEU B 104 -14.54 32.78 7.68
C LEU B 104 -13.27 32.20 7.09
N TYR B 105 -13.24 30.88 6.87
CA TYR B 105 -12.11 30.26 6.20
C TYR B 105 -11.91 30.84 4.82
N HIS B 106 -13.00 30.95 4.05
CA HIS B 106 -12.87 31.48 2.69
C HIS B 106 -12.33 32.89 2.73
N ARG B 107 -12.77 33.71 3.69
CA ARG B 107 -12.30 35.10 3.78
C ARG B 107 -10.81 35.14 4.11
N GLN B 108 -10.38 34.30 5.03
CA GLN B 108 -8.97 34.28 5.39
C GLN B 108 -8.13 33.84 4.20
N MET B 109 -8.59 32.84 3.47
CA MET B 109 -7.78 32.36 2.35
C MET B 109 -7.81 33.35 1.18
N LYS B 110 -8.93 34.07 1.01
CA LYS B 110 -8.95 35.18 0.07
C LYS B 110 -7.85 36.19 0.41
N ALA B 111 -7.82 36.64 1.66
CA ALA B 111 -6.78 37.60 2.06
C ALA B 111 -5.39 37.03 1.82
N LEU B 112 -5.19 35.77 2.18
CA LEU B 112 -3.86 35.18 2.08
C LEU B 112 -3.42 35.07 0.62
N ASP B 113 -4.32 34.63 -0.26
CA ASP B 113 -3.99 34.52 -1.68
C ASP B 113 -3.72 35.89 -2.28
N ALA B 114 -4.56 36.88 -1.95
CA ALA B 114 -4.31 38.24 -2.44
C ALA B 114 -2.92 38.70 -2.05
N ALA B 115 -2.57 38.54 -0.76
CA ALA B 115 -1.29 39.00 -0.24
C ALA B 115 -0.12 38.19 -0.81
N TRP B 116 -0.30 36.88 -0.98
CA TRP B 116 0.76 36.04 -1.53
C TRP B 116 1.04 36.42 -2.98
N ALA B 117 0.00 36.72 -3.74
CA ALA B 117 0.18 37.06 -5.14
C ALA B 117 0.93 38.38 -5.30
N LYS B 118 0.72 39.31 -4.37
CA LYS B 118 1.34 40.63 -4.44
C LYS B 118 2.55 40.77 -3.52
N ARG B 119 3.13 39.65 -3.06
CA ARG B 119 4.12 39.69 -1.99
C ARG B 119 5.46 40.26 -2.47
N ALA B 120 6.33 40.59 -1.51
CA ALA B 120 7.63 41.15 -1.82
C ALA B 120 8.60 40.06 -2.29
N PRO B 121 9.63 40.43 -3.03
CA PRO B 121 10.57 39.42 -3.55
C PRO B 121 11.60 38.96 -2.52
N ASN B 122 12.18 37.80 -2.82
CA ASN B 122 13.25 37.16 -2.04
C ASN B 122 12.81 36.93 -0.59
N LEU B 123 11.57 36.61 -0.40
CA LEU B 123 11.09 36.34 0.94
C LEU B 123 11.37 34.89 1.33
N PRO B 124 11.58 34.65 2.64
CA PRO B 124 11.98 33.31 3.08
C PRO B 124 10.84 32.34 3.36
N TYR B 125 9.77 32.40 2.58
CA TYR B 125 8.63 31.50 2.72
C TYR B 125 8.59 30.43 1.63
N LYS B 126 8.38 29.17 2.05
CA LYS B 126 8.19 28.12 1.06
C LYS B 126 6.83 28.26 0.38
N ASP B 127 5.79 28.60 1.14
CA ASP B 127 4.44 28.68 0.61
C ASP B 127 3.62 29.67 1.45
N LYS B 128 2.36 29.86 1.06
CA LYS B 128 1.51 30.82 1.74
C LYS B 128 1.22 30.42 3.17
N TYR B 129 1.30 29.12 3.49
CA TYR B 129 1.09 28.67 4.86
C TYR B 129 2.18 29.18 5.80
N GLU B 130 3.44 29.14 5.36
CA GLU B 130 4.50 29.71 6.18
C GLU B 130 4.27 31.20 6.38
N ALA B 131 3.79 31.90 5.35
CA ALA B 131 3.47 33.31 5.52
C ALA B 131 2.38 33.49 6.56
N LEU B 132 1.39 32.59 6.57
CA LEU B 132 0.31 32.70 7.57
C LEU B 132 0.85 32.45 8.98
N ILE B 133 1.72 31.45 9.12
CA ILE B 133 2.37 31.22 10.41
C ILE B 133 3.08 32.48 10.88
N MET B 134 3.91 33.06 10.00
CA MET B 134 4.63 34.27 10.37
C MET B 134 3.66 35.39 10.71
N ALA B 135 2.56 35.48 9.97
CA ALA B 135 1.57 36.52 10.26
C ALA B 135 1.02 36.34 11.67
N SER B 136 0.77 35.09 12.08
CA SER B 136 0.26 34.84 13.42
C SER B 136 1.27 35.29 14.47
N ILE B 137 2.54 34.92 14.28
CA ILE B 137 3.58 35.34 15.21
C ILE B 137 3.64 36.87 15.30
N VAL B 138 3.69 37.53 14.14
CA VAL B 138 3.75 38.99 14.12
C VAL B 138 2.54 39.57 14.85
N GLU B 139 1.35 39.00 14.59
CA GLU B 139 0.13 39.50 15.22
C GLU B 139 0.27 39.43 16.72
N LYS B 140 0.79 38.32 17.23
CA LYS B 140 0.90 38.18 18.68
C LYS B 140 2.04 39.00 19.26
N GLU B 141 2.93 39.52 18.43
CA GLU B 141 4.07 40.26 18.92
C GLU B 141 3.90 41.78 18.93
N THR B 142 2.78 42.31 18.43
CA THR B 142 2.63 43.76 18.43
C THR B 142 1.17 44.18 18.42
N SER B 143 0.91 45.35 19.01
CA SER B 143 -0.41 45.93 19.08
C SER B 143 -0.54 47.21 18.27
N LEU B 144 0.57 47.83 17.90
CA LEU B 144 0.53 49.03 17.07
C LEU B 144 0.73 48.64 15.61
N ASP B 145 -0.23 49.03 14.76
CA ASP B 145 -0.16 48.70 13.34
C ASP B 145 1.09 49.30 12.70
N SER B 146 1.45 50.52 13.10
CA SER B 146 2.64 51.17 12.56
C SER B 146 3.88 50.30 12.66
N GLU B 147 3.93 49.40 13.65
CA GLU B 147 5.13 48.62 13.85
C GLU B 147 5.07 47.24 13.20
N LEU B 148 3.92 46.86 12.62
CA LEU B 148 3.79 45.51 12.05
C LEU B 148 4.93 45.23 11.09
N THR B 149 5.11 46.10 10.09
CA THR B 149 6.15 45.91 9.10
C THR B 149 7.50 45.70 9.76
N GLN B 150 7.79 46.48 10.81
CA GLN B 150 9.06 46.36 11.50
C GLN B 150 9.21 45.00 12.15
N VAL B 151 8.19 44.55 12.88
CA VAL B 151 8.30 43.26 13.54
C VAL B 151 8.53 42.17 12.50
N SER B 152 7.69 42.13 11.47
CA SER B 152 7.88 41.12 10.43
C SER B 152 9.29 41.21 9.90
N GLY B 153 9.78 42.43 9.64
CA GLY B 153 11.15 42.59 9.16
C GLY B 153 12.15 41.90 10.05
N VAL B 154 12.11 42.18 11.35
CA VAL B 154 13.01 41.53 12.28
C VAL B 154 12.95 40.02 12.11
N PHE B 155 11.74 39.45 12.07
CA PHE B 155 11.68 37.99 12.00
C PHE B 155 12.12 37.54 10.62
N VAL B 156 11.71 38.27 9.58
CA VAL B 156 12.07 37.86 8.23
C VAL B 156 13.59 37.81 8.09
N ARG B 157 14.26 38.93 8.40
CA ARG B 157 15.70 38.96 8.32
C ARG B 157 16.32 37.82 9.14
N ARG B 158 15.80 37.59 10.35
CA ARG B 158 16.36 36.52 11.17
C ARG B 158 16.39 35.20 10.41
N LEU B 159 15.29 34.87 9.71
CA LEU B 159 15.23 33.60 8.99
C LEU B 159 16.35 33.51 7.97
N LYS B 160 16.64 34.62 7.29
CA LYS B 160 17.67 34.63 6.26
C LYS B 160 19.03 34.44 6.88
N LEU B 161 19.18 34.84 8.15
CA LEU B 161 20.45 34.74 8.86
C LEU B 161 20.57 33.48 9.71
N GLY B 162 19.55 32.62 9.70
CA GLY B 162 19.61 31.42 10.49
C GLY B 162 19.30 31.61 11.96
N MET B 163 18.99 32.83 12.40
CA MET B 163 18.70 33.08 13.79
C MET B 163 17.29 32.61 14.12
N ARG B 164 17.13 32.15 15.36
CA ARG B 164 15.84 31.76 15.89
C ARG B 164 15.05 32.99 16.29
N LEU B 165 13.73 32.88 16.17
CA LEU B 165 12.85 34.04 16.32
C LEU B 165 12.76 34.46 17.78
N GLN B 166 12.87 33.51 18.70
CA GLN B 166 12.94 33.81 20.13
C GLN B 166 11.77 34.69 20.56
N THR B 167 10.56 34.24 20.23
CA THR B 167 9.34 34.97 20.52
C THR B 167 8.50 34.16 21.49
N ASP B 168 8.08 34.79 22.58
CA ASP B 168 7.46 34.14 23.73
C ASP B 168 6.07 33.57 23.43
N PRO B 169 5.24 34.25 22.65
CA PRO B 169 3.93 33.66 22.32
C PRO B 169 4.04 32.27 21.68
N THR B 170 5.12 31.99 20.95
CA THR B 170 5.28 30.67 20.36
C THR B 170 5.48 29.61 21.43
N VAL B 171 6.33 29.89 22.42
CA VAL B 171 6.58 28.91 23.48
C VAL B 171 5.31 28.71 24.30
N ILE B 172 4.60 29.81 24.57
CA ILE B 172 3.31 29.70 25.26
C ILE B 172 2.39 28.75 24.51
N TYR B 173 2.27 28.94 23.18
CA TYR B 173 1.40 28.07 22.41
C TYR B 173 1.83 26.61 22.53
N GLY B 174 3.15 26.39 22.48
CA GLY B 174 3.66 25.02 22.56
C GLY B 174 3.43 24.35 23.90
N MET B 175 3.49 25.11 24.99
CA MET B 175 3.25 24.54 26.30
C MET B 175 1.76 24.24 26.50
N GLY B 176 0.89 24.99 25.83
CA GLY B 176 -0.53 24.66 25.84
C GLY B 176 -1.11 24.80 27.23
N ALA B 177 -1.66 23.71 27.75
CA ALA B 177 -2.29 23.76 29.08
C ALA B 177 -1.28 24.06 30.17
N ASN B 178 -0.02 23.75 29.93
CA ASN B 178 1.06 23.91 30.89
C ASN B 178 1.58 25.35 30.95
N TYR B 179 0.67 26.28 31.21
CA TYR B 179 1.06 27.69 31.18
C TYR B 179 0.20 28.46 32.17
N LYS B 180 0.86 29.06 33.17
CA LYS B 180 0.19 29.73 34.27
C LYS B 180 0.46 31.23 34.28
N GLY B 181 0.84 31.81 33.16
CA GLY B 181 1.16 33.23 33.16
C GLY B 181 2.62 33.53 33.38
N ASN B 182 3.51 32.56 33.18
CA ASN B 182 4.92 32.78 33.45
C ASN B 182 5.75 32.05 32.43
N ILE B 183 6.84 32.69 32.01
CA ILE B 183 7.81 32.11 31.08
C ILE B 183 9.13 32.12 31.82
N THR B 184 9.67 30.94 32.12
CA THR B 184 10.90 30.82 32.88
C THR B 184 12.02 30.34 31.97
N ARG B 185 13.26 30.47 32.45
CA ARG B 185 14.38 29.94 31.67
C ARG B 185 14.23 28.44 31.52
N GLU B 186 13.63 27.80 32.53
CA GLU B 186 13.31 26.38 32.41
C GLU B 186 12.22 26.15 31.35
N ASP B 187 11.18 26.98 31.33
CA ASP B 187 10.19 26.87 30.26
C ASP B 187 10.82 27.12 28.90
N LEU B 188 11.65 28.16 28.78
CA LEU B 188 12.28 28.48 27.52
C LEU B 188 13.27 27.42 27.07
N ARG B 189 13.80 26.60 27.99
CA ARG B 189 14.82 25.61 27.63
C ARG B 189 14.23 24.27 27.20
N THR B 190 12.92 24.06 27.37
CA THR B 190 12.29 22.77 27.09
C THR B 190 11.86 22.69 25.63
N PRO B 191 12.33 21.71 24.86
CA PRO B 191 11.93 21.62 23.44
C PRO B 191 10.45 21.31 23.19
N THR B 192 9.71 22.30 22.71
CA THR B 192 8.39 22.12 22.12
C THR B 192 8.46 22.17 20.60
N PRO B 193 7.47 21.64 19.88
CA PRO B 193 7.46 21.86 18.42
C PRO B 193 7.32 23.34 18.06
N TYR B 194 6.73 24.14 18.96
CA TYR B 194 6.50 25.56 18.75
C TYR B 194 7.53 26.44 19.46
N ASN B 195 8.51 25.87 20.15
CA ASN B 195 9.44 26.68 20.92
C ASN B 195 10.48 27.28 20.00
N THR B 196 10.39 28.58 19.76
CA THR B 196 11.32 29.26 18.85
C THR B 196 12.66 29.59 19.51
N TYR B 197 12.86 29.22 20.79
CA TYR B 197 14.20 29.29 21.38
C TYR B 197 15.01 28.05 21.07
N THR B 198 14.34 26.93 20.81
CA THR B 198 15.00 25.66 20.54
C THR B 198 14.95 25.23 19.09
N ILE B 199 13.92 25.63 18.32
CA ILE B 199 13.83 25.25 16.92
C ILE B 199 14.33 26.39 16.04
N ASN B 200 14.80 26.06 14.84
CA ASN B 200 15.14 27.03 13.81
C ASN B 200 14.00 27.13 12.79
N GLY B 201 13.64 28.34 12.44
CA GLY B 201 12.60 28.58 11.46
C GLY B 201 11.25 28.72 12.12
N LEU B 202 10.21 28.56 11.31
CA LEU B 202 8.85 28.76 11.78
C LEU B 202 8.32 27.53 12.52
N PRO B 203 7.38 27.72 13.44
CA PRO B 203 6.78 26.57 14.14
C PRO B 203 5.90 25.77 13.19
N PRO B 204 5.43 24.60 13.62
CA PRO B 204 4.70 23.73 12.67
C PRO B 204 3.40 24.35 12.15
N THR B 205 2.67 25.09 12.98
CA THR B 205 1.39 25.68 12.56
C THR B 205 1.33 27.14 13.01
N PRO B 206 0.30 27.88 12.64
CA PRO B 206 0.10 29.21 13.25
C PRO B 206 -0.22 29.07 14.73
N ILE B 207 -0.09 30.17 15.46
CA ILE B 207 -0.30 30.20 16.89
C ILE B 207 -1.45 31.10 17.29
N ALA B 208 -2.13 31.72 16.34
CA ALA B 208 -3.24 32.62 16.57
C ALA B 208 -3.86 32.90 15.21
N LEU B 209 -4.94 33.68 15.21
CA LEU B 209 -5.60 34.02 13.95
C LEU B 209 -5.13 35.40 13.51
N PRO B 210 -4.31 35.51 12.47
CA PRO B 210 -3.81 36.83 12.08
C PRO B 210 -4.83 37.62 11.28
N SER B 211 -4.72 38.94 11.39
CA SER B 211 -5.53 39.90 10.68
C SER B 211 -4.99 40.11 9.27
N GLN B 212 -5.77 40.81 8.43
CA GLN B 212 -5.32 41.08 7.08
C GLN B 212 -4.06 41.92 7.09
N LYS B 213 -3.99 42.92 7.95
CA LYS B 213 -2.79 43.76 8.05
C LYS B 213 -1.56 42.93 8.45
N ALA B 214 -1.75 41.97 9.36
CA ALA B 214 -0.62 41.14 9.77
C ALA B 214 -0.17 40.22 8.65
N ILE B 215 -1.10 39.69 7.86
CA ILE B 215 -0.73 38.86 6.72
C ILE B 215 0.09 39.68 5.72
N GLU B 216 -0.40 40.87 5.39
CA GLU B 216 0.34 41.71 4.46
C GLU B 216 1.72 42.07 5.04
N ALA B 217 1.78 42.42 6.32
CA ALA B 217 3.06 42.78 6.95
C ALA B 217 4.02 41.62 6.89
N ALA B 218 3.55 40.41 7.15
CA ALA B 218 4.40 39.23 6.99
C ALA B 218 4.93 39.15 5.55
N LEU B 219 4.14 39.59 4.58
CA LEU B 219 4.59 39.53 3.19
C LEU B 219 5.21 40.83 2.70
N HIS B 220 5.31 41.87 3.53
CA HIS B 220 5.92 43.14 3.14
C HIS B 220 6.76 43.70 4.27
N PRO B 221 7.90 43.07 4.58
CA PRO B 221 8.76 43.57 5.66
C PRO B 221 9.38 44.92 5.33
N ASP B 222 9.79 45.63 6.39
CA ASP B 222 10.37 46.95 6.28
C ASP B 222 11.83 46.87 5.87
N ASP B 223 12.34 47.99 5.38
CA ASP B 223 13.70 48.10 4.87
C ASP B 223 14.62 48.62 5.95
N SER B 224 15.32 47.71 6.63
CA SER B 224 16.21 48.07 7.72
C SER B 224 17.13 46.88 7.98
N ASN B 225 18.09 47.09 8.86
CA ASN B 225 18.99 46.04 9.32
C ASN B 225 18.59 45.50 10.69
N ASN B 226 17.50 45.98 11.26
CA ASN B 226 17.16 45.60 12.63
C ASN B 226 16.78 44.12 12.72
N ILE B 227 17.39 43.43 13.68
CA ILE B 227 17.10 42.01 13.93
C ILE B 227 16.79 41.78 15.41
N TYR B 228 16.63 42.86 16.18
CA TYR B 228 16.25 42.73 17.59
C TYR B 228 15.14 43.73 17.86
N PHE B 229 14.28 43.42 18.82
CA PHE B 229 13.37 44.44 19.32
C PHE B 229 12.87 44.03 20.71
N VAL B 230 12.47 45.06 21.48
CA VAL B 230 11.92 44.85 22.80
C VAL B 230 10.93 45.95 23.11
N ALA B 231 9.94 45.64 23.95
CA ALA B 231 8.95 46.64 24.34
C ALA B 231 9.65 47.87 24.92
N THR B 232 9.03 49.03 24.71
CA THR B 232 9.57 50.24 25.31
C THR B 232 9.14 50.38 26.76
N GLY B 233 7.97 49.87 27.09
CA GLY B 233 7.37 50.04 28.38
C GLY B 233 6.35 51.15 28.44
N ASN B 234 6.37 52.07 27.48
CA ASN B 234 5.39 53.15 27.40
C ASN B 234 4.44 52.96 26.22
N GLY B 235 4.36 51.76 25.67
CA GLY B 235 3.49 51.52 24.52
C GLY B 235 4.29 51.54 23.23
N GLY B 236 4.61 50.37 22.69
CA GLY B 236 5.40 50.24 21.47
C GLY B 236 6.66 49.44 21.71
N HIS B 237 7.54 49.43 20.70
CA HIS B 237 8.80 48.73 20.82
C HIS B 237 9.96 49.56 20.28
N LYS B 238 11.17 49.22 20.76
CA LYS B 238 12.43 49.73 20.24
C LYS B 238 13.10 48.62 19.45
N PHE B 239 13.50 48.94 18.20
CA PHE B 239 14.12 48.02 17.26
C PHE B 239 15.60 48.36 17.13
N THR B 240 16.43 47.34 16.95
CA THR B 240 17.87 47.53 16.95
C THR B 240 18.50 46.55 15.99
N ALA B 241 19.74 46.87 15.59
CA ALA B 241 20.51 46.07 14.66
C ALA B 241 21.75 45.40 15.24
N ASP B 242 22.11 45.67 16.50
CA ASP B 242 23.25 45.01 17.14
C ASP B 242 22.85 44.67 18.57
N LEU B 243 23.46 43.61 19.10
CA LEU B 243 23.00 43.08 20.39
C LEU B 243 23.25 44.06 21.53
N GLN B 244 24.30 44.88 21.45
CA GLN B 244 24.59 45.79 22.54
C GLN B 244 23.49 46.83 22.68
N ALA B 245 23.01 47.37 21.55
CA ALA B 245 21.87 48.29 21.57
C ALA B 245 20.63 47.60 22.11
N HIS B 246 20.42 46.35 21.71
CA HIS B 246 19.32 45.56 22.24
C HIS B 246 19.43 45.44 23.74
N ASN B 247 20.59 45.11 24.29
CA ASN B 247 20.72 45.00 25.75
C ASN B 247 20.56 46.36 26.46
N GLN B 248 21.07 47.42 25.89
CA GLN B 248 20.74 48.70 26.50
C GLN B 248 19.23 48.95 26.52
N ALA B 249 18.55 48.71 25.40
CA ALA B 249 17.09 48.87 25.34
C ALA B 249 16.36 47.94 26.34
N VAL B 250 16.84 46.72 26.51
CA VAL B 250 16.22 45.77 27.43
C VAL B 250 16.35 46.30 28.85
N GLN B 251 17.53 46.91 29.13
CA GLN B 251 17.76 47.48 30.45
C GLN B 251 16.78 48.63 30.66
N GLU B 252 16.59 49.48 29.65
CA GLU B 252 15.63 50.57 29.76
C GLU B 252 14.22 50.04 30.03
N TYR B 253 13.84 48.97 29.33
CA TYR B 253 12.51 48.40 29.55
C TYR B 253 12.39 47.78 30.95
N LEU B 254 13.44 47.12 31.43
CA LEU B 254 13.42 46.61 32.80
C LEU B 254 13.18 47.74 33.81
N SER B 255 13.91 48.84 33.67
CA SER B 255 13.74 49.95 34.60
C SER B 255 12.34 50.55 34.50
N VAL B 256 11.84 50.73 33.26
CA VAL B 256 10.54 51.37 33.11
C VAL B 256 9.45 50.53 33.76
N LEU B 257 9.41 49.24 33.46
CA LEU B 257 8.37 48.41 34.04
C LEU B 257 8.58 48.16 35.54
N ARG B 258 9.82 48.12 36.02
CA ARG B 258 10.06 47.92 37.43
C ARG B 258 9.47 49.09 38.20
N SER B 259 9.70 50.31 37.71
CA SER B 259 9.07 51.46 38.36
C SER B 259 7.52 51.34 38.32
N LYS B 260 6.97 50.89 37.20
CA LYS B 260 5.52 50.69 37.18
C LYS B 260 5.04 49.57 38.07
N LYS B 261 5.95 48.74 38.61
CA LYS B 261 5.52 47.72 39.57
C LYS B 261 4.96 48.33 40.85
N LEU B 262 5.51 49.46 41.29
CA LEU B 262 5.09 50.10 42.53
C LEU B 262 4.12 51.26 42.26
N VAL C 21 10.38 -6.98 4.77
CA VAL C 21 11.52 -7.88 4.69
C VAL C 21 11.66 -8.63 6.02
N LEU C 22 12.29 -9.80 6.00
CA LEU C 22 12.46 -10.63 7.18
C LEU C 22 13.65 -10.24 8.04
N GLU C 23 14.53 -9.37 7.53
CA GLU C 23 15.62 -8.80 8.30
C GLU C 23 15.29 -7.41 8.85
N MET C 24 14.43 -6.66 8.17
CA MET C 24 13.76 -5.55 8.83
C MET C 24 13.01 -6.01 10.07
N LEU C 25 12.63 -7.30 10.12
CA LEU C 25 12.02 -7.87 11.31
C LEU C 25 12.99 -7.89 12.49
N SER C 26 14.28 -8.15 12.23
CA SER C 26 15.31 -8.06 13.26
C SER C 26 16.01 -6.71 13.15
N ASP C 27 15.27 -5.70 13.61
CA ASP C 27 15.59 -4.29 13.37
C ASP C 27 17.06 -3.95 13.12
N ALA C 31 24.63 -3.98 2.90
CA ALA C 31 25.48 -3.02 3.63
C ALA C 31 26.22 -3.69 4.79
N GLN C 32 26.99 -2.90 5.55
CA GLN C 32 27.69 -3.41 6.72
C GLN C 32 27.80 -2.31 7.76
N MET C 33 27.33 -2.59 8.98
CA MET C 33 27.17 -1.54 9.98
C MET C 33 27.46 -2.07 11.38
N ASN C 34 27.35 -1.16 12.36
CA ASN C 34 27.48 -1.48 13.77
C ASN C 34 26.18 -2.09 14.30
N ARG C 35 26.32 -3.04 15.22
CA ARG C 35 25.18 -3.78 15.76
C ARG C 35 24.98 -3.44 17.23
N VAL C 36 23.96 -2.63 17.50
CA VAL C 36 23.64 -2.19 18.85
C VAL C 36 22.64 -3.18 19.46
N LEU C 37 22.91 -3.63 20.68
CA LEU C 37 21.99 -4.53 21.35
C LEU C 37 21.53 -3.93 22.68
N VAL C 38 20.22 -3.96 22.89
CA VAL C 38 19.57 -3.56 24.13
C VAL C 38 18.85 -4.80 24.65
N ILE C 39 19.26 -5.29 25.81
CA ILE C 39 18.75 -6.56 26.31
C ILE C 39 17.56 -6.30 27.21
N GLU C 40 16.57 -7.19 27.15
CA GLU C 40 15.37 -7.02 27.96
C GLU C 40 15.73 -7.02 29.44
N GLY C 41 15.11 -6.12 30.19
CA GLY C 41 15.35 -6.04 31.61
C GLY C 41 16.50 -5.14 32.00
N THR C 42 17.24 -4.63 31.02
CA THR C 42 18.38 -3.77 31.28
C THR C 42 17.93 -2.35 31.62
N THR C 43 18.77 -1.64 32.37
CA THR C 43 18.56 -0.26 32.74
C THR C 43 19.09 0.67 31.63
N PHE C 44 18.45 1.86 31.58
CA PHE C 44 18.95 2.90 30.71
C PHE C 44 20.44 3.01 30.87
N LYS C 45 20.97 3.26 32.11
CA LYS C 45 22.40 3.55 32.37
C LYS C 45 23.32 2.49 31.78
N GLN C 46 22.94 1.21 31.85
CA GLN C 46 23.76 0.19 31.20
C GLN C 46 23.89 0.47 29.72
N LEU C 47 22.78 0.83 29.08
CA LEU C 47 22.85 1.22 27.67
C LEU C 47 23.78 2.43 27.46
N ILE C 48 23.74 3.39 28.37
CA ILE C 48 24.61 4.55 28.26
C ILE C 48 26.07 4.10 28.28
N THR C 49 26.41 3.19 29.21
CA THR C 49 27.79 2.74 29.30
C THR C 49 28.16 1.93 28.08
N ALA C 50 27.22 1.17 27.52
CA ALA C 50 27.57 0.31 26.40
C ALA C 50 27.85 1.12 25.16
N LEU C 51 27.16 2.26 25.02
CA LEU C 51 27.46 3.17 23.91
C LEU C 51 28.73 3.96 24.18
N LYS C 52 28.96 4.36 25.44
CA LYS C 52 30.23 4.96 25.82
C LYS C 52 31.39 4.02 25.58
N ASN C 53 31.15 2.70 25.56
CA ASN C 53 32.18 1.72 25.31
C ASN C 53 32.16 1.20 23.88
N ASP C 54 31.50 1.91 22.95
CA ASP C 54 31.51 1.53 21.55
C ASP C 54 32.18 2.64 20.75
N LYS C 55 33.18 2.28 19.94
CA LYS C 55 33.84 3.24 19.07
C LYS C 55 32.89 3.76 18.00
N ASN C 56 32.02 2.89 17.49
CA ASN C 56 31.24 3.22 16.31
C ASN C 56 30.22 4.32 16.56
N VAL C 57 29.87 4.59 17.81
CA VAL C 57 28.93 5.66 18.15
C VAL C 57 29.73 6.83 18.68
N LYS C 58 29.47 8.02 18.15
CA LYS C 58 30.20 9.20 18.58
C LYS C 58 29.64 9.72 19.89
N ASN C 59 30.54 10.18 20.77
CA ASN C 59 30.13 10.61 22.10
C ASN C 59 29.86 12.10 22.00
N THR C 60 28.57 12.43 21.80
CA THR C 60 28.08 13.80 21.75
C THR C 60 27.40 14.19 23.04
N ILE C 61 26.63 13.25 23.58
CA ILE C 61 25.75 13.50 24.69
C ILE C 61 25.77 12.34 25.70
N LEU C 62 26.79 11.51 25.73
CA LEU C 62 26.60 10.37 26.63
C LEU C 62 26.77 10.77 28.10
N ASP C 63 27.52 11.82 28.39
CA ASP C 63 27.77 12.26 29.76
C ASP C 63 26.84 13.39 30.18
N LEU C 64 25.65 13.47 29.59
CA LEU C 64 24.71 14.50 29.98
C LEU C 64 24.14 14.19 31.38
N PRO C 65 23.87 15.21 32.18
CA PRO C 65 22.91 14.99 33.29
C PRO C 65 21.57 14.63 32.69
N ASP C 66 20.74 13.91 33.45
CA ASP C 66 19.54 13.33 32.86
C ASP C 66 18.57 14.42 32.41
N ASP C 67 18.45 15.52 33.17
CA ASP C 67 17.58 16.61 32.74
C ASP C 67 18.10 17.24 31.45
N GLN C 68 19.39 17.55 31.41
CA GLN C 68 19.96 18.12 30.21
C GLN C 68 19.88 17.14 29.04
N LEU C 69 19.99 15.84 29.30
CA LEU C 69 19.91 14.90 28.18
C LEU C 69 18.49 14.74 27.65
N MET C 70 17.49 14.70 28.54
CA MET C 70 16.11 14.65 28.10
C MET C 70 15.76 15.89 27.28
N LYS C 71 16.29 17.05 27.68
CA LYS C 71 16.11 18.25 26.86
C LYS C 71 16.86 18.13 25.53
N ALA C 72 18.05 17.52 25.56
CA ALA C 72 18.83 17.42 24.33
C ALA C 72 18.14 16.55 23.29
N LEU C 73 17.55 15.43 23.74
CA LEU C 73 16.90 14.51 22.82
C LEU C 73 15.47 14.89 22.47
N GLY C 74 14.88 15.85 23.19
CA GLY C 74 13.52 16.24 22.91
C GLY C 74 12.45 15.40 23.55
N ILE C 75 12.79 14.63 24.59
CA ILE C 75 11.86 13.72 25.23
C ILE C 75 11.14 14.48 26.36
N PRO C 76 9.81 14.61 26.30
CA PRO C 76 9.12 15.45 27.29
C PRO C 76 9.08 14.89 28.69
N TYR C 77 9.73 13.75 28.94
CA TYR C 77 9.78 13.17 30.28
C TYR C 77 11.03 13.61 31.01
N HIS C 78 10.91 13.78 32.32
CA HIS C 78 12.02 14.33 33.09
C HIS C 78 13.16 13.32 33.26
N HIS C 79 12.82 12.03 33.49
CA HIS C 79 13.80 10.97 33.73
C HIS C 79 13.79 9.96 32.58
N PRO C 80 14.94 9.45 32.14
CA PRO C 80 15.01 8.65 30.91
C PRO C 80 14.75 7.15 31.05
N GLU C 81 14.50 6.61 32.23
CA GLU C 81 14.46 5.17 32.37
C GLU C 81 13.23 4.58 31.68
N GLY C 82 13.45 3.46 30.99
CA GLY C 82 12.38 2.69 30.40
C GLY C 82 11.92 3.18 29.05
N LEU C 83 12.51 4.25 28.53
CA LEU C 83 12.00 4.92 27.36
C LEU C 83 12.71 4.48 26.08
N PHE C 84 13.51 3.43 26.14
CA PHE C 84 14.29 2.97 24.99
C PHE C 84 14.14 1.47 24.86
N ALA C 85 13.67 1.03 23.67
CA ALA C 85 13.09 -0.30 23.48
C ALA C 85 14.18 -1.35 23.28
N PRO C 86 14.14 -2.46 24.02
CA PRO C 86 15.14 -3.52 23.82
C PRO C 86 14.91 -4.23 22.49
N ASN C 87 16.01 -4.40 21.74
CA ASN C 87 15.99 -5.08 20.46
C ASN C 87 17.42 -5.06 19.91
N THR C 88 17.66 -5.88 18.88
CA THR C 88 18.96 -5.95 18.20
C THR C 88 18.87 -5.09 16.94
N TYR C 89 19.46 -3.90 16.99
CA TYR C 89 19.38 -2.93 15.92
C TYR C 89 20.71 -2.79 15.20
N PHE C 90 20.65 -2.21 13.99
CA PHE C 90 21.82 -1.93 13.16
C PHE C 90 21.88 -0.43 12.90
N PHE C 91 23.03 0.17 13.17
CA PHE C 91 23.25 1.60 13.00
C PHE C 91 24.56 1.84 12.28
N ALA C 92 24.57 2.83 11.38
CA ALA C 92 25.75 3.12 10.60
C ALA C 92 26.96 3.32 11.51
N LYS C 93 28.07 2.67 11.16
CA LYS C 93 29.32 2.88 11.89
C LYS C 93 29.68 4.36 11.87
N GLY C 94 29.79 4.95 13.05
CA GLY C 94 30.02 6.38 13.19
C GLY C 94 28.80 7.18 13.60
N GLU C 95 27.64 6.55 13.73
CA GLU C 95 26.41 7.28 14.02
C GLU C 95 26.57 8.09 15.30
N THR C 96 25.91 9.26 15.32
CA THR C 96 25.85 10.03 16.55
C THR C 96 25.01 9.28 17.58
N ASP C 97 25.38 9.47 18.84
CA ASP C 97 24.62 8.85 19.91
C ASP C 97 23.17 9.32 19.91
N LYS C 98 22.95 10.61 19.64
CA LYS C 98 21.60 11.15 19.73
C LYS C 98 20.68 10.51 18.70
N LYS C 99 21.14 10.36 17.46
CA LYS C 99 20.43 9.57 16.46
C LYS C 99 19.88 8.27 17.04
N ILE C 100 20.80 7.44 17.58
CA ILE C 100 20.42 6.12 18.06
C ILE C 100 19.43 6.23 19.23
N LEU C 101 19.73 7.09 20.19
CA LEU C 101 18.86 7.20 21.35
C LEU C 101 17.47 7.67 20.95
N THR C 102 17.38 8.64 20.04
CA THR C 102 16.09 9.12 19.55
C THR C 102 15.33 8.01 18.84
N ASP C 103 16.02 7.21 18.04
CA ASP C 103 15.31 6.15 17.32
C ASP C 103 14.79 5.09 18.29
N LEU C 104 15.57 4.74 19.30
CA LEU C 104 15.11 3.76 20.29
C LEU C 104 13.93 4.31 21.09
N TYR C 105 13.99 5.60 21.43
CA TYR C 105 12.85 6.27 22.06
C TYR C 105 11.61 6.21 21.19
N HIS C 106 11.75 6.53 19.90
CA HIS C 106 10.60 6.52 19.01
C HIS C 106 10.02 5.11 18.87
N ARG C 107 10.89 4.11 18.78
CA ARG C 107 10.40 2.73 18.66
C ARG C 107 9.66 2.30 19.94
N GLN C 108 10.21 2.65 21.11
CA GLN C 108 9.56 2.28 22.36
C GLN C 108 8.21 2.96 22.49
N MET C 109 8.13 4.25 22.13
CA MET C 109 6.85 4.93 22.25
C MET C 109 5.86 4.45 21.18
N LYS C 110 6.35 4.05 20.01
CA LYS C 110 5.46 3.38 19.05
C LYS C 110 4.83 2.14 19.68
N ALA C 111 5.65 1.26 20.25
CA ALA C 111 5.12 0.06 20.91
C ALA C 111 4.16 0.42 22.06
N LEU C 112 4.54 1.39 22.89
CA LEU C 112 3.70 1.73 24.04
C LEU C 112 2.38 2.34 23.59
N ASP C 113 2.40 3.24 22.61
CA ASP C 113 1.15 3.83 22.12
C ASP C 113 0.27 2.76 21.48
N ALA C 114 0.87 1.86 20.69
CA ALA C 114 0.11 0.76 20.12
C ALA C 114 -0.58 -0.05 21.22
N ALA C 115 0.19 -0.44 22.24
CA ALA C 115 -0.35 -1.28 23.30
C ALA C 115 -1.44 -0.55 24.09
N TRP C 116 -1.25 0.76 24.29
CA TRP C 116 -2.24 1.57 25.02
C TRP C 116 -3.53 1.67 24.23
N ALA C 117 -3.42 1.74 22.90
CA ALA C 117 -4.61 1.89 22.08
C ALA C 117 -5.53 0.69 22.22
N LYS C 118 -4.96 -0.51 22.33
CA LYS C 118 -5.74 -1.75 22.39
C LYS C 118 -5.84 -2.32 23.80
N ARG C 119 -5.63 -1.49 24.82
CA ARG C 119 -5.53 -2.01 26.18
C ARG C 119 -6.89 -2.51 26.67
N ALA C 120 -6.83 -3.31 27.74
CA ALA C 120 -8.02 -3.85 28.38
C ALA C 120 -8.70 -2.78 29.22
N PRO C 121 -9.99 -2.94 29.49
CA PRO C 121 -10.71 -1.92 30.26
C PRO C 121 -10.43 -2.03 31.75
N ASN C 122 -10.77 -0.95 32.46
CA ASN C 122 -10.71 -0.95 33.91
C ASN C 122 -9.30 -1.16 34.44
N LEU C 123 -8.30 -0.63 33.72
CA LEU C 123 -6.94 -0.73 34.23
C LEU C 123 -6.63 0.45 35.15
N PRO C 124 -5.81 0.26 36.17
CA PRO C 124 -5.60 1.36 37.13
C PRO C 124 -4.51 2.34 36.75
N TYR C 125 -4.21 2.51 35.47
CA TYR C 125 -3.15 3.41 35.05
C TYR C 125 -3.73 4.77 34.74
N LYS C 126 -3.09 5.82 35.29
CA LYS C 126 -3.53 7.18 34.99
C LYS C 126 -3.21 7.51 33.54
N ASP C 127 -2.08 7.04 33.04
CA ASP C 127 -1.64 7.30 31.68
C ASP C 127 -0.67 6.18 31.28
N LYS C 128 -0.19 6.27 30.04
CA LYS C 128 0.70 5.24 29.51
C LYS C 128 2.04 5.20 30.25
N TYR C 129 2.45 6.31 30.87
CA TYR C 129 3.72 6.28 31.60
C TYR C 129 3.66 5.27 32.75
N GLU C 130 2.54 5.27 33.49
CA GLU C 130 2.35 4.28 34.56
C GLU C 130 2.34 2.86 34.00
N ALA C 131 1.76 2.68 32.82
CA ALA C 131 1.82 1.36 32.20
C ALA C 131 3.26 0.96 31.91
N LEU C 132 4.08 1.91 31.48
CA LEU C 132 5.48 1.59 31.21
C LEU C 132 6.20 1.24 32.50
N ILE C 133 5.91 1.99 33.57
CA ILE C 133 6.47 1.69 34.87
C ILE C 133 6.15 0.26 35.26
N MET C 134 4.88 -0.10 35.20
CA MET C 134 4.55 -1.46 35.61
C MET C 134 5.16 -2.46 34.65
N ALA C 135 5.26 -2.14 33.35
CA ALA C 135 5.86 -3.08 32.42
C ALA C 135 7.30 -3.38 32.80
N SER C 136 8.04 -2.35 33.21
CA SER C 136 9.40 -2.60 33.68
C SER C 136 9.39 -3.49 34.92
N ILE C 137 8.48 -3.22 35.87
CA ILE C 137 8.40 -4.06 37.07
C ILE C 137 8.14 -5.52 36.69
N VAL C 138 7.12 -5.73 35.87
CA VAL C 138 6.77 -7.08 35.46
C VAL C 138 7.96 -7.74 34.78
N GLU C 139 8.63 -7.01 33.89
CA GLU C 139 9.77 -7.55 33.17
C GLU C 139 10.82 -8.05 34.15
N LYS C 140 11.11 -7.26 35.18
CA LYS C 140 12.15 -7.64 36.13
C LYS C 140 11.69 -8.71 37.11
N GLU C 141 10.40 -8.99 37.18
CA GLU C 141 9.87 -9.99 38.10
C GLU C 141 9.60 -11.35 37.48
N THR C 142 9.85 -11.56 36.19
CA THR C 142 9.43 -12.81 35.58
C THR C 142 10.40 -13.30 34.53
N SER C 143 10.47 -14.63 34.39
CA SER C 143 11.40 -15.26 33.48
C SER C 143 10.75 -16.01 32.33
N LEU C 144 9.54 -16.54 32.54
CA LEU C 144 8.79 -17.26 31.54
C LEU C 144 7.71 -16.37 30.95
N ASP C 145 7.64 -16.30 29.62
CA ASP C 145 6.59 -15.49 29.01
C ASP C 145 5.21 -15.93 29.45
N SER C 146 5.02 -17.25 29.63
CA SER C 146 3.72 -17.76 30.05
C SER C 146 3.20 -17.07 31.29
N GLU C 147 4.09 -16.58 32.16
CA GLU C 147 3.68 -16.01 33.43
C GLU C 147 3.55 -14.49 33.40
N LEU C 148 3.92 -13.84 32.29
CA LEU C 148 3.88 -12.39 32.23
C LEU C 148 2.50 -11.86 32.62
N THR C 149 1.46 -12.31 31.91
CA THR C 149 0.11 -11.89 32.22
C THR C 149 -0.23 -12.12 33.68
N GLN C 150 0.20 -13.27 34.22
CA GLN C 150 -0.08 -13.56 35.63
C GLN C 150 0.62 -12.58 36.55
N VAL C 151 1.90 -12.33 36.31
CA VAL C 151 2.59 -11.41 37.19
C VAL C 151 1.90 -10.05 37.18
N SER C 152 1.66 -9.54 35.97
CA SER C 152 0.99 -8.25 35.84
C SER C 152 -0.31 -8.27 36.60
N GLY C 153 -1.09 -9.35 36.45
CA GLY C 153 -2.34 -9.44 37.19
C GLY C 153 -2.13 -9.21 38.67
N VAL C 154 -1.21 -9.99 39.27
CA VAL C 154 -0.94 -9.86 40.70
C VAL C 154 -0.68 -8.40 41.04
N PHE C 155 0.15 -7.72 40.22
CA PHE C 155 0.46 -6.33 40.57
C PHE C 155 -0.74 -5.45 40.30
N VAL C 156 -1.41 -5.65 39.16
CA VAL C 156 -2.55 -4.80 38.82
C VAL C 156 -3.59 -4.88 39.90
N ARG C 157 -4.00 -6.10 40.26
CA ARG C 157 -4.99 -6.27 41.31
C ARG C 157 -4.53 -5.57 42.59
N ARG C 158 -3.25 -5.73 42.96
CA ARG C 158 -2.74 -5.06 44.14
C ARG C 158 -3.00 -3.56 44.07
N LEU C 159 -2.68 -2.95 42.92
CA LEU C 159 -2.93 -1.52 42.80
C LEU C 159 -4.41 -1.20 43.00
N LYS C 160 -5.30 -2.02 42.42
CA LYS C 160 -6.71 -1.73 42.61
C LYS C 160 -7.13 -1.97 44.05
N LEU C 161 -6.47 -2.90 44.74
CA LEU C 161 -6.90 -3.22 46.09
C LEU C 161 -6.18 -2.38 47.14
N GLY C 162 -5.32 -1.46 46.74
CA GLY C 162 -4.59 -0.66 47.69
C GLY C 162 -3.35 -1.30 48.27
N MET C 163 -2.97 -2.49 47.83
CA MET C 163 -1.81 -3.14 48.43
C MET C 163 -0.55 -2.54 47.83
N ARG C 164 0.52 -2.51 48.64
CA ARG C 164 1.83 -2.10 48.16
C ARG C 164 2.42 -3.25 47.34
N LEU C 165 3.17 -2.90 46.31
CA LEU C 165 3.63 -3.93 45.38
C LEU C 165 4.70 -4.86 45.95
N GLN C 166 5.58 -4.35 46.82
CA GLN C 166 6.53 -5.13 47.58
C GLN C 166 7.34 -6.02 46.66
N THR C 167 7.97 -5.42 45.65
CA THR C 167 8.76 -6.16 44.66
C THR C 167 10.22 -5.75 44.80
N ASP C 168 11.10 -6.73 44.86
CA ASP C 168 12.48 -6.46 45.25
C ASP C 168 13.26 -5.64 44.22
N PRO C 169 13.07 -5.85 42.92
CA PRO C 169 13.81 -5.05 41.93
C PRO C 169 13.62 -3.56 42.10
N THR C 170 12.46 -3.13 42.58
CA THR C 170 12.25 -1.71 42.86
C THR C 170 13.15 -1.27 44.00
N VAL C 171 13.32 -2.12 45.02
CA VAL C 171 14.18 -1.76 46.15
C VAL C 171 15.62 -1.62 45.70
N ILE C 172 16.11 -2.57 44.90
CA ILE C 172 17.45 -2.46 44.34
C ILE C 172 17.60 -1.16 43.56
N TYR C 173 16.63 -0.85 42.70
CA TYR C 173 16.73 0.38 41.92
C TYR C 173 16.80 1.59 42.83
N GLY C 174 15.98 1.60 43.89
CA GLY C 174 16.00 2.71 44.83
C GLY C 174 17.31 2.84 45.56
N MET C 175 18.01 1.72 45.79
CA MET C 175 19.31 1.80 46.45
C MET C 175 20.36 2.34 45.49
N GLY C 176 20.23 2.04 44.21
CA GLY C 176 21.08 2.70 43.22
C GLY C 176 22.56 2.40 43.42
N ALA C 177 23.35 3.44 43.66
CA ALA C 177 24.79 3.28 43.80
C ALA C 177 25.16 2.43 45.02
N ASN C 178 24.29 2.40 46.02
CA ASN C 178 24.52 1.67 47.26
C ASN C 178 24.26 0.17 47.13
N TYR C 179 24.15 -0.36 45.92
CA TYR C 179 23.79 -1.75 45.69
C TYR C 179 25.02 -2.47 45.19
N LYS C 180 25.44 -3.50 45.94
CA LYS C 180 26.68 -4.21 45.69
C LYS C 180 26.44 -5.63 45.21
N GLY C 181 25.24 -5.89 44.65
CA GLY C 181 24.83 -7.18 44.15
C GLY C 181 24.07 -8.05 45.13
N ASN C 182 23.75 -7.53 46.32
CA ASN C 182 23.10 -8.26 47.39
C ASN C 182 22.30 -7.26 48.22
N ILE C 183 21.17 -7.71 48.76
CA ILE C 183 20.34 -6.86 49.60
C ILE C 183 20.17 -7.48 50.98
N THR C 184 19.99 -6.60 51.96
CA THR C 184 19.81 -6.94 53.37
C THR C 184 18.41 -6.60 53.84
N ARG C 185 18.08 -7.10 55.04
CA ARG C 185 16.78 -6.76 55.63
C ARG C 185 16.67 -5.26 55.88
N GLU C 186 17.79 -4.61 56.22
CA GLU C 186 17.77 -3.16 56.40
C GLU C 186 17.48 -2.48 55.08
N ASP C 187 17.95 -3.06 53.97
CA ASP C 187 17.63 -2.54 52.66
C ASP C 187 16.12 -2.56 52.41
N LEU C 188 15.45 -3.66 52.78
CA LEU C 188 14.01 -3.75 52.54
C LEU C 188 13.23 -2.78 53.39
N ARG C 189 13.75 -2.41 54.57
CA ARG C 189 13.05 -1.50 55.47
C ARG C 189 13.44 -0.04 55.24
N THR C 190 14.43 0.22 54.38
CA THR C 190 14.95 1.57 54.21
C THR C 190 14.10 2.34 53.19
N PRO C 191 13.46 3.45 53.58
CA PRO C 191 12.62 4.21 52.64
C PRO C 191 13.36 4.93 51.52
N THR C 192 13.27 4.42 50.29
CA THR C 192 13.59 5.15 49.06
C THR C 192 12.32 5.52 48.29
N PRO C 193 12.42 6.47 47.35
CA PRO C 193 11.24 6.76 46.51
C PRO C 193 10.74 5.56 45.70
N TYR C 194 11.62 4.61 45.39
CA TYR C 194 11.26 3.44 44.61
C TYR C 194 10.95 2.21 45.44
N ASN C 195 11.01 2.30 46.77
CA ASN C 195 10.85 1.09 47.59
C ASN C 195 9.36 0.76 47.69
N THR C 196 8.92 -0.29 46.99
CA THR C 196 7.51 -0.64 47.04
C THR C 196 7.12 -1.39 48.31
N TYR C 197 8.06 -1.61 49.23
CA TYR C 197 7.66 -2.05 50.56
C TYR C 197 7.26 -0.87 51.43
N THR C 198 7.76 0.33 51.10
CA THR C 198 7.51 1.53 51.90
C THR C 198 6.59 2.54 51.24
N ILE C 199 6.54 2.59 49.91
CA ILE C 199 5.68 3.56 49.24
C ILE C 199 4.38 2.86 48.87
N ASN C 200 3.32 3.65 48.69
CA ASN C 200 2.05 3.11 48.20
C ASN C 200 1.99 3.34 46.69
N GLY C 201 1.66 2.29 45.96
CA GLY C 201 1.51 2.44 44.52
C GLY C 201 2.79 2.20 43.72
N LEU C 202 2.79 2.75 42.52
CA LEU C 202 3.91 2.56 41.60
C LEU C 202 5.05 3.50 41.96
N PRO C 203 6.29 3.12 41.63
CA PRO C 203 7.42 4.02 41.87
C PRO C 203 7.41 5.18 40.88
N PRO C 204 8.24 6.19 41.11
CA PRO C 204 8.15 7.39 40.28
C PRO C 204 8.45 7.18 38.81
N THR C 205 9.38 6.26 38.47
CA THR C 205 9.74 6.03 37.07
C THR C 205 9.82 4.54 36.80
N PRO C 206 10.03 4.10 35.55
CA PRO C 206 10.37 2.70 35.32
C PRO C 206 11.70 2.38 35.98
N ILE C 207 11.97 1.09 36.16
CA ILE C 207 13.20 0.64 36.80
C ILE C 207 14.08 -0.16 35.88
N ALA C 208 13.69 -0.31 34.63
CA ALA C 208 14.42 -1.09 33.63
C ALA C 208 13.76 -0.80 32.29
N LEU C 209 14.33 -1.38 31.22
CA LEU C 209 13.80 -1.21 29.88
C LEU C 209 12.89 -2.39 29.58
N PRO C 210 11.58 -2.20 29.48
CA PRO C 210 10.68 -3.33 29.23
C PRO C 210 10.56 -3.69 27.76
N SER C 211 10.29 -4.97 27.53
CA SER C 211 10.08 -5.46 26.18
C SER C 211 8.65 -5.19 25.77
N GLN C 212 8.39 -5.35 24.47
CA GLN C 212 7.03 -5.15 23.97
C GLN C 212 6.11 -6.17 24.61
N LYS C 213 6.60 -7.40 24.81
CA LYS C 213 5.80 -8.42 25.46
C LYS C 213 5.43 -8.01 26.90
N ALA C 214 6.36 -7.37 27.61
CA ALA C 214 6.07 -6.95 28.97
C ALA C 214 5.07 -5.81 28.99
N ILE C 215 5.17 -4.90 28.02
CA ILE C 215 4.19 -3.81 27.90
C ILE C 215 2.81 -4.39 27.63
N GLU C 216 2.72 -5.32 26.68
CA GLU C 216 1.44 -5.93 26.39
C GLU C 216 0.88 -6.63 27.62
N ALA C 217 1.72 -7.35 28.35
CA ALA C 217 1.26 -8.02 29.57
C ALA C 217 0.74 -7.01 30.59
N ALA C 218 1.48 -5.92 30.79
CA ALA C 218 1.05 -4.86 31.69
C ALA C 218 -0.33 -4.35 31.33
N LEU C 219 -0.67 -4.34 30.04
CA LEU C 219 -1.96 -3.81 29.62
C LEU C 219 -3.02 -4.89 29.44
N HIS C 220 -2.71 -6.15 29.73
CA HIS C 220 -3.66 -7.24 29.59
C HIS C 220 -3.49 -8.23 30.72
N PRO C 221 -3.89 -7.85 31.93
CA PRO C 221 -3.77 -8.76 33.08
C PRO C 221 -4.70 -9.96 32.96
N ASP C 222 -4.34 -11.02 33.67
CA ASP C 222 -5.09 -12.27 33.61
C ASP C 222 -6.32 -12.20 34.50
N ASP C 223 -7.24 -13.13 34.25
CA ASP C 223 -8.51 -13.20 34.98
C ASP C 223 -8.31 -14.16 36.14
N SER C 224 -8.02 -13.61 37.31
CA SER C 224 -7.70 -14.42 38.47
C SER C 224 -7.90 -13.62 39.75
N ASN C 225 -7.85 -14.33 40.86
CA ASN C 225 -7.91 -13.74 42.19
C ASN C 225 -6.54 -13.66 42.86
N ASN C 226 -5.50 -14.16 42.21
CA ASN C 226 -4.20 -14.23 42.86
C ASN C 226 -3.60 -12.84 43.03
N ILE C 227 -3.13 -12.54 44.23
CA ILE C 227 -2.48 -11.26 44.53
C ILE C 227 -1.16 -11.50 45.21
N TYR C 228 -0.73 -12.76 45.25
CA TYR C 228 0.56 -13.14 45.82
C TYR C 228 1.24 -14.09 44.85
N PHE C 229 2.57 -14.08 44.84
CA PHE C 229 3.30 -15.12 44.14
C PHE C 229 4.72 -15.22 44.65
N VAL C 230 5.31 -16.40 44.50
CA VAL C 230 6.69 -16.64 44.91
C VAL C 230 7.33 -17.66 43.98
N ALA C 231 8.61 -17.49 43.71
CA ALA C 231 9.31 -18.38 42.79
C ALA C 231 9.31 -19.83 43.27
N THR C 232 9.27 -20.74 42.29
CA THR C 232 9.44 -22.17 42.52
C THR C 232 10.91 -22.55 42.56
N GLY C 233 11.77 -21.78 41.89
CA GLY C 233 13.17 -22.09 41.76
C GLY C 233 13.61 -22.61 40.41
N ASN C 234 12.69 -23.00 39.54
CA ASN C 234 13.05 -23.43 38.19
C ASN C 234 12.66 -22.41 37.14
N GLY C 235 12.51 -21.14 37.53
CA GLY C 235 12.13 -20.08 36.63
C GLY C 235 10.68 -19.65 36.74
N GLY C 236 9.83 -20.47 37.34
CA GLY C 236 8.43 -20.13 37.48
C GLY C 236 8.07 -19.73 38.90
N HIS C 237 6.78 -19.49 39.12
CA HIS C 237 6.30 -19.08 40.42
C HIS C 237 5.00 -19.81 40.75
N LYS C 238 4.67 -19.81 42.03
CA LYS C 238 3.37 -20.26 42.52
C LYS C 238 2.57 -19.01 42.88
N PHE C 239 1.38 -18.91 42.29
CA PHE C 239 0.50 -17.75 42.42
C PHE C 239 -0.66 -18.12 43.34
N THR C 240 -1.11 -17.16 44.14
CA THR C 240 -2.10 -17.43 45.16
C THR C 240 -2.95 -16.19 45.39
N ALA C 241 -4.12 -16.42 46.01
CA ALA C 241 -5.06 -15.36 46.33
C ALA C 241 -5.24 -15.07 47.81
N ASP C 242 -4.63 -15.85 48.71
CA ASP C 242 -4.80 -15.59 50.15
C ASP C 242 -3.46 -15.72 50.85
N LEU C 243 -3.32 -14.99 51.96
CA LEU C 243 -2.02 -14.83 52.62
C LEU C 243 -1.57 -16.13 53.29
N GLN C 244 -2.50 -16.95 53.76
CA GLN C 244 -2.10 -18.20 54.37
C GLN C 244 -1.50 -19.14 53.33
N ALA C 245 -2.14 -19.24 52.16
CA ALA C 245 -1.60 -20.03 51.07
C ALA C 245 -0.30 -19.45 50.55
N HIS C 246 -0.21 -18.12 50.46
CA HIS C 246 1.06 -17.54 50.02
C HIS C 246 2.20 -17.97 50.94
N ASN C 247 1.94 -17.85 52.25
CA ASN C 247 2.95 -18.12 53.27
C ASN C 247 3.32 -19.59 53.30
N GLN C 248 2.34 -20.48 53.08
CA GLN C 248 2.66 -21.90 52.90
C GLN C 248 3.68 -22.04 51.77
N ALA C 249 3.42 -21.41 50.63
CA ALA C 249 4.26 -21.61 49.46
C ALA C 249 5.63 -21.04 49.66
N VAL C 250 5.70 -19.85 50.27
CA VAL C 250 6.99 -19.20 50.51
C VAL C 250 7.85 -19.98 51.50
N GLN C 251 7.31 -20.43 52.62
CA GLN C 251 8.13 -21.23 53.51
C GLN C 251 8.63 -22.48 52.81
N GLU C 252 7.77 -23.06 51.97
CA GLU C 252 8.20 -24.20 51.17
C GLU C 252 9.38 -23.84 50.27
N TYR C 253 9.30 -22.71 49.57
CA TYR C 253 10.40 -22.35 48.67
C TYR C 253 11.66 -22.00 49.46
N LEU C 254 11.51 -21.35 50.61
CA LEU C 254 12.68 -21.03 51.42
C LEU C 254 13.38 -22.32 51.80
N SER C 255 12.61 -23.34 52.19
CA SER C 255 13.19 -24.62 52.53
C SER C 255 13.92 -25.24 51.34
N VAL C 256 13.31 -25.21 50.16
CA VAL C 256 13.93 -25.86 49.01
C VAL C 256 15.21 -25.12 48.61
N LEU C 257 15.15 -23.79 48.55
CA LEU C 257 16.27 -23.00 48.04
C LEU C 257 17.46 -22.97 49.01
N ARG C 258 17.19 -23.03 50.31
CA ARG C 258 18.29 -23.07 51.29
C ARG C 258 19.21 -24.26 51.06
N SER C 259 18.64 -25.45 50.78
CA SER C 259 19.46 -26.65 50.67
C SER C 259 20.51 -26.55 49.56
N LYS C 260 20.15 -26.04 48.39
CA LYS C 260 21.11 -25.91 47.30
C LYS C 260 22.15 -24.84 47.63
N MET D 24 21.66 -12.12 -0.92
CA MET D 24 22.03 -10.75 -0.59
C MET D 24 21.99 -9.87 -1.83
N LEU D 25 20.89 -9.95 -2.58
CA LEU D 25 20.65 -9.04 -3.69
C LEU D 25 20.91 -7.62 -3.21
N SER D 26 21.98 -7.00 -3.70
CA SER D 26 22.40 -5.69 -3.21
C SER D 26 21.22 -4.75 -2.99
N ASN D 34 11.73 -0.30 -3.00
CA ASN D 34 11.79 0.09 -4.41
C ASN D 34 12.95 -0.59 -5.14
N ARG D 35 12.62 -1.37 -6.18
CA ARG D 35 13.60 -2.19 -6.89
C ARG D 35 14.27 -1.35 -7.98
N VAL D 36 15.50 -0.92 -7.71
CA VAL D 36 16.35 -0.27 -8.70
C VAL D 36 17.19 -1.35 -9.34
N LEU D 37 16.89 -1.70 -10.60
CA LEU D 37 17.59 -2.76 -11.30
C LEU D 37 18.33 -2.19 -12.50
N VAL D 38 19.62 -2.48 -12.58
CA VAL D 38 20.50 -2.09 -13.67
C VAL D 38 20.95 -3.37 -14.35
N ILE D 39 20.60 -3.53 -15.61
CA ILE D 39 20.77 -4.80 -16.32
C ILE D 39 22.11 -4.82 -17.05
N GLU D 40 22.74 -5.99 -17.06
CA GLU D 40 24.02 -6.13 -17.74
C GLU D 40 23.85 -5.85 -19.24
N GLY D 41 24.79 -5.10 -19.80
CA GLY D 41 24.73 -4.74 -21.19
C GLY D 41 23.99 -3.45 -21.48
N THR D 42 23.32 -2.87 -20.48
CA THR D 42 22.66 -1.59 -20.66
C THR D 42 23.69 -0.46 -20.58
N THR D 43 23.36 0.65 -21.20
CA THR D 43 24.24 1.80 -21.22
C THR D 43 24.06 2.67 -19.98
N PHE D 44 25.09 3.47 -19.72
CA PHE D 44 24.97 4.51 -18.71
C PHE D 44 23.81 5.44 -18.98
N LYS D 45 23.71 5.94 -20.23
CA LYS D 45 22.63 6.87 -20.56
C LYS D 45 21.27 6.26 -20.24
N GLN D 46 21.10 4.97 -20.56
CA GLN D 46 19.86 4.30 -20.19
C GLN D 46 19.65 4.34 -18.67
N LEU D 47 20.71 4.13 -17.90
CA LEU D 47 20.58 4.15 -16.44
C LEU D 47 20.22 5.54 -15.93
N ILE D 48 20.82 6.58 -16.49
CA ILE D 48 20.47 7.93 -16.06
C ILE D 48 19.00 8.20 -16.37
N THR D 49 18.53 7.77 -17.55
CA THR D 49 17.13 8.03 -17.90
C THR D 49 16.21 7.27 -16.95
N ALA D 50 16.61 6.06 -16.55
CA ALA D 50 15.78 5.26 -15.66
C ALA D 50 15.77 5.83 -14.25
N LEU D 51 16.82 6.54 -13.86
CA LEU D 51 16.79 7.26 -12.59
C LEU D 51 15.97 8.55 -12.69
N LYS D 52 16.09 9.24 -13.84
CA LYS D 52 15.29 10.44 -14.10
C LYS D 52 13.83 10.11 -14.34
N ASN D 53 13.53 8.86 -14.72
CA ASN D 53 12.16 8.41 -14.90
C ASN D 53 11.61 7.72 -13.67
N ASP D 54 12.19 8.01 -12.51
CA ASP D 54 11.75 7.41 -11.26
C ASP D 54 11.15 8.46 -10.32
N LYS D 55 9.94 8.16 -9.83
CA LYS D 55 9.37 8.94 -8.75
C LYS D 55 10.17 8.71 -7.47
N ASN D 56 10.60 7.46 -7.26
CA ASN D 56 11.19 7.07 -5.99
C ASN D 56 12.58 7.65 -5.77
N VAL D 57 13.28 8.03 -6.84
CA VAL D 57 14.62 8.61 -6.73
C VAL D 57 14.53 10.10 -7.05
N LYS D 58 15.04 10.93 -6.14
CA LYS D 58 15.01 12.38 -6.33
C LYS D 58 16.20 12.82 -7.18
N ASN D 59 15.94 13.79 -8.06
CA ASN D 59 16.88 14.22 -9.11
C ASN D 59 17.67 15.47 -8.74
N THR D 60 18.96 15.33 -8.50
CA THR D 60 19.82 16.49 -8.30
C THR D 60 20.74 16.81 -9.46
N ILE D 61 21.40 15.82 -10.07
CA ILE D 61 22.44 16.13 -11.05
C ILE D 61 22.30 15.26 -12.30
N LEU D 62 21.12 14.70 -12.51
CA LEU D 62 20.94 13.77 -13.62
C LEU D 62 20.96 14.50 -14.95
N ASP D 63 20.60 15.78 -14.96
CA ASP D 63 20.59 16.58 -16.19
C ASP D 63 21.87 17.38 -16.34
N LEU D 64 22.91 17.08 -15.56
CA LEU D 64 24.20 17.73 -15.73
C LEU D 64 24.91 17.07 -16.92
N PRO D 65 25.80 17.80 -17.60
CA PRO D 65 26.68 17.14 -18.57
C PRO D 65 27.52 16.08 -17.89
N ASP D 66 27.95 15.09 -18.67
CA ASP D 66 28.60 13.91 -18.09
C ASP D 66 29.92 14.29 -17.42
N ASP D 67 30.66 15.22 -18.02
CA ASP D 67 31.91 15.66 -17.39
C ASP D 67 31.62 16.27 -16.02
N GLN D 68 30.67 17.21 -15.98
CA GLN D 68 30.31 17.86 -14.71
C GLN D 68 29.66 16.91 -13.71
N LEU D 69 28.90 15.91 -14.17
CA LEU D 69 28.31 14.99 -13.20
C LEU D 69 29.36 14.07 -12.62
N MET D 70 30.30 13.59 -13.46
CA MET D 70 31.40 12.81 -12.92
C MET D 70 32.20 13.67 -11.94
N LYS D 71 32.29 14.97 -12.22
CA LYS D 71 32.90 15.89 -11.26
C LYS D 71 32.10 15.90 -9.96
N ALA D 72 30.77 15.85 -10.09
CA ALA D 72 29.89 15.95 -8.93
C ALA D 72 30.02 14.74 -8.02
N LEU D 73 30.13 13.54 -8.61
CA LEU D 73 30.21 12.32 -7.84
C LEU D 73 31.64 12.04 -7.35
N GLY D 74 32.63 12.79 -7.81
CA GLY D 74 34.00 12.58 -7.40
C GLY D 74 34.74 11.51 -8.17
N ILE D 75 34.16 11.02 -9.26
CA ILE D 75 34.77 9.94 -10.05
C ILE D 75 35.92 10.54 -10.86
N PRO D 76 37.08 9.89 -10.90
CA PRO D 76 38.25 10.49 -11.58
C PRO D 76 38.36 10.19 -13.07
N TYR D 77 37.41 9.47 -13.68
CA TYR D 77 37.44 9.17 -15.10
C TYR D 77 36.64 10.21 -15.87
N HIS D 78 37.12 10.52 -17.09
CA HIS D 78 36.49 11.59 -17.87
C HIS D 78 35.15 11.15 -18.43
N HIS D 79 35.03 9.88 -18.84
CA HIS D 79 33.80 9.38 -19.45
C HIS D 79 33.12 8.43 -18.47
N PRO D 80 31.80 8.50 -18.32
CA PRO D 80 31.13 7.72 -17.28
C PRO D 80 30.77 6.29 -17.67
N GLU D 81 31.03 5.87 -18.89
CA GLU D 81 30.55 4.57 -19.34
C GLU D 81 31.33 3.43 -18.71
N GLY D 82 30.59 2.38 -18.35
CA GLY D 82 31.16 1.15 -17.87
C GLY D 82 31.46 1.09 -16.38
N LEU D 83 31.15 2.14 -15.63
CA LEU D 83 31.62 2.27 -14.26
C LEU D 83 30.58 1.93 -13.20
N PHE D 84 29.45 1.32 -13.57
CA PHE D 84 28.39 1.07 -12.59
C PHE D 84 27.83 -0.33 -12.72
N ALA D 85 27.79 -1.06 -11.60
CA ALA D 85 27.63 -2.51 -11.60
C ALA D 85 26.16 -2.89 -11.79
N PRO D 86 25.84 -3.79 -12.73
CA PRO D 86 24.45 -4.27 -12.86
C PRO D 86 24.09 -5.24 -11.76
N ASN D 87 22.90 -5.07 -11.17
CA ASN D 87 22.40 -5.93 -10.09
C ASN D 87 21.00 -5.47 -9.71
N THR D 88 20.32 -6.31 -8.93
CA THR D 88 18.99 -6.03 -8.37
C THR D 88 19.20 -5.47 -6.98
N TYR D 89 18.74 -4.24 -6.74
CA TYR D 89 19.14 -3.52 -5.53
C TYR D 89 18.09 -3.34 -4.44
N PHE D 90 16.85 -3.04 -4.76
CA PHE D 90 15.85 -2.74 -3.73
C PHE D 90 16.35 -1.60 -2.82
N PHE D 91 16.42 -0.41 -3.41
CA PHE D 91 16.89 0.76 -2.68
C PHE D 91 15.75 1.35 -1.83
N ALA D 92 16.13 2.23 -0.90
CA ALA D 92 15.17 2.97 -0.09
C ALA D 92 14.55 4.08 -0.92
N LYS D 93 13.23 4.20 -0.87
CA LYS D 93 12.51 5.18 -1.67
C LYS D 93 12.88 6.60 -1.23
N GLY D 94 12.70 7.55 -2.15
CA GLY D 94 13.03 8.94 -1.85
C GLY D 94 14.44 9.09 -1.33
N GLU D 95 15.40 8.62 -2.12
CA GLU D 95 16.81 8.62 -1.77
C GLU D 95 17.57 9.34 -2.87
N THR D 96 18.59 10.10 -2.48
CA THR D 96 19.31 10.93 -3.44
C THR D 96 19.97 10.07 -4.52
N ASP D 97 20.02 10.60 -5.74
CA ASP D 97 20.70 9.88 -6.81
C ASP D 97 22.17 9.70 -6.49
N LYS D 98 22.79 10.67 -5.80
CA LYS D 98 24.24 10.61 -5.61
C LYS D 98 24.64 9.42 -4.78
N LYS D 99 23.92 9.13 -3.70
CA LYS D 99 24.21 7.93 -2.94
C LYS D 99 24.14 6.70 -3.84
N ILE D 100 23.04 6.56 -4.60
CA ILE D 100 22.85 5.38 -5.44
C ILE D 100 24.02 5.22 -6.40
N LEU D 101 24.36 6.28 -7.13
CA LEU D 101 25.35 6.15 -8.19
C LEU D 101 26.76 6.01 -7.63
N THR D 102 27.10 6.75 -6.57
CA THR D 102 28.41 6.58 -5.95
C THR D 102 28.55 5.14 -5.45
N ASP D 103 27.48 4.58 -4.88
CA ASP D 103 27.55 3.21 -4.39
C ASP D 103 27.72 2.23 -5.55
N LEU D 104 27.03 2.47 -6.67
CA LEU D 104 27.20 1.59 -7.82
C LEU D 104 28.61 1.70 -8.40
N TYR D 105 29.13 2.93 -8.48
CA TYR D 105 30.51 3.11 -8.92
C TYR D 105 31.46 2.34 -8.03
N HIS D 106 31.31 2.48 -6.71
CA HIS D 106 32.19 1.79 -5.78
C HIS D 106 32.05 0.29 -5.88
N ARG D 107 30.83 -0.21 -6.01
CA ARG D 107 30.65 -1.65 -6.11
C ARG D 107 31.36 -2.20 -7.34
N GLN D 108 31.19 -1.53 -8.49
CA GLN D 108 31.84 -2.08 -9.68
C GLN D 108 33.36 -1.91 -9.62
N MET D 109 33.84 -0.80 -9.05
CA MET D 109 35.29 -0.63 -8.95
C MET D 109 35.91 -1.62 -7.97
N LYS D 110 35.19 -1.98 -6.90
CA LYS D 110 35.60 -3.09 -6.03
C LYS D 110 35.71 -4.38 -6.84
N ALA D 111 34.67 -4.69 -7.61
CA ALA D 111 34.72 -5.90 -8.44
C ALA D 111 35.92 -5.86 -9.39
N LEU D 112 36.17 -4.71 -10.00
CA LEU D 112 37.24 -4.60 -10.99
C LEU D 112 38.60 -4.78 -10.34
N ASP D 113 38.82 -4.15 -9.18
CA ASP D 113 40.10 -4.31 -8.48
C ASP D 113 40.29 -5.75 -8.01
N ALA D 114 39.23 -6.37 -7.48
CA ALA D 114 39.33 -7.77 -7.10
C ALA D 114 39.75 -8.62 -8.29
N ALA D 115 39.07 -8.44 -9.43
CA ALA D 115 39.36 -9.26 -10.60
C ALA D 115 40.76 -8.98 -11.15
N TRP D 116 41.17 -7.72 -11.14
CA TRP D 116 42.49 -7.35 -11.64
C TRP D 116 43.59 -7.95 -10.77
N ALA D 117 43.35 -8.02 -9.46
CA ALA D 117 44.36 -8.57 -8.56
C ALA D 117 44.62 -10.03 -8.85
N LYS D 118 43.58 -10.77 -9.25
CA LYS D 118 43.68 -12.20 -9.49
C LYS D 118 43.78 -12.55 -10.98
N ARG D 119 44.15 -11.60 -11.82
CA ARG D 119 44.06 -11.81 -13.26
C ARG D 119 45.06 -12.86 -13.77
N ALA D 120 44.81 -13.32 -15.00
CA ALA D 120 45.67 -14.29 -15.66
C ALA D 120 46.92 -13.59 -16.18
N PRO D 121 47.99 -14.34 -16.42
CA PRO D 121 49.24 -13.71 -16.86
C PRO D 121 49.22 -13.39 -18.34
N ASN D 122 50.14 -12.51 -18.73
CA ASN D 122 50.38 -12.19 -20.14
C ASN D 122 49.15 -11.61 -20.83
N LEU D 123 48.36 -10.87 -20.13
CA LEU D 123 47.22 -10.27 -20.81
C LEU D 123 47.63 -8.95 -21.47
N PRO D 124 47.00 -8.61 -22.58
CA PRO D 124 47.44 -7.42 -23.32
C PRO D 124 46.81 -6.13 -22.83
N TYR D 125 46.43 -6.07 -21.57
CA TYR D 125 45.81 -4.89 -21.00
C TYR D 125 46.89 -4.07 -20.29
N LYS D 126 46.95 -2.78 -20.61
CA LYS D 126 47.90 -1.90 -19.92
C LYS D 126 47.47 -1.64 -18.49
N ASP D 127 46.17 -1.49 -18.26
CA ASP D 127 45.64 -1.16 -16.95
C ASP D 127 44.22 -1.71 -16.82
N LYS D 128 43.64 -1.54 -15.64
CA LYS D 128 42.33 -2.12 -15.37
C LYS D 128 41.24 -1.47 -16.21
N TYR D 129 41.45 -0.24 -16.67
CA TYR D 129 40.46 0.40 -17.53
C TYR D 129 40.31 -0.35 -18.85
N GLU D 130 41.42 -0.79 -19.45
CA GLU D 130 41.31 -1.58 -20.67
C GLU D 130 40.56 -2.87 -20.40
N ALA D 131 40.79 -3.48 -19.25
CA ALA D 131 40.03 -4.69 -18.90
C ALA D 131 38.54 -4.39 -18.81
N LEU D 132 38.17 -3.23 -18.26
CA LEU D 132 36.75 -2.88 -18.17
C LEU D 132 36.16 -2.63 -19.56
N ILE D 133 36.90 -1.94 -20.42
CA ILE D 133 36.47 -1.77 -21.80
C ILE D 133 36.21 -3.12 -22.45
N MET D 134 37.18 -4.04 -22.33
CA MET D 134 37.02 -5.35 -22.93
C MET D 134 35.83 -6.07 -22.33
N ALA D 135 35.61 -5.90 -21.02
CA ALA D 135 34.48 -6.53 -20.36
C ALA D 135 33.18 -6.04 -20.95
N SER D 136 33.08 -4.74 -21.24
CA SER D 136 31.87 -4.22 -21.88
C SER D 136 31.67 -4.82 -23.26
N ILE D 137 32.74 -4.89 -24.05
CA ILE D 137 32.65 -5.50 -25.38
C ILE D 137 32.12 -6.92 -25.26
N VAL D 138 32.74 -7.71 -24.38
CA VAL D 138 32.35 -9.09 -24.16
C VAL D 138 30.88 -9.17 -23.72
N GLU D 139 30.49 -8.30 -22.80
CA GLU D 139 29.13 -8.33 -22.28
C GLU D 139 28.14 -8.14 -23.43
N LYS D 140 28.38 -7.12 -24.27
CA LYS D 140 27.45 -6.89 -25.37
C LYS D 140 27.57 -7.91 -26.48
N GLU D 141 28.61 -8.74 -26.48
CA GLU D 141 28.81 -9.70 -27.54
C GLU D 141 28.26 -11.09 -27.24
N THR D 142 27.74 -11.33 -26.03
CA THR D 142 27.29 -12.68 -25.69
C THR D 142 26.19 -12.65 -24.66
N SER D 143 25.32 -13.67 -24.74
CA SER D 143 24.19 -13.86 -23.87
C SER D 143 24.30 -15.12 -23.02
N LEU D 144 25.17 -16.06 -23.38
CA LEU D 144 25.39 -17.27 -22.60
C LEU D 144 26.62 -17.10 -21.70
N ASP D 145 26.44 -17.34 -20.41
CA ASP D 145 27.56 -17.23 -19.49
C ASP D 145 28.66 -18.21 -19.86
N SER D 146 28.29 -19.43 -20.25
CA SER D 146 29.25 -20.47 -20.58
C SER D 146 30.24 -20.03 -21.63
N GLU D 147 29.86 -19.10 -22.49
CA GLU D 147 30.73 -18.72 -23.59
C GLU D 147 31.57 -17.48 -23.28
N LEU D 148 31.35 -16.84 -22.14
CA LEU D 148 32.03 -15.57 -21.90
C LEU D 148 33.54 -15.70 -22.14
N THR D 149 34.18 -16.63 -21.44
CA THR D 149 35.62 -16.83 -21.58
C THR D 149 36.02 -16.99 -23.05
N GLN D 150 35.25 -17.77 -23.79
CA GLN D 150 35.57 -18.03 -25.19
C GLN D 150 35.57 -16.73 -25.99
N VAL D 151 34.52 -15.92 -25.83
CA VAL D 151 34.51 -14.65 -26.52
C VAL D 151 35.72 -13.84 -26.08
N SER D 152 35.96 -13.81 -24.76
CA SER D 152 37.10 -13.10 -24.21
C SER D 152 38.38 -13.57 -24.87
N GLY D 153 38.54 -14.88 -24.96
CA GLY D 153 39.73 -15.41 -25.60
C GLY D 153 39.90 -14.85 -27.00
N VAL D 154 38.84 -14.96 -27.81
CA VAL D 154 38.92 -14.50 -29.18
C VAL D 154 39.44 -13.07 -29.21
N PHE D 155 38.90 -12.19 -28.35
CA PHE D 155 39.34 -10.81 -28.46
C PHE D 155 40.77 -10.67 -27.97
N VAL D 156 41.11 -11.33 -26.86
CA VAL D 156 42.46 -11.19 -26.31
C VAL D 156 43.49 -11.59 -27.33
N ARG D 157 43.36 -12.80 -27.87
CA ARG D 157 44.28 -13.27 -28.91
C ARG D 157 44.36 -12.25 -30.05
N ARG D 158 43.21 -11.76 -30.53
CA ARG D 158 43.24 -10.78 -31.61
C ARG D 158 44.16 -9.62 -31.24
N LEU D 159 44.02 -9.09 -30.01
CA LEU D 159 44.85 -7.96 -29.59
C LEU D 159 46.33 -8.31 -29.64
N LYS D 160 46.67 -9.53 -29.26
CA LYS D 160 48.07 -9.94 -29.30
C LYS D 160 48.59 -10.03 -30.73
N LEU D 161 47.72 -10.37 -31.67
CA LEU D 161 48.08 -10.53 -33.07
C LEU D 161 47.84 -9.28 -33.90
N GLY D 162 47.39 -8.20 -33.28
CA GLY D 162 47.15 -6.97 -34.02
C GLY D 162 45.87 -6.94 -34.81
N MET D 163 45.03 -7.96 -34.72
CA MET D 163 43.80 -7.94 -35.49
C MET D 163 42.78 -7.01 -34.84
N ARG D 164 41.94 -6.44 -35.69
CA ARG D 164 40.84 -5.62 -35.22
C ARG D 164 39.72 -6.48 -34.67
N LEU D 165 39.02 -5.95 -33.66
CA LEU D 165 38.02 -6.74 -32.96
C LEU D 165 36.78 -6.92 -33.81
N GLN D 166 36.48 -5.96 -34.67
CA GLN D 166 35.41 -6.06 -35.64
C GLN D 166 34.10 -6.47 -34.96
N THR D 167 33.70 -5.70 -33.96
CA THR D 167 32.52 -6.00 -33.16
C THR D 167 31.48 -4.90 -33.34
N ASP D 168 30.25 -5.30 -33.62
CA ASP D 168 29.18 -4.41 -34.03
C ASP D 168 28.73 -3.50 -32.91
N PRO D 169 28.63 -3.96 -31.65
CA PRO D 169 28.24 -3.02 -30.58
C PRO D 169 29.16 -1.83 -30.47
N THR D 170 30.46 -2.02 -30.76
CA THR D 170 31.34 -0.85 -30.80
C THR D 170 30.94 0.15 -31.89
N VAL D 171 30.55 -0.34 -33.07
CA VAL D 171 30.13 0.55 -34.15
C VAL D 171 28.84 1.28 -33.75
N ILE D 172 27.89 0.53 -33.14
CA ILE D 172 26.65 1.12 -32.67
C ILE D 172 26.96 2.24 -31.69
N TYR D 173 27.83 1.97 -30.71
CA TYR D 173 28.14 3.00 -29.73
C TYR D 173 28.78 4.22 -30.39
N GLY D 174 29.68 3.98 -31.36
CA GLY D 174 30.32 5.09 -32.02
C GLY D 174 29.35 5.94 -32.82
N MET D 175 28.32 5.32 -33.40
CA MET D 175 27.31 6.12 -34.10
C MET D 175 26.38 6.87 -33.15
N GLY D 176 26.13 6.31 -31.97
CA GLY D 176 25.43 7.02 -30.91
C GLY D 176 23.99 7.32 -31.26
N ALA D 177 23.65 8.62 -31.27
CA ALA D 177 22.28 9.02 -31.53
C ALA D 177 21.83 8.65 -32.94
N ASN D 178 22.78 8.47 -33.85
CA ASN D 178 22.55 8.19 -35.26
C ASN D 178 22.19 6.73 -35.53
N TYR D 179 21.81 5.97 -34.51
CA TYR D 179 21.59 4.54 -34.66
C TYR D 179 20.08 4.35 -34.74
N LYS D 180 19.62 3.80 -35.86
CA LYS D 180 18.20 3.69 -36.13
C LYS D 180 17.72 2.24 -36.08
N GLY D 181 18.47 1.37 -35.41
CA GLY D 181 18.15 -0.03 -35.31
C GLY D 181 18.70 -0.85 -36.45
N ASN D 182 19.49 -0.24 -37.32
CA ASN D 182 19.97 -0.89 -38.55
C ASN D 182 21.37 -0.36 -38.83
N ILE D 183 22.19 -1.24 -39.39
CA ILE D 183 23.58 -0.92 -39.75
C ILE D 183 23.75 -1.13 -41.24
N THR D 184 24.50 -0.22 -41.87
CA THR D 184 24.82 -0.29 -43.29
C THR D 184 26.30 -0.63 -43.44
N ARG D 185 26.69 -1.03 -44.66
CA ARG D 185 28.10 -1.30 -44.93
C ARG D 185 28.92 -0.02 -44.81
N GLU D 186 28.34 1.11 -45.22
CA GLU D 186 29.01 2.39 -45.04
C GLU D 186 29.15 2.74 -43.56
N ASP D 187 28.18 2.35 -42.73
CA ASP D 187 28.35 2.54 -41.29
C ASP D 187 29.59 1.81 -40.79
N LEU D 188 29.77 0.55 -41.21
CA LEU D 188 30.94 -0.18 -40.76
C LEU D 188 32.22 0.38 -41.36
N ARG D 189 32.12 1.05 -42.52
CA ARG D 189 33.30 1.60 -43.16
C ARG D 189 33.62 3.01 -42.69
N THR D 190 32.72 3.65 -41.95
CA THR D 190 32.91 5.04 -41.54
C THR D 190 33.73 5.11 -40.25
N PRO D 191 34.91 5.72 -40.27
CA PRO D 191 35.75 5.78 -39.06
C PRO D 191 35.18 6.64 -37.94
N THR D 192 34.72 5.98 -36.87
CA THR D 192 34.42 6.57 -35.57
C THR D 192 35.57 6.31 -34.60
N PRO D 193 35.68 7.07 -33.50
CA PRO D 193 36.70 6.72 -32.50
C PRO D 193 36.49 5.34 -31.89
N TYR D 194 35.25 4.84 -31.89
CA TYR D 194 34.92 3.54 -31.33
C TYR D 194 34.76 2.44 -32.37
N ASN D 195 35.00 2.71 -33.65
CA ASN D 195 34.73 1.72 -34.70
C ASN D 195 35.85 0.67 -34.73
N THR D 196 35.58 -0.53 -34.25
CA THR D 196 36.62 -1.55 -34.20
C THR D 196 36.83 -2.25 -35.54
N TYR D 197 36.10 -1.87 -36.58
CA TYR D 197 36.46 -2.31 -37.93
C TYR D 197 37.54 -1.44 -38.54
N THR D 198 37.67 -0.18 -38.11
CA THR D 198 38.66 0.72 -38.68
C THR D 198 39.86 1.00 -37.78
N ILE D 199 39.71 0.93 -36.45
CA ILE D 199 40.82 1.17 -35.53
C ILE D 199 41.39 -0.17 -35.06
N ASN D 200 42.66 -0.13 -34.68
CA ASN D 200 43.37 -1.27 -34.07
C ASN D 200 43.38 -1.13 -32.56
N GLY D 201 43.05 -2.21 -31.87
CA GLY D 201 43.04 -2.22 -30.43
C GLY D 201 41.67 -1.87 -29.88
N LEU D 202 41.67 -1.51 -28.59
CA LEU D 202 40.44 -1.25 -27.87
C LEU D 202 39.93 0.16 -28.12
N PRO D 203 38.61 0.38 -28.00
CA PRO D 203 38.06 1.72 -28.14
C PRO D 203 38.45 2.59 -26.94
N PRO D 204 38.24 3.90 -27.02
CA PRO D 204 38.73 4.78 -25.95
C PRO D 204 38.05 4.53 -24.61
N THR D 205 36.78 4.17 -24.57
CA THR D 205 36.05 3.89 -23.34
C THR D 205 35.25 2.62 -23.49
N PRO D 206 34.62 2.16 -22.40
CA PRO D 206 33.64 1.07 -22.52
C PRO D 206 32.43 1.52 -23.32
N ILE D 207 31.63 0.54 -23.74
CA ILE D 207 30.45 0.78 -24.55
C ILE D 207 29.17 0.33 -23.86
N ALA D 208 29.25 -0.14 -22.62
CA ALA D 208 28.10 -0.60 -21.84
C ALA D 208 28.59 -0.83 -20.40
N LEU D 209 27.66 -1.21 -19.53
CA LEU D 209 28.02 -1.50 -18.14
C LEU D 209 28.20 -3.00 -17.98
N PRO D 210 29.42 -3.51 -17.82
CA PRO D 210 29.62 -4.97 -17.76
C PRO D 210 29.33 -5.55 -16.38
N SER D 211 28.96 -6.82 -16.39
CA SER D 211 28.76 -7.53 -15.14
C SER D 211 30.09 -8.03 -14.62
N GLN D 212 30.09 -8.47 -13.37
CA GLN D 212 31.32 -9.01 -12.78
C GLN D 212 31.75 -10.27 -13.52
N LYS D 213 30.78 -11.08 -13.93
CA LYS D 213 31.12 -12.28 -14.71
C LYS D 213 31.91 -11.88 -15.96
N ALA D 214 31.51 -10.77 -16.59
CA ALA D 214 32.18 -10.33 -17.80
C ALA D 214 33.57 -9.80 -17.50
N ILE D 215 33.72 -9.07 -16.39
CA ILE D 215 35.05 -8.57 -16.02
C ILE D 215 35.99 -9.74 -15.78
N GLU D 216 35.53 -10.72 -15.00
CA GLU D 216 36.39 -11.88 -14.72
C GLU D 216 36.73 -12.61 -16.00
N ALA D 217 35.75 -12.81 -16.88
CA ALA D 217 36.03 -13.47 -18.15
C ALA D 217 37.06 -12.69 -18.96
N ALA D 218 36.91 -11.37 -19.02
CA ALA D 218 37.90 -10.54 -19.69
C ALA D 218 39.28 -10.77 -19.13
N LEU D 219 39.40 -11.05 -17.83
CA LEU D 219 40.70 -11.28 -17.22
C LEU D 219 41.09 -12.75 -17.15
N HIS D 220 40.26 -13.65 -17.67
CA HIS D 220 40.55 -15.08 -17.67
C HIS D 220 40.12 -15.71 -18.99
N PRO D 221 40.86 -15.41 -20.06
CA PRO D 221 40.53 -15.98 -21.38
C PRO D 221 40.77 -17.48 -21.42
N ASP D 222 40.09 -18.13 -22.36
CA ASP D 222 40.18 -19.58 -22.50
C ASP D 222 41.46 -19.98 -23.21
N ASP D 223 41.80 -21.26 -23.08
CA ASP D 223 43.04 -21.79 -23.63
C ASP D 223 42.65 -22.39 -24.97
N SER D 224 42.82 -21.61 -26.03
CA SER D 224 42.39 -22.00 -27.37
C SER D 224 43.16 -21.16 -28.38
N ASN D 225 43.06 -21.55 -29.64
CA ASN D 225 43.64 -20.80 -30.74
C ASN D 225 42.61 -20.03 -31.55
N ASN D 226 41.34 -20.09 -31.15
CA ASN D 226 40.26 -19.47 -31.92
C ASN D 226 40.37 -17.95 -31.92
N ILE D 227 40.24 -17.36 -33.12
CA ILE D 227 40.29 -15.92 -33.30
C ILE D 227 39.07 -15.43 -34.08
N TYR D 228 38.11 -16.31 -34.30
CA TYR D 228 36.86 -15.94 -34.94
C TYR D 228 35.70 -16.53 -34.18
N PHE D 229 34.55 -15.86 -34.25
CA PHE D 229 33.31 -16.46 -33.75
C PHE D 229 32.16 -15.77 -34.45
N VAL D 230 31.05 -16.52 -34.59
CA VAL D 230 29.87 -15.99 -35.23
C VAL D 230 28.65 -16.63 -34.60
N ALA D 231 27.57 -15.87 -34.50
CA ALA D 231 26.33 -16.38 -33.92
C ALA D 231 25.85 -17.60 -34.70
N THR D 232 25.24 -18.53 -33.96
CA THR D 232 24.62 -19.68 -34.63
C THR D 232 23.20 -19.38 -35.10
N GLY D 233 22.49 -18.54 -34.36
CA GLY D 233 21.10 -18.29 -34.63
C GLY D 233 20.16 -19.16 -33.83
N ASN D 234 20.68 -20.27 -33.29
CA ASN D 234 19.92 -21.17 -32.44
C ASN D 234 20.41 -21.08 -31.00
N GLY D 235 21.09 -19.99 -30.65
CA GLY D 235 21.65 -19.85 -29.33
C GLY D 235 23.14 -20.18 -29.35
N GLY D 236 23.96 -19.22 -28.93
CA GLY D 236 25.40 -19.42 -28.90
C GLY D 236 26.13 -18.95 -30.14
N HIS D 237 27.42 -19.27 -30.17
CA HIS D 237 28.30 -18.90 -31.27
C HIS D 237 29.13 -20.12 -31.67
N LYS D 238 29.65 -20.07 -32.88
CA LYS D 238 30.63 -21.02 -33.38
C LYS D 238 31.97 -20.29 -33.45
N PHE D 239 32.98 -20.88 -32.81
CA PHE D 239 34.31 -20.30 -32.70
C PHE D 239 35.28 -21.07 -33.59
N THR D 240 36.20 -20.34 -34.20
CA THR D 240 37.13 -20.96 -35.14
C THR D 240 38.48 -20.27 -35.07
N ALA D 241 39.48 -20.93 -35.64
CA ALA D 241 40.84 -20.43 -35.68
C ALA D 241 41.33 -20.05 -37.08
N ASP D 242 40.53 -20.29 -38.12
CA ASP D 242 40.93 -19.94 -39.47
C ASP D 242 39.77 -19.34 -40.24
N LEU D 243 40.10 -18.50 -41.22
CA LEU D 243 39.07 -17.70 -41.89
C LEU D 243 38.12 -18.55 -42.72
N GLN D 244 38.59 -19.64 -43.32
CA GLN D 244 37.71 -20.44 -44.14
C GLN D 244 36.64 -21.13 -43.29
N ALA D 245 37.05 -21.68 -42.15
CA ALA D 245 36.08 -22.27 -41.23
C ALA D 245 35.12 -21.21 -40.70
N HIS D 246 35.62 -20.02 -40.40
CA HIS D 246 34.72 -18.95 -39.96
C HIS D 246 33.71 -18.60 -41.04
N ASN D 247 34.16 -18.49 -42.31
CA ASN D 247 33.24 -18.11 -43.38
C ASN D 247 32.20 -19.19 -43.61
N GLN D 248 32.60 -20.47 -43.56
CA GLN D 248 31.60 -21.53 -43.61
C GLN D 248 30.56 -21.32 -42.51
N ALA D 249 31.03 -21.04 -41.29
CA ALA D 249 30.09 -20.84 -40.18
C ALA D 249 29.16 -19.67 -40.46
N VAL D 250 29.70 -18.61 -41.05
CA VAL D 250 28.89 -17.44 -41.36
C VAL D 250 27.81 -17.79 -42.36
N GLN D 251 28.15 -18.59 -43.37
CA GLN D 251 27.17 -19.00 -44.37
C GLN D 251 26.04 -19.79 -43.72
N GLU D 252 26.39 -20.74 -42.84
CA GLU D 252 25.38 -21.51 -42.13
C GLU D 252 24.47 -20.59 -41.29
N TYR D 253 25.06 -19.63 -40.61
CA TYR D 253 24.26 -18.72 -39.80
C TYR D 253 23.31 -17.90 -40.64
N LEU D 254 23.80 -17.40 -41.78
CA LEU D 254 22.94 -16.62 -42.67
C LEU D 254 21.76 -17.47 -43.14
N SER D 255 22.03 -18.70 -43.57
CA SER D 255 20.93 -19.56 -44.03
C SER D 255 19.91 -19.79 -42.91
N VAL D 256 20.40 -20.08 -41.70
CA VAL D 256 19.49 -20.40 -40.60
C VAL D 256 18.64 -19.19 -40.26
N LEU D 257 19.29 -18.01 -40.17
CA LEU D 257 18.55 -16.84 -39.73
C LEU D 257 17.54 -16.37 -40.78
N ARG D 258 17.87 -16.52 -42.07
CA ARG D 258 16.91 -16.19 -43.11
C ARG D 258 15.74 -17.13 -42.99
N SER D 259 15.99 -18.42 -42.74
CA SER D 259 14.88 -19.37 -42.62
C SER D 259 13.95 -19.02 -41.45
N LYS D 260 14.50 -18.60 -40.32
CA LYS D 260 13.65 -18.35 -39.16
C LYS D 260 12.66 -17.20 -39.37
N LYS D 261 13.09 -16.14 -40.06
CA LYS D 261 12.24 -14.97 -40.23
C LYS D 261 11.52 -15.08 -41.56
N LEU D 262 10.22 -15.37 -41.50
CA LEU D 262 9.36 -15.40 -42.69
C LEU D 262 8.20 -14.42 -42.59
N GLU D 263 7.41 -14.48 -41.51
CA GLU D 263 6.25 -13.62 -41.32
C GLU D 263 6.16 -13.28 -39.83
N LEU E 25 -2.31 -14.04 -24.07
CA LEU E 25 -1.41 -15.13 -24.40
C LEU E 25 -1.76 -16.38 -23.59
N SER E 26 -1.85 -17.52 -24.27
CA SER E 26 -2.13 -18.81 -23.63
C SER E 26 -1.11 -19.82 -24.14
N ASP E 27 -0.23 -20.28 -23.25
CA ASP E 27 0.89 -21.11 -23.64
C ASP E 27 0.78 -22.51 -23.05
N ALA E 28 1.46 -23.46 -23.71
CA ALA E 28 1.55 -24.83 -23.23
C ALA E 28 2.96 -25.12 -22.69
N MET E 33 8.14 -23.13 -30.45
CA MET E 33 6.71 -23.30 -30.20
C MET E 33 5.89 -22.91 -31.43
N ASN E 34 4.69 -23.52 -31.55
CA ASN E 34 3.76 -23.21 -32.63
C ASN E 34 2.73 -22.21 -32.12
N ARG E 35 2.45 -21.18 -32.90
CA ARG E 35 1.51 -20.14 -32.51
C ARG E 35 0.22 -20.30 -33.31
N VAL E 36 -0.78 -20.91 -32.67
CA VAL E 36 -2.12 -21.03 -33.25
C VAL E 36 -2.92 -19.83 -32.76
N LEU E 37 -3.17 -18.89 -33.64
CA LEU E 37 -3.98 -17.71 -33.32
C LEU E 37 -5.39 -17.94 -33.83
N VAL E 38 -6.35 -17.95 -32.91
CA VAL E 38 -7.77 -18.10 -33.26
C VAL E 38 -8.43 -16.78 -32.90
N ILE E 39 -8.90 -16.06 -33.92
CA ILE E 39 -9.44 -14.71 -33.75
C ILE E 39 -10.95 -14.81 -33.59
N GLU E 40 -11.49 -13.97 -32.70
CA GLU E 40 -12.92 -13.99 -32.43
C GLU E 40 -13.71 -13.66 -33.68
N GLY E 41 -14.85 -14.33 -33.85
CA GLY E 41 -15.69 -14.17 -35.01
C GLY E 41 -15.44 -15.17 -36.12
N THR E 42 -14.38 -15.98 -36.01
CA THR E 42 -14.12 -17.02 -36.99
C THR E 42 -15.00 -18.22 -36.73
N THR E 43 -15.26 -19.00 -37.77
CA THR E 43 -16.04 -20.22 -37.66
C THR E 43 -15.16 -21.37 -37.20
N PHE E 44 -15.81 -22.41 -36.68
CA PHE E 44 -15.12 -23.66 -36.38
C PHE E 44 -14.44 -24.24 -37.59
N LYS E 45 -15.17 -24.26 -38.71
CA LYS E 45 -14.63 -24.82 -39.95
C LYS E 45 -13.33 -24.12 -40.31
N GLN E 46 -13.28 -22.79 -40.16
CA GLN E 46 -12.04 -22.06 -40.42
C GLN E 46 -10.90 -22.56 -39.54
N LEU E 47 -11.16 -22.82 -38.26
CA LEU E 47 -10.11 -23.31 -37.37
C LEU E 47 -9.65 -24.70 -37.80
N ILE E 48 -10.59 -25.56 -38.19
CA ILE E 48 -10.21 -26.90 -38.63
C ILE E 48 -9.33 -26.82 -39.88
N THR E 49 -9.71 -25.99 -40.84
CA THR E 49 -8.92 -25.87 -42.06
C THR E 49 -7.56 -25.25 -41.76
N ALA E 50 -7.50 -24.29 -40.83
CA ALA E 50 -6.24 -23.64 -40.51
C ALA E 50 -5.31 -24.56 -39.75
N LEU E 51 -5.83 -25.57 -39.07
CA LEU E 51 -4.96 -26.55 -38.42
C LEU E 51 -4.55 -27.69 -39.36
N LYS E 52 -5.45 -28.14 -40.25
CA LYS E 52 -5.05 -29.15 -41.20
C LYS E 52 -3.96 -28.66 -42.15
N ASN E 53 -3.85 -27.34 -42.35
CA ASN E 53 -2.82 -26.75 -43.20
C ASN E 53 -1.67 -26.20 -42.36
N ASP E 54 -1.47 -26.72 -41.16
CA ASP E 54 -0.34 -26.37 -40.32
C ASP E 54 0.56 -27.60 -40.31
N LYS E 55 1.83 -27.42 -40.68
CA LYS E 55 2.76 -28.55 -40.67
C LYS E 55 2.99 -29.05 -39.25
N ASN E 56 3.11 -28.13 -38.29
CA ASN E 56 3.55 -28.45 -36.94
C ASN E 56 2.53 -29.22 -36.11
N VAL E 57 1.27 -29.25 -36.52
CA VAL E 57 0.22 -29.94 -35.76
C VAL E 57 -0.07 -31.28 -36.42
N LYS E 58 -0.10 -32.34 -35.62
CA LYS E 58 -0.34 -33.67 -36.16
C LYS E 58 -1.81 -33.83 -36.48
N ASN E 59 -2.09 -34.38 -37.67
CA ASN E 59 -3.44 -34.47 -38.22
C ASN E 59 -3.96 -35.89 -38.00
N THR E 60 -4.78 -36.07 -36.97
CA THR E 60 -5.33 -37.40 -36.69
C THR E 60 -6.80 -37.53 -37.09
N ILE E 61 -7.62 -36.53 -36.76
CA ILE E 61 -9.06 -36.69 -36.89
C ILE E 61 -9.77 -35.47 -37.50
N LEU E 62 -9.02 -34.61 -38.19
CA LEU E 62 -9.60 -33.36 -38.64
C LEU E 62 -10.57 -33.56 -39.79
N ASP E 63 -10.43 -34.66 -40.54
CA ASP E 63 -11.28 -34.92 -41.69
C ASP E 63 -12.42 -35.89 -41.40
N LEU E 64 -12.72 -36.13 -40.13
CA LEU E 64 -13.88 -36.95 -39.79
C LEU E 64 -15.14 -36.08 -39.88
N PRO E 65 -16.30 -36.68 -40.12
CA PRO E 65 -17.55 -35.91 -39.98
C PRO E 65 -17.66 -35.35 -38.57
N ASP E 66 -18.40 -34.25 -38.46
CA ASP E 66 -18.38 -33.44 -37.23
C ASP E 66 -18.98 -34.18 -36.04
N ASP E 67 -20.04 -34.98 -36.26
CA ASP E 67 -20.61 -35.76 -35.17
C ASP E 67 -19.56 -36.71 -34.60
N GLN E 68 -18.87 -37.44 -35.49
CA GLN E 68 -17.81 -38.35 -35.06
C GLN E 68 -16.67 -37.59 -34.41
N LEU E 69 -16.43 -36.35 -34.84
CA LEU E 69 -15.36 -35.56 -34.24
C LEU E 69 -15.74 -35.16 -32.82
N MET E 70 -17.00 -34.77 -32.60
CA MET E 70 -17.47 -34.42 -31.26
C MET E 70 -17.46 -35.61 -30.33
N LYS E 71 -17.84 -36.80 -30.82
CA LYS E 71 -17.71 -38.00 -30.00
C LYS E 71 -16.26 -38.30 -29.69
N ALA E 72 -15.36 -38.12 -30.67
CA ALA E 72 -13.94 -38.42 -30.45
C ALA E 72 -13.32 -37.46 -29.46
N LEU E 73 -13.72 -36.18 -29.51
CA LEU E 73 -13.17 -35.15 -28.63
C LEU E 73 -13.80 -35.17 -27.24
N GLY E 74 -14.87 -35.94 -27.05
CA GLY E 74 -15.54 -36.01 -25.78
C GLY E 74 -16.56 -34.92 -25.53
N ILE E 75 -16.82 -34.07 -26.51
CA ILE E 75 -17.74 -32.94 -26.32
C ILE E 75 -19.16 -33.46 -26.43
N PRO E 76 -20.06 -33.06 -25.52
CA PRO E 76 -21.43 -33.60 -25.53
C PRO E 76 -22.38 -32.87 -26.47
N TYR E 77 -21.91 -31.91 -27.23
CA TYR E 77 -22.78 -31.14 -28.11
C TYR E 77 -22.83 -31.75 -29.51
N HIS E 78 -24.00 -31.57 -30.17
CA HIS E 78 -24.20 -32.14 -31.49
C HIS E 78 -23.43 -31.37 -32.55
N HIS E 79 -23.39 -30.02 -32.43
CA HIS E 79 -22.77 -29.10 -33.37
C HIS E 79 -21.58 -28.41 -32.70
N PRO E 80 -20.45 -28.26 -33.39
CA PRO E 80 -19.24 -27.77 -32.73
C PRO E 80 -19.12 -26.26 -32.65
N GLU E 81 -20.04 -25.50 -33.24
CA GLU E 81 -19.82 -24.06 -33.39
C GLU E 81 -19.88 -23.34 -32.06
N GLY E 82 -18.96 -22.40 -31.87
CA GLY E 82 -18.92 -21.51 -30.73
C GLY E 82 -18.27 -22.07 -29.49
N LEU E 83 -17.82 -23.32 -29.50
CA LEU E 83 -17.39 -24.03 -28.31
C LEU E 83 -15.88 -24.08 -28.11
N PHE E 84 -15.11 -23.31 -28.86
CA PHE E 84 -13.66 -23.32 -28.79
C PHE E 84 -13.21 -21.88 -28.75
N ALA E 85 -12.44 -21.54 -27.75
CA ALA E 85 -12.27 -20.14 -27.39
C ALA E 85 -11.25 -19.45 -28.30
N PRO E 86 -11.59 -18.31 -28.90
CA PRO E 86 -10.60 -17.58 -29.69
C PRO E 86 -9.58 -16.97 -28.75
N ASN E 87 -8.30 -17.11 -29.11
CA ASN E 87 -7.22 -16.58 -28.29
C ASN E 87 -5.91 -16.82 -29.04
N THR E 88 -4.84 -16.24 -28.49
CA THR E 88 -3.48 -16.41 -29.00
C THR E 88 -2.86 -17.58 -28.24
N TYR E 89 -2.77 -18.74 -28.89
CA TYR E 89 -2.31 -19.97 -28.26
C TYR E 89 -0.91 -20.31 -28.74
N PHE E 90 -0.10 -20.82 -27.81
CA PHE E 90 1.24 -21.30 -28.11
C PHE E 90 1.34 -22.73 -27.61
N PHE E 91 1.59 -23.64 -28.54
CA PHE E 91 1.72 -25.07 -28.26
C PHE E 91 3.15 -25.54 -28.52
N ALA E 92 3.39 -26.80 -28.17
CA ALA E 92 4.64 -27.47 -28.53
C ALA E 92 4.57 -27.87 -30.00
N LYS E 93 5.65 -27.60 -30.74
CA LYS E 93 5.73 -28.05 -32.12
C LYS E 93 5.52 -29.56 -32.18
N GLY E 94 4.61 -29.99 -33.03
CA GLY E 94 4.27 -31.41 -33.13
C GLY E 94 3.16 -31.85 -32.21
N GLU E 95 2.37 -30.92 -31.70
CA GLU E 95 1.24 -31.26 -30.83
C GLU E 95 0.14 -31.93 -31.64
N THR E 96 -0.63 -32.78 -30.95
CA THR E 96 -1.76 -33.44 -31.58
C THR E 96 -2.95 -32.49 -31.64
N ASP E 97 -3.78 -32.66 -32.67
CA ASP E 97 -4.98 -31.84 -32.82
C ASP E 97 -5.92 -31.98 -31.64
N LYS E 98 -6.06 -33.20 -31.12
CA LYS E 98 -7.04 -33.43 -30.06
C LYS E 98 -6.67 -32.63 -28.82
N LYS E 99 -5.39 -32.57 -28.48
CA LYS E 99 -4.96 -31.73 -27.36
C LYS E 99 -5.31 -30.26 -27.60
N ILE E 100 -4.93 -29.72 -28.75
CA ILE E 100 -5.20 -28.31 -29.04
C ILE E 100 -6.68 -28.01 -28.84
N LEU E 101 -7.53 -28.83 -29.45
CA LEU E 101 -8.97 -28.54 -29.47
C LEU E 101 -9.60 -28.81 -28.10
N THR E 102 -9.21 -29.88 -27.41
CA THR E 102 -9.73 -30.12 -26.08
C THR E 102 -9.39 -28.95 -25.17
N ASP E 103 -8.17 -28.42 -25.29
CA ASP E 103 -7.78 -27.28 -24.46
C ASP E 103 -8.62 -26.06 -24.80
N LEU E 104 -8.87 -25.84 -26.10
CA LEU E 104 -9.68 -24.68 -26.51
C LEU E 104 -11.13 -24.79 -26.03
N TYR E 105 -11.72 -25.98 -26.18
CA TYR E 105 -13.07 -26.24 -25.67
C TYR E 105 -13.15 -26.04 -24.17
N HIS E 106 -12.22 -26.64 -23.43
CA HIS E 106 -12.26 -26.48 -21.98
C HIS E 106 -12.10 -25.01 -21.61
N ARG E 107 -11.25 -24.27 -22.32
CA ARG E 107 -11.12 -22.84 -22.03
C ARG E 107 -12.44 -22.12 -22.27
N GLN E 108 -13.12 -22.45 -23.37
CA GLN E 108 -14.39 -21.79 -23.67
C GLN E 108 -15.44 -22.10 -22.61
N MET E 109 -15.52 -23.35 -22.18
CA MET E 109 -16.53 -23.71 -21.20
C MET E 109 -16.17 -23.14 -19.83
N LYS E 110 -14.88 -22.98 -19.54
CA LYS E 110 -14.49 -22.25 -18.36
C LYS E 110 -15.07 -20.83 -18.39
N ALA E 111 -14.80 -20.11 -19.49
CA ALA E 111 -15.33 -18.75 -19.61
C ALA E 111 -16.85 -18.72 -19.51
N LEU E 112 -17.52 -19.65 -20.19
CA LEU E 112 -18.97 -19.63 -20.24
C LEU E 112 -19.56 -19.95 -18.87
N ASP E 113 -19.02 -20.94 -18.17
CA ASP E 113 -19.53 -21.27 -16.84
C ASP E 113 -19.33 -20.10 -15.88
N ALA E 114 -18.12 -19.52 -15.88
CA ALA E 114 -17.89 -18.36 -15.03
C ALA E 114 -18.90 -17.24 -15.34
N ALA E 115 -19.09 -16.92 -16.63
CA ALA E 115 -19.98 -15.81 -16.98
C ALA E 115 -21.43 -16.12 -16.62
N TRP E 116 -21.88 -17.36 -16.83
CA TRP E 116 -23.24 -17.73 -16.48
C TRP E 116 -23.45 -17.61 -14.97
N ALA E 117 -22.43 -17.95 -14.18
CA ALA E 117 -22.58 -17.89 -12.72
C ALA E 117 -22.81 -16.48 -12.22
N LYS E 118 -22.21 -15.48 -12.88
CA LYS E 118 -22.29 -14.08 -12.48
C LYS E 118 -23.27 -13.27 -13.32
N ARG E 119 -24.20 -13.93 -14.01
CA ARG E 119 -25.02 -13.26 -15.01
C ARG E 119 -26.05 -12.34 -14.39
N ALA E 120 -26.61 -11.47 -15.23
CA ALA E 120 -27.64 -10.54 -14.80
C ALA E 120 -28.99 -11.23 -14.67
N PRO E 121 -29.88 -10.68 -13.87
CA PRO E 121 -31.20 -11.30 -13.70
C PRO E 121 -32.12 -10.99 -14.87
N ASN E 122 -33.19 -11.79 -14.96
CA ASN E 122 -34.25 -11.60 -15.96
C ASN E 122 -33.71 -11.69 -17.39
N LEU E 123 -32.81 -12.57 -17.60
CA LEU E 123 -32.33 -12.74 -18.97
C LEU E 123 -33.19 -13.74 -19.73
N PRO E 124 -33.37 -13.56 -21.05
CA PRO E 124 -34.26 -14.46 -21.79
C PRO E 124 -33.60 -15.72 -22.32
N TYR E 125 -32.53 -16.17 -21.68
CA TYR E 125 -31.84 -17.39 -22.09
C TYR E 125 -32.36 -18.53 -21.22
N LYS E 126 -32.73 -19.65 -21.84
CA LYS E 126 -33.15 -20.81 -21.06
C LYS E 126 -31.95 -21.45 -20.36
N ASP E 127 -30.80 -21.46 -21.03
CA ASP E 127 -29.60 -22.08 -20.50
C ASP E 127 -28.39 -21.35 -21.08
N LYS E 128 -27.19 -21.82 -20.69
CA LYS E 128 -25.96 -21.17 -21.12
C LYS E 128 -25.71 -21.34 -22.62
N TYR E 129 -26.26 -22.38 -23.24
CA TYR E 129 -26.05 -22.53 -24.68
C TYR E 129 -26.68 -21.38 -25.44
N GLU E 130 -27.90 -20.99 -25.06
CA GLU E 130 -28.53 -19.84 -25.73
C GLU E 130 -27.70 -18.58 -25.53
N ALA E 131 -27.12 -18.41 -24.35
CA ALA E 131 -26.23 -17.27 -24.11
C ALA E 131 -25.02 -17.31 -25.02
N LEU E 132 -24.46 -18.50 -25.27
CA LEU E 132 -23.31 -18.60 -26.18
C LEU E 132 -23.71 -18.28 -27.61
N ILE E 133 -24.86 -18.80 -28.04
CA ILE E 133 -25.39 -18.46 -29.36
C ILE E 133 -25.48 -16.94 -29.49
N MET E 134 -26.07 -16.29 -28.49
CA MET E 134 -26.23 -14.85 -28.54
C MET E 134 -24.86 -14.17 -28.57
N ALA E 135 -23.90 -14.74 -27.84
CA ALA E 135 -22.57 -14.16 -27.83
C ALA E 135 -21.98 -14.18 -29.23
N SER E 136 -22.23 -15.27 -29.96
CA SER E 136 -21.76 -15.35 -31.34
C SER E 136 -22.39 -14.28 -32.20
N ILE E 137 -23.72 -14.09 -32.07
CA ILE E 137 -24.39 -13.05 -32.86
C ILE E 137 -23.80 -11.67 -32.54
N VAL E 138 -23.67 -11.36 -31.25
CA VAL E 138 -23.14 -10.07 -30.84
C VAL E 138 -21.74 -9.88 -31.39
N GLU E 139 -20.90 -10.91 -31.25
CA GLU E 139 -19.54 -10.83 -31.76
C GLU E 139 -19.54 -10.53 -33.25
N LYS E 140 -20.43 -11.17 -34.00
CA LYS E 140 -20.42 -10.92 -35.43
C LYS E 140 -21.04 -9.58 -35.78
N GLU E 141 -21.70 -8.92 -34.83
CA GLU E 141 -22.35 -7.65 -35.12
C GLU E 141 -21.53 -6.42 -34.74
N THR E 142 -20.36 -6.57 -34.12
CA THR E 142 -19.63 -5.38 -33.70
C THR E 142 -18.13 -5.63 -33.64
N SER E 143 -17.39 -4.54 -33.86
CA SER E 143 -15.93 -4.53 -33.83
C SER E 143 -15.37 -3.70 -32.69
N LEU E 144 -16.15 -2.80 -32.10
CA LEU E 144 -15.73 -1.99 -30.98
C LEU E 144 -16.22 -2.64 -29.68
N ASP E 145 -15.30 -2.83 -28.73
CA ASP E 145 -15.70 -3.35 -27.41
C ASP E 145 -16.70 -2.41 -26.74
N SER E 146 -16.53 -1.10 -26.96
CA SER E 146 -17.40 -0.11 -26.33
C SER E 146 -18.87 -0.41 -26.57
N GLU E 147 -19.21 -1.02 -27.71
CA GLU E 147 -20.59 -1.22 -28.08
C GLU E 147 -21.14 -2.60 -27.75
N LEU E 148 -20.31 -3.54 -27.31
CA LEU E 148 -20.79 -4.90 -27.10
C LEU E 148 -22.07 -4.93 -26.24
N THR E 149 -22.01 -4.35 -25.05
CA THR E 149 -23.19 -4.36 -24.20
C THR E 149 -24.40 -3.81 -24.95
N GLN E 150 -24.21 -2.67 -25.64
CA GLN E 150 -25.33 -2.08 -26.38
C GLN E 150 -25.86 -3.03 -27.44
N VAL E 151 -24.98 -3.66 -28.21
CA VAL E 151 -25.49 -4.61 -29.18
C VAL E 151 -26.32 -5.67 -28.46
N SER E 152 -25.75 -6.27 -27.41
CA SER E 152 -26.48 -7.31 -26.69
C SER E 152 -27.84 -6.80 -26.25
N GLY E 153 -27.86 -5.58 -25.70
CA GLY E 153 -29.13 -5.01 -25.24
C GLY E 153 -30.17 -5.03 -26.33
N VAL E 154 -29.82 -4.48 -27.50
CA VAL E 154 -30.78 -4.40 -28.59
C VAL E 154 -31.38 -5.77 -28.85
N PHE E 155 -30.53 -6.79 -28.93
CA PHE E 155 -31.06 -8.10 -29.25
C PHE E 155 -31.83 -8.68 -28.07
N VAL E 156 -31.29 -8.56 -26.85
CA VAL E 156 -31.94 -9.17 -25.69
C VAL E 156 -33.35 -8.61 -25.55
N ARG E 157 -33.46 -7.28 -25.60
CA ARG E 157 -34.77 -6.65 -25.58
C ARG E 157 -35.67 -7.23 -26.67
N ARG E 158 -35.15 -7.35 -27.90
CA ARG E 158 -35.96 -7.89 -28.98
C ARG E 158 -36.51 -9.26 -28.62
N LEU E 159 -35.67 -10.13 -28.05
CA LEU E 159 -36.14 -11.47 -27.69
C LEU E 159 -37.32 -11.36 -26.74
N LYS E 160 -37.23 -10.42 -25.81
CA LYS E 160 -38.30 -10.26 -24.83
C LYS E 160 -39.57 -9.72 -25.47
N LEU E 161 -39.43 -8.91 -26.51
CA LEU E 161 -40.58 -8.29 -27.17
C LEU E 161 -41.12 -9.13 -28.30
N GLY E 162 -40.54 -10.29 -28.55
CA GLY E 162 -40.98 -11.13 -29.64
C GLY E 162 -40.49 -10.70 -31.00
N MET E 163 -39.66 -9.67 -31.09
CA MET E 163 -39.19 -9.21 -32.38
C MET E 163 -38.14 -10.15 -32.93
N ARG E 164 -38.09 -10.26 -34.24
CA ARG E 164 -37.06 -11.06 -34.89
C ARG E 164 -35.76 -10.29 -34.88
N LEU E 165 -34.64 -11.01 -34.75
CA LEU E 165 -33.36 -10.34 -34.54
C LEU E 165 -32.88 -9.66 -35.80
N GLN E 166 -33.23 -10.20 -36.98
CA GLN E 166 -32.93 -9.53 -38.25
C GLN E 166 -31.45 -9.17 -38.38
N THR E 167 -30.61 -10.17 -38.15
CA THR E 167 -29.16 -9.99 -38.18
C THR E 167 -28.63 -10.83 -39.34
N ASP E 168 -27.83 -10.22 -40.19
CA ASP E 168 -27.40 -10.83 -41.45
C ASP E 168 -26.40 -11.97 -41.31
N PRO E 169 -25.44 -11.89 -40.38
CA PRO E 169 -24.51 -13.02 -40.24
C PRO E 169 -25.25 -14.34 -40.02
N THR E 170 -26.43 -14.29 -39.40
CA THR E 170 -27.20 -15.51 -39.19
C THR E 170 -27.67 -16.07 -40.52
N VAL E 171 -28.12 -15.19 -41.43
CA VAL E 171 -28.58 -15.67 -42.73
C VAL E 171 -27.41 -16.19 -43.54
N ILE E 172 -26.27 -15.50 -43.50
CA ILE E 172 -25.09 -16.03 -44.17
C ILE E 172 -24.81 -17.46 -43.71
N TYR E 173 -24.78 -17.65 -42.39
CA TYR E 173 -24.52 -18.96 -41.81
C TYR E 173 -25.55 -19.98 -42.27
N GLY E 174 -26.82 -19.56 -42.34
CA GLY E 174 -27.88 -20.45 -42.78
C GLY E 174 -27.74 -20.87 -44.23
N MET E 175 -27.20 -19.98 -45.08
CA MET E 175 -27.01 -20.37 -46.46
C MET E 175 -25.84 -21.31 -46.58
N GLY E 176 -24.85 -21.14 -45.71
CA GLY E 176 -23.75 -22.08 -45.66
C GLY E 176 -22.90 -22.15 -46.91
N ALA E 177 -22.85 -23.32 -47.56
CA ALA E 177 -21.95 -23.47 -48.70
C ALA E 177 -22.35 -22.59 -49.87
N ASN E 178 -23.64 -22.23 -49.98
CA ASN E 178 -24.13 -21.43 -51.09
C ASN E 178 -23.82 -19.95 -50.92
N TYR E 179 -22.92 -19.60 -50.02
CA TYR E 179 -22.59 -18.21 -49.72
C TYR E 179 -21.22 -17.97 -50.35
N LYS E 180 -21.18 -17.05 -51.30
CA LYS E 180 -19.98 -16.78 -52.08
C LYS E 180 -19.39 -15.41 -51.80
N GLY E 181 -19.73 -14.82 -50.64
CA GLY E 181 -19.30 -13.50 -50.28
C GLY E 181 -20.28 -12.40 -50.62
N ASN E 182 -21.49 -12.73 -51.04
CA ASN E 182 -22.49 -11.76 -51.44
C ASN E 182 -23.87 -12.27 -51.06
N ILE E 183 -24.75 -11.36 -50.63
CA ILE E 183 -26.10 -11.68 -50.22
C ILE E 183 -27.07 -10.88 -51.09
N THR E 184 -28.14 -11.54 -51.52
CA THR E 184 -29.18 -10.98 -52.36
C THR E 184 -30.47 -10.82 -51.57
N ARG E 185 -31.44 -10.09 -52.14
CA ARG E 185 -32.70 -9.88 -51.43
C ARG E 185 -33.46 -11.18 -51.23
N GLU E 186 -33.44 -12.07 -52.22
CA GLU E 186 -34.09 -13.36 -52.02
C GLU E 186 -33.32 -14.22 -51.01
N ASP E 187 -31.99 -14.06 -50.90
CA ASP E 187 -31.28 -14.77 -49.83
C ASP E 187 -31.89 -14.43 -48.49
N LEU E 188 -32.13 -13.14 -48.24
CA LEU E 188 -32.77 -12.75 -47.00
C LEU E 188 -34.22 -13.21 -46.96
N ARG E 189 -34.84 -13.45 -48.12
CA ARG E 189 -36.23 -13.88 -48.16
C ARG E 189 -36.40 -15.39 -48.01
N THR E 190 -35.30 -16.16 -48.15
CA THR E 190 -35.37 -17.62 -48.16
C THR E 190 -35.26 -18.19 -46.75
N PRO E 191 -36.27 -18.92 -46.25
CA PRO E 191 -36.18 -19.47 -44.88
C PRO E 191 -35.18 -20.60 -44.66
N THR E 192 -34.07 -20.32 -44.01
CA THR E 192 -33.18 -21.31 -43.43
C THR E 192 -33.42 -21.42 -41.92
N PRO E 193 -32.96 -22.50 -41.28
CA PRO E 193 -33.06 -22.59 -39.82
C PRO E 193 -32.33 -21.47 -39.09
N TYR E 194 -31.31 -20.87 -39.71
CA TYR E 194 -30.51 -19.81 -39.10
C TYR E 194 -30.95 -18.42 -39.53
N ASN E 195 -31.98 -18.30 -40.38
CA ASN E 195 -32.40 -17.01 -40.90
C ASN E 195 -33.27 -16.31 -39.87
N THR E 196 -32.72 -15.29 -39.19
CA THR E 196 -33.44 -14.55 -38.17
C THR E 196 -34.38 -13.51 -38.74
N TYR E 197 -34.49 -13.39 -40.07
CA TYR E 197 -35.59 -12.60 -40.63
C TYR E 197 -36.86 -13.43 -40.75
N THR E 198 -36.72 -14.75 -40.85
CA THR E 198 -37.85 -15.65 -41.00
C THR E 198 -38.18 -16.42 -39.73
N ILE E 199 -37.19 -16.63 -38.86
CA ILE E 199 -37.38 -17.37 -37.62
C ILE E 199 -37.64 -16.37 -36.51
N ASN E 200 -38.33 -16.82 -35.47
CA ASN E 200 -38.55 -16.01 -34.28
C ASN E 200 -37.55 -16.49 -33.22
N GLY E 201 -36.81 -15.56 -32.65
CA GLY E 201 -35.86 -15.93 -31.62
C GLY E 201 -34.49 -16.27 -32.18
N LEU E 202 -33.76 -17.06 -31.39
CA LEU E 202 -32.38 -17.42 -31.67
C LEU E 202 -32.28 -18.56 -32.67
N PRO E 203 -31.18 -18.64 -33.41
CA PRO E 203 -30.96 -19.77 -34.33
C PRO E 203 -30.63 -21.03 -33.55
N PRO E 204 -30.64 -22.20 -34.21
CA PRO E 204 -30.46 -23.45 -33.46
C PRO E 204 -29.09 -23.60 -32.81
N THR E 205 -28.03 -23.09 -33.41
CA THR E 205 -26.68 -23.19 -32.86
C THR E 205 -26.00 -21.84 -32.98
N PRO E 206 -24.80 -21.70 -32.41
CA PRO E 206 -24.02 -20.49 -32.66
C PRO E 206 -23.60 -20.41 -34.12
N ILE E 207 -23.18 -19.22 -34.52
CA ILE E 207 -22.78 -18.94 -35.90
C ILE E 207 -21.30 -18.56 -36.00
N ALA E 208 -20.59 -18.55 -34.88
CA ALA E 208 -19.18 -18.18 -34.87
C ALA E 208 -18.62 -18.53 -33.49
N LEU E 209 -17.32 -18.28 -33.31
CA LEU E 209 -16.67 -18.54 -32.03
C LEU E 209 -16.64 -17.25 -31.24
N PRO E 210 -17.41 -17.11 -30.17
CA PRO E 210 -17.47 -15.83 -29.45
C PRO E 210 -16.29 -15.64 -28.51
N SER E 211 -15.94 -14.37 -28.32
CA SER E 211 -14.88 -14.04 -27.39
C SER E 211 -15.41 -13.99 -25.96
N GLN E 212 -14.48 -13.91 -25.00
CA GLN E 212 -14.89 -13.84 -23.61
C GLN E 212 -15.68 -12.57 -23.34
N LYS E 213 -15.23 -11.45 -23.91
CA LYS E 213 -15.94 -10.20 -23.75
C LYS E 213 -17.35 -10.29 -24.34
N ALA E 214 -17.49 -11.00 -25.47
CA ALA E 214 -18.80 -11.13 -26.11
C ALA E 214 -19.73 -12.01 -25.30
N ILE E 215 -19.23 -13.06 -24.67
CA ILE E 215 -20.07 -13.85 -23.77
C ILE E 215 -20.51 -13.00 -22.59
N GLU E 216 -19.57 -12.27 -21.99
CA GLU E 216 -19.92 -11.42 -20.85
C GLU E 216 -20.96 -10.37 -21.25
N ALA E 217 -20.79 -9.77 -22.43
CA ALA E 217 -21.76 -8.78 -22.91
C ALA E 217 -23.13 -9.41 -23.10
N ALA E 218 -23.17 -10.58 -23.74
CA ALA E 218 -24.42 -11.30 -23.92
C ALA E 218 -25.10 -11.54 -22.58
N LEU E 219 -24.33 -11.74 -21.51
CA LEU E 219 -24.93 -11.98 -20.21
C LEU E 219 -25.08 -10.71 -19.37
N HIS E 220 -24.68 -9.55 -19.88
CA HIS E 220 -24.84 -8.28 -19.17
C HIS E 220 -25.27 -7.20 -20.14
N PRO E 221 -26.50 -7.24 -20.61
CA PRO E 221 -26.99 -6.20 -21.53
C PRO E 221 -27.11 -4.85 -20.83
N ASP E 222 -27.11 -3.79 -21.65
CA ASP E 222 -27.22 -2.43 -21.15
C ASP E 222 -28.67 -2.06 -20.84
N ASP E 223 -28.83 -1.01 -20.06
CA ASP E 223 -30.14 -0.50 -19.67
C ASP E 223 -30.51 0.63 -20.61
N SER E 224 -31.33 0.32 -21.61
CA SER E 224 -31.70 1.28 -22.64
C SER E 224 -33.01 0.80 -23.24
N ASN E 225 -33.64 1.66 -24.04
CA ASN E 225 -34.85 1.29 -24.75
C ASN E 225 -34.58 1.02 -26.23
N ASN E 226 -33.35 1.13 -26.68
CA ASN E 226 -33.04 1.02 -28.10
C ASN E 226 -33.26 -0.41 -28.61
N ILE E 227 -33.94 -0.53 -29.75
CA ILE E 227 -34.10 -1.85 -30.35
C ILE E 227 -33.67 -1.86 -31.81
N TYR E 228 -33.06 -0.78 -32.28
CA TYR E 228 -32.57 -0.73 -33.65
C TYR E 228 -31.14 -0.21 -33.65
N PHE E 229 -30.34 -0.63 -34.63
CA PHE E 229 -29.03 0.00 -34.80
C PHE E 229 -28.51 -0.22 -36.21
N VAL E 230 -27.62 0.69 -36.64
CA VAL E 230 -27.01 0.56 -37.95
C VAL E 230 -25.61 1.16 -37.95
N ALA E 231 -24.72 0.56 -38.73
CA ALA E 231 -23.33 1.00 -38.81
C ALA E 231 -23.19 2.45 -39.29
N THR E 232 -22.18 3.12 -38.76
CA THR E 232 -21.77 4.46 -39.20
C THR E 232 -20.81 4.42 -40.37
N GLY E 233 -20.01 3.34 -40.50
CA GLY E 233 -18.97 3.29 -41.49
C GLY E 233 -17.57 3.50 -40.95
N ASN E 234 -17.44 3.96 -39.71
CA ASN E 234 -16.15 4.12 -39.06
C ASN E 234 -15.91 3.06 -37.99
N GLY E 235 -16.66 1.97 -38.06
CA GLY E 235 -16.57 0.90 -37.08
C GLY E 235 -17.68 0.91 -36.04
N GLY E 236 -18.34 2.04 -35.82
CA GLY E 236 -19.40 2.14 -34.83
C GLY E 236 -20.79 1.98 -35.40
N HIS E 237 -21.78 2.17 -34.52
CA HIS E 237 -23.19 2.09 -34.86
C HIS E 237 -23.96 3.23 -34.23
N LYS E 238 -25.14 3.51 -34.79
CA LYS E 238 -26.13 4.40 -34.20
C LYS E 238 -27.29 3.54 -33.70
N PHE E 239 -27.64 3.71 -32.42
CA PHE E 239 -28.68 2.95 -31.73
C PHE E 239 -29.88 3.83 -31.47
N THR E 240 -31.08 3.26 -31.59
CA THR E 240 -32.28 4.04 -31.38
C THR E 240 -33.43 3.12 -30.99
N ALA E 241 -34.51 3.75 -30.54
CA ALA E 241 -35.74 3.09 -30.13
C ALA E 241 -36.90 3.31 -31.09
N ASP E 242 -36.70 4.07 -32.18
CA ASP E 242 -37.78 4.36 -33.13
C ASP E 242 -37.32 4.14 -34.56
N LEU E 243 -38.28 3.80 -35.43
CA LEU E 243 -37.90 3.42 -36.79
C LEU E 243 -37.45 4.60 -37.63
N GLN E 244 -38.01 5.80 -37.44
CA GLN E 244 -37.71 6.91 -38.32
C GLN E 244 -36.28 7.42 -38.16
N ALA E 245 -35.83 7.56 -36.92
CA ALA E 245 -34.43 7.93 -36.70
C ALA E 245 -33.52 6.84 -37.26
N HIS E 246 -33.92 5.58 -37.07
CA HIS E 246 -33.16 4.49 -37.64
C HIS E 246 -33.06 4.64 -39.15
N ASN E 247 -34.15 5.02 -39.82
CA ASN E 247 -34.15 5.15 -41.27
C ASN E 247 -33.28 6.33 -41.73
N GLN E 248 -33.33 7.45 -41.03
CA GLN E 248 -32.41 8.54 -41.37
C GLN E 248 -30.97 8.02 -41.33
N ALA E 249 -30.64 7.29 -40.26
CA ALA E 249 -29.28 6.77 -40.12
C ALA E 249 -28.94 5.77 -41.23
N VAL E 250 -29.91 4.92 -41.60
CA VAL E 250 -29.62 3.89 -42.59
C VAL E 250 -29.32 4.52 -43.93
N GLN E 251 -30.10 5.52 -44.32
CA GLN E 251 -29.82 6.21 -45.58
C GLN E 251 -28.47 6.91 -45.54
N GLU E 252 -28.12 7.56 -44.42
CA GLU E 252 -26.80 8.18 -44.33
C GLU E 252 -25.68 7.17 -44.52
N TYR E 253 -25.80 6.00 -43.88
CA TYR E 253 -24.77 4.99 -44.03
C TYR E 253 -24.73 4.45 -45.46
N LEU E 254 -25.91 4.29 -46.07
CA LEU E 254 -25.97 3.85 -47.47
C LEU E 254 -25.24 4.84 -48.37
N SER E 255 -25.48 6.14 -48.17
CA SER E 255 -24.83 7.16 -48.97
C SER E 255 -23.32 7.11 -48.80
N VAL E 256 -22.86 6.99 -47.56
CA VAL E 256 -21.41 6.98 -47.31
C VAL E 256 -20.79 5.75 -47.98
N LEU E 257 -21.45 4.60 -47.87
CA LEU E 257 -20.87 3.39 -48.41
C LEU E 257 -20.87 3.36 -49.95
N ARG E 258 -21.93 3.91 -50.58
CA ARG E 258 -21.90 4.02 -52.04
C ARG E 258 -20.84 5.01 -52.50
N SER E 259 -20.86 6.21 -51.94
CA SER E 259 -19.96 7.28 -52.36
C SER E 259 -18.50 6.93 -52.13
N LYS E 260 -18.20 6.17 -51.07
CA LYS E 260 -16.81 5.84 -50.82
C LYS E 260 -16.23 5.00 -51.95
N LYS E 261 -16.96 3.98 -52.41
CA LYS E 261 -16.50 3.13 -53.49
C LYS E 261 -17.54 3.05 -54.61
N LEU F 37 9.98 -29.15 12.04
CA LEU F 37 9.52 -30.52 12.12
C LEU F 37 7.99 -30.55 12.12
N VAL F 38 7.40 -30.43 13.30
CA VAL F 38 5.95 -30.35 13.47
C VAL F 38 5.66 -28.97 14.06
N ILE F 39 4.99 -28.12 13.28
CA ILE F 39 4.77 -26.72 13.63
C ILE F 39 3.41 -26.59 14.30
N GLU F 40 3.31 -25.66 15.23
CA GLU F 40 2.05 -25.45 15.94
C GLU F 40 0.94 -25.07 14.97
N GLY F 41 -0.25 -25.64 15.18
CA GLY F 41 -1.40 -25.40 14.34
C GLY F 41 -1.61 -26.39 13.21
N THR F 42 -0.67 -27.30 12.99
CA THR F 42 -0.75 -28.30 11.94
C THR F 42 -1.69 -29.43 12.36
N THR F 43 -2.15 -30.18 11.37
CA THR F 43 -3.04 -31.30 11.66
C THR F 43 -2.23 -32.52 12.10
N PHE F 44 -2.90 -33.41 12.82
CA PHE F 44 -2.30 -34.70 13.10
C PHE F 44 -1.96 -35.42 11.80
N LYS F 45 -2.92 -35.42 10.86
CA LYS F 45 -2.69 -36.05 9.57
C LYS F 45 -1.46 -35.48 8.87
N GLN F 46 -1.27 -34.16 8.99
CA GLN F 46 -0.09 -33.54 8.41
C GLN F 46 1.19 -34.18 8.93
N LEU F 47 1.26 -34.43 10.24
CA LEU F 47 2.43 -35.12 10.80
C LEU F 47 2.46 -36.58 10.36
N ILE F 48 1.29 -37.21 10.25
CA ILE F 48 1.24 -38.63 9.90
C ILE F 48 1.88 -38.88 8.54
N THR F 49 1.52 -38.07 7.53
CA THR F 49 2.13 -38.29 6.21
C THR F 49 3.62 -37.97 6.23
N ALA F 50 4.02 -36.88 6.89
CA ALA F 50 5.44 -36.49 6.95
C ALA F 50 6.21 -37.39 7.92
N LYS F 52 5.61 -40.51 7.41
CA LYS F 52 5.36 -41.73 6.65
C LYS F 52 6.03 -41.69 5.28
N ASN F 53 6.34 -40.48 4.82
CA ASN F 53 7.02 -40.28 3.54
C ASN F 53 8.52 -40.03 3.69
N ASP F 54 9.13 -40.48 4.78
CA ASP F 54 10.55 -40.31 4.99
C ASP F 54 11.30 -41.65 5.00
N LYS F 55 12.60 -41.53 4.74
CA LYS F 55 13.49 -42.69 4.84
C LYS F 55 13.61 -43.17 6.28
N ASN F 56 13.70 -42.24 7.23
CA ASN F 56 14.05 -42.63 8.59
C ASN F 56 12.93 -43.39 9.29
N VAL F 57 11.67 -43.06 9.00
CA VAL F 57 10.54 -43.74 9.63
C VAL F 57 9.80 -44.56 8.60
N LYS F 58 9.68 -45.86 8.86
CA LYS F 58 8.93 -46.77 8.01
C LYS F 58 7.46 -46.80 8.43
N ASN F 59 6.64 -47.39 7.57
CA ASN F 59 5.19 -47.41 7.75
C ASN F 59 4.91 -48.74 8.46
N THR F 60 4.90 -48.67 9.80
CA THR F 60 4.70 -49.83 10.67
C THR F 60 3.29 -49.90 11.23
N ILE F 61 2.80 -48.78 11.75
CA ILE F 61 1.47 -48.72 12.35
C ILE F 61 0.82 -47.47 11.80
N LEU F 62 1.46 -46.89 10.76
CA LEU F 62 1.05 -45.59 10.23
C LEU F 62 -0.20 -45.68 9.37
N ASP F 63 -0.43 -46.81 8.71
CA ASP F 63 -1.60 -46.99 7.87
C ASP F 63 -2.69 -47.77 8.58
N LEU F 64 -2.59 -47.95 9.91
CA LEU F 64 -3.62 -48.61 10.67
C LEU F 64 -4.78 -47.65 10.87
N PRO F 65 -6.01 -48.15 11.07
CA PRO F 65 -7.09 -47.24 11.48
C PRO F 65 -6.71 -46.52 12.76
N ASP F 66 -7.20 -45.29 12.90
CA ASP F 66 -6.72 -44.42 13.97
C ASP F 66 -7.17 -44.90 15.35
N ASP F 67 -8.38 -45.43 15.46
CA ASP F 67 -8.83 -45.96 16.76
C ASP F 67 -7.97 -47.15 17.18
N GLN F 68 -7.82 -48.12 16.29
CA GLN F 68 -6.96 -49.27 16.58
C GLN F 68 -5.52 -48.82 16.74
N LEU F 69 -5.13 -47.73 16.06
CA LEU F 69 -3.77 -47.24 16.21
C LEU F 69 -3.56 -46.64 17.59
N MET F 70 -4.56 -45.90 18.08
CA MET F 70 -4.48 -45.35 19.43
C MET F 70 -4.41 -46.47 20.46
N LYS F 71 -5.12 -47.57 20.19
CA LYS F 71 -4.98 -48.75 21.04
C LYS F 71 -3.55 -49.29 20.98
N ALA F 72 -2.97 -49.32 19.77
CA ALA F 72 -1.65 -49.90 19.57
C ALA F 72 -0.53 -49.04 20.14
N LEU F 73 -0.65 -47.71 20.09
CA LEU F 73 0.46 -46.84 20.48
C LEU F 73 0.65 -46.72 21.99
N GLY F 74 -0.32 -47.20 22.77
CA GLY F 74 -0.20 -47.15 24.22
C GLY F 74 -0.64 -45.86 24.88
N PRO F 76 -4.25 -43.83 24.89
CA PRO F 76 -5.46 -44.08 25.68
C PRO F 76 -6.65 -43.20 25.32
N TYR F 77 -6.46 -42.33 24.32
CA TYR F 77 -7.51 -41.50 23.75
C TYR F 77 -8.04 -42.17 22.49
N HIS F 78 -9.33 -41.98 22.22
CA HIS F 78 -9.94 -42.64 21.06
C HIS F 78 -9.51 -41.98 19.76
N HIS F 79 -9.39 -40.64 19.74
CA HIS F 79 -9.03 -39.87 18.54
C HIS F 79 -7.65 -39.24 18.72
N PRO F 80 -6.82 -39.21 17.68
CA PRO F 80 -5.41 -38.83 17.85
C PRO F 80 -5.09 -37.34 17.75
N GLU F 81 -6.06 -36.46 17.46
CA GLU F 81 -5.73 -35.08 17.18
C GLU F 81 -5.35 -34.37 18.48
N GLY F 82 -4.31 -33.55 18.43
CA GLY F 82 -3.96 -32.71 19.56
C GLY F 82 -3.08 -33.35 20.61
N LEU F 83 -2.70 -34.61 20.44
CA LEU F 83 -2.01 -35.38 21.47
C LEU F 83 -0.50 -35.42 21.26
N PHE F 84 0.04 -34.63 20.34
CA PHE F 84 1.45 -34.66 19.98
C PHE F 84 1.96 -33.24 19.91
N ALA F 85 3.03 -32.97 20.62
CA ALA F 85 3.41 -31.58 20.87
C ALA F 85 4.16 -31.01 19.68
N PRO F 86 3.72 -29.87 19.13
CA PRO F 86 4.51 -29.20 18.09
C PRO F 86 5.74 -28.56 18.70
N ASN F 87 6.89 -28.77 18.05
CA ASN F 87 8.16 -28.20 18.47
C ASN F 87 9.15 -28.35 17.32
N THR F 88 10.29 -27.68 17.47
CA THR F 88 11.38 -27.77 16.50
C THR F 88 12.41 -28.82 16.94
N TYR F 89 11.93 -30.05 17.18
CA TYR F 89 12.81 -31.15 17.56
C TYR F 89 12.86 -32.15 16.41
N THR F 96 13.45 -44.48 14.30
CA THR F 96 12.47 -45.37 14.93
C THR F 96 11.05 -44.85 14.71
N ASP F 97 10.09 -45.77 14.60
CA ASP F 97 8.69 -45.36 14.52
C ASP F 97 8.23 -44.72 15.84
N LYS F 98 8.64 -45.31 16.97
CA LYS F 98 8.19 -44.84 18.28
C LYS F 98 8.79 -43.49 18.65
N LYS F 99 10.06 -43.25 18.31
CA LYS F 99 10.67 -41.93 18.55
C LYS F 99 11.00 -41.76 20.02
N LEU F 101 6.62 -40.69 17.57
CA LEU F 101 5.37 -40.13 18.08
C LEU F 101 5.31 -40.23 19.60
N THR F 102 5.79 -41.37 20.11
CA THR F 102 5.71 -41.64 21.54
C THR F 102 6.35 -40.52 22.35
N ASP F 103 7.55 -40.09 21.97
CA ASP F 103 8.21 -39.06 22.76
C ASP F 103 7.40 -37.78 22.72
N LEU F 104 6.88 -37.45 21.54
CA LEU F 104 6.07 -36.25 21.42
C LEU F 104 4.84 -36.33 22.32
N TYR F 105 4.18 -37.49 22.35
CA TYR F 105 3.02 -37.62 23.22
C TYR F 105 3.41 -37.32 24.66
N HIS F 106 4.51 -37.94 25.13
CA HIS F 106 4.91 -37.69 26.51
C HIS F 106 5.21 -36.22 26.69
N ARG F 107 5.92 -35.64 25.72
CA ARG F 107 6.24 -34.23 25.79
C ARG F 107 4.97 -33.41 25.82
N GLN F 108 3.98 -33.81 25.02
CA GLN F 108 2.71 -33.08 25.02
C GLN F 108 1.98 -33.23 26.36
N MET F 109 1.88 -34.47 26.87
CA MET F 109 1.06 -34.65 28.07
C MET F 109 1.75 -34.02 29.27
N LYS F 110 3.08 -34.13 29.33
CA LYS F 110 3.82 -33.41 30.35
C LYS F 110 3.43 -31.94 30.32
N ALA F 111 3.50 -31.32 29.14
CA ALA F 111 3.16 -29.91 29.06
C ALA F 111 1.77 -29.67 29.59
N LEU F 112 0.80 -30.48 29.14
CA LEU F 112 -0.57 -30.23 29.55
C LEU F 112 -0.71 -30.39 31.06
N ASP F 113 -0.08 -31.44 31.60
CA ASP F 113 -0.19 -31.67 33.03
C ASP F 113 0.38 -30.50 33.80
N ALA F 114 1.55 -30.01 33.39
CA ALA F 114 2.10 -28.84 34.06
C ALA F 114 1.10 -27.71 34.02
N ALA F 115 0.55 -27.44 32.82
CA ALA F 115 -0.36 -26.32 32.68
C ALA F 115 -1.61 -26.56 33.51
N TRP F 116 -2.12 -27.80 33.52
CA TRP F 116 -3.34 -28.02 34.28
C TRP F 116 -3.08 -27.82 35.76
N ALA F 117 -1.86 -28.18 36.23
CA ALA F 117 -1.57 -28.10 37.66
C ALA F 117 -1.58 -26.67 38.17
N LYS F 118 -1.09 -25.73 37.36
CA LYS F 118 -1.00 -24.33 37.76
C LYS F 118 -2.16 -23.50 37.21
N ARG F 119 -3.26 -24.14 36.82
CA ARG F 119 -4.27 -23.42 36.07
C ARG F 119 -5.00 -22.39 36.94
N ALA F 120 -5.72 -21.50 36.28
CA ALA F 120 -6.50 -20.45 36.91
C ALA F 120 -7.80 -20.98 37.49
N PRO F 121 -8.39 -20.27 38.45
CA PRO F 121 -9.65 -20.72 39.03
C PRO F 121 -10.87 -20.35 38.18
N ASN F 122 -11.97 -21.04 38.48
CA ASN F 122 -13.30 -20.81 37.89
C ASN F 122 -13.26 -20.98 36.37
N LEU F 123 -12.48 -21.92 35.90
CA LEU F 123 -12.43 -22.18 34.46
C LEU F 123 -13.55 -23.14 34.07
N PRO F 124 -14.10 -23.00 32.87
CA PRO F 124 -15.26 -23.84 32.51
C PRO F 124 -14.87 -25.19 31.94
N TYR F 125 -13.72 -25.71 32.33
CA TYR F 125 -13.26 -27.01 31.84
C TYR F 125 -13.56 -28.07 32.88
N LYS F 126 -14.18 -29.17 32.44
CA LYS F 126 -14.40 -30.30 33.35
C LYS F 126 -13.10 -31.05 33.61
N ASP F 127 -12.22 -31.15 32.61
CA ASP F 127 -11.00 -31.92 32.75
C ASP F 127 -9.94 -31.34 31.81
N LYS F 128 -8.74 -31.91 31.86
CA LYS F 128 -7.64 -31.38 31.07
C LYS F 128 -7.88 -31.57 29.57
N TYR F 129 -8.67 -32.57 29.19
CA TYR F 129 -8.95 -32.79 27.77
C TYR F 129 -9.71 -31.61 27.18
N GLU F 130 -10.70 -31.10 27.90
CA GLU F 130 -11.42 -29.92 27.40
C GLU F 130 -10.49 -28.73 27.27
N ALA F 131 -9.56 -28.59 28.22
CA ALA F 131 -8.56 -27.53 28.10
C ALA F 131 -7.73 -27.71 26.85
N LEU F 132 -7.40 -28.96 26.49
CA LEU F 132 -6.63 -29.20 25.28
C LEU F 132 -7.44 -28.84 24.04
N ILE F 133 -8.72 -29.21 24.03
CA ILE F 133 -9.60 -28.82 22.94
C ILE F 133 -9.57 -27.30 22.78
N MET F 134 -9.74 -26.58 23.89
CA MET F 134 -9.74 -25.13 23.81
C MET F 134 -8.40 -24.59 23.35
N ALA F 135 -7.30 -25.23 23.78
CA ALA F 135 -5.99 -24.79 23.36
C ALA F 135 -5.84 -24.91 21.86
N SER F 136 -6.36 -26.00 21.29
CA SER F 136 -6.33 -26.15 19.83
C SER F 136 -7.17 -25.07 19.15
N ILE F 137 -8.38 -24.83 19.69
CA ILE F 137 -9.25 -23.78 19.13
C ILE F 137 -8.50 -22.45 19.10
N VAL F 138 -7.91 -22.07 20.24
CA VAL F 138 -7.19 -20.82 20.34
C VAL F 138 -6.01 -20.77 19.37
N GLU F 139 -5.29 -21.90 19.24
CA GLU F 139 -4.04 -21.89 18.47
C GLU F 139 -4.25 -21.45 17.03
N LYS F 140 -5.19 -22.08 16.34
CA LYS F 140 -5.39 -21.77 14.92
C LYS F 140 -6.19 -20.48 14.71
N GLU F 141 -6.70 -19.86 15.77
CA GLU F 141 -7.44 -18.61 15.62
C GLU F 141 -6.54 -17.39 15.68
N THR F 142 -5.24 -17.56 15.94
CA THR F 142 -4.33 -16.42 15.98
C THR F 142 -2.92 -16.92 15.68
N SER F 143 -2.09 -16.01 15.18
CA SER F 143 -0.68 -16.28 14.92
C SER F 143 0.24 -15.49 15.85
N LEU F 144 -0.28 -14.48 16.55
CA LEU F 144 0.50 -13.66 17.47
C LEU F 144 0.34 -14.17 18.90
N ASP F 145 1.47 -14.40 19.58
CA ASP F 145 1.43 -14.84 20.97
C ASP F 145 0.77 -13.80 21.87
N SER F 146 1.04 -12.52 21.61
CA SER F 146 0.51 -11.44 22.45
C SER F 146 -1.01 -11.50 22.61
N GLU F 147 -1.71 -12.06 21.63
CA GLU F 147 -3.16 -12.11 21.67
C GLU F 147 -3.70 -13.43 22.21
N LEU F 148 -2.83 -14.41 22.50
CA LEU F 148 -3.30 -15.72 22.91
C LEU F 148 -4.30 -15.62 24.06
N THR F 149 -3.88 -15.03 25.18
CA THR F 149 -4.77 -14.90 26.33
C THR F 149 -6.08 -14.20 25.94
N GLN F 150 -5.98 -13.14 25.13
CA GLN F 150 -7.19 -12.44 24.73
C GLN F 150 -8.13 -13.36 23.97
N VAL F 151 -7.59 -14.10 23.01
CA VAL F 151 -8.44 -15.05 22.29
C VAL F 151 -9.06 -16.02 23.30
N SER F 152 -8.21 -16.57 24.18
CA SER F 152 -8.70 -17.51 25.18
C SER F 152 -9.83 -16.89 25.99
N GLY F 153 -9.63 -15.64 26.41
CA GLY F 153 -10.68 -14.96 27.15
C GLY F 153 -11.98 -15.01 26.39
N VAL F 154 -11.95 -14.57 25.12
CA VAL F 154 -13.17 -14.51 24.31
C VAL F 154 -13.91 -15.84 24.40
N PHE F 155 -13.20 -16.94 24.21
CA PHE F 155 -13.90 -18.22 24.21
C PHE F 155 -14.29 -18.64 25.62
N VAL F 156 -13.39 -18.48 26.58
CA VAL F 156 -13.73 -18.92 27.93
C VAL F 156 -14.98 -18.19 28.41
N ARG F 157 -14.99 -16.86 28.30
CA ARG F 157 -16.17 -16.11 28.71
C ARG F 157 -17.41 -16.62 27.99
N ARG F 158 -17.31 -16.86 26.67
CA ARG F 158 -18.48 -17.33 25.94
C ARG F 158 -19.04 -18.57 26.58
N LEU F 159 -18.16 -19.53 26.90
CA LEU F 159 -18.61 -20.75 27.56
C LEU F 159 -19.35 -20.44 28.87
N LYS F 160 -18.80 -19.56 29.70
CA LYS F 160 -19.47 -19.24 30.94
C LYS F 160 -20.78 -18.53 30.69
N LEU F 161 -20.88 -17.77 29.58
CA LEU F 161 -22.12 -17.02 29.33
C LEU F 161 -23.13 -17.85 28.54
N GLY F 162 -22.78 -19.09 28.18
CA GLY F 162 -23.65 -19.95 27.42
C GLY F 162 -23.67 -19.73 25.93
N MET F 163 -22.83 -18.84 25.42
CA MET F 163 -22.78 -18.52 24.00
C MET F 163 -22.03 -19.59 23.22
N ARG F 164 -22.42 -19.78 21.96
CA ARG F 164 -21.68 -20.65 21.08
C ARG F 164 -20.39 -19.97 20.64
N LEU F 165 -19.33 -20.76 20.44
CA LEU F 165 -18.03 -20.16 20.18
C LEU F 165 -17.97 -19.57 18.79
N GLN F 166 -18.66 -20.19 17.82
CA GLN F 166 -18.79 -19.63 16.47
C GLN F 166 -17.42 -19.30 15.87
N THR F 167 -16.54 -20.29 15.89
CA THR F 167 -15.18 -20.17 15.41
C THR F 167 -15.05 -21.05 14.18
N ASP F 168 -14.56 -20.49 13.09
CA ASP F 168 -14.62 -21.12 11.78
C ASP F 168 -13.74 -22.36 11.71
N PRO F 169 -12.57 -22.37 12.36
CA PRO F 169 -11.71 -23.57 12.29
C PRO F 169 -12.41 -24.85 12.71
N THR F 170 -13.39 -24.78 13.61
CA THR F 170 -14.09 -26.00 14.01
C THR F 170 -14.87 -26.58 12.84
N VAL F 171 -15.59 -25.73 12.10
CA VAL F 171 -16.36 -26.21 10.95
C VAL F 171 -15.42 -26.65 9.82
N ILE F 172 -14.38 -25.87 9.55
CA ILE F 172 -13.40 -26.27 8.55
C ILE F 172 -12.89 -27.68 8.86
N TYR F 173 -12.53 -27.91 10.13
CA TYR F 173 -12.09 -29.23 10.55
C TYR F 173 -13.17 -30.29 10.35
N GLY F 174 -14.42 -29.96 10.71
CA GLY F 174 -15.46 -30.97 10.63
C GLY F 174 -15.70 -31.44 9.21
N MET F 175 -15.59 -30.52 8.25
CA MET F 175 -15.74 -30.90 6.85
C MET F 175 -14.46 -31.51 6.28
N GLY F 176 -13.30 -31.12 6.78
CA GLY F 176 -12.08 -31.81 6.38
C GLY F 176 -11.82 -31.68 4.90
N ALA F 177 -11.75 -32.82 4.24
CA ALA F 177 -11.47 -32.87 2.81
C ALA F 177 -12.53 -32.15 2.00
N ASN F 178 -13.75 -31.94 2.54
CA ASN F 178 -14.77 -31.16 1.82
C ASN F 178 -14.57 -29.65 1.90
N TYR F 179 -13.40 -29.16 2.29
CA TYR F 179 -13.19 -27.74 2.51
C TYR F 179 -12.48 -27.22 1.28
N LYS F 180 -13.07 -26.24 0.60
CA LYS F 180 -12.58 -25.81 -0.69
C LYS F 180 -11.88 -24.46 -0.62
N GLY F 181 -11.47 -24.04 0.57
CA GLY F 181 -10.79 -22.78 0.78
C GLY F 181 -11.70 -21.60 1.04
N ASN F 182 -13.01 -21.84 1.13
CA ASN F 182 -14.01 -20.78 1.29
C ASN F 182 -15.15 -21.38 2.10
N ILE F 183 -15.79 -20.56 2.92
CA ILE F 183 -16.91 -20.99 3.75
C ILE F 183 -18.16 -20.21 3.35
N THR F 184 -19.26 -20.94 3.17
CA THR F 184 -20.57 -20.40 2.80
C THR F 184 -21.57 -20.61 3.94
N ARG F 185 -22.73 -19.97 3.79
CA ARG F 185 -23.79 -20.08 4.80
C ARG F 185 -24.30 -21.51 4.95
N GLU F 186 -24.38 -22.26 3.86
CA GLU F 186 -24.83 -23.64 3.97
C GLU F 186 -23.86 -24.47 4.79
N ASP F 187 -22.56 -24.16 4.70
CA ASP F 187 -21.57 -24.86 5.53
C ASP F 187 -21.82 -24.61 7.02
N LEU F 188 -22.02 -23.34 7.39
CA LEU F 188 -22.23 -23.00 8.80
C LEU F 188 -23.57 -23.46 9.34
N ARG F 189 -24.58 -23.68 8.50
CA ARG F 189 -25.88 -24.12 9.01
C ARG F 189 -26.00 -25.63 9.12
N THR F 190 -25.07 -26.39 8.55
CA THR F 190 -25.18 -27.84 8.55
C THR F 190 -24.64 -28.38 9.86
N PRO F 191 -25.44 -29.08 10.66
CA PRO F 191 -24.95 -29.59 11.95
C PRO F 191 -23.84 -30.62 11.81
N THR F 192 -22.61 -30.24 12.14
CA THR F 192 -21.52 -31.18 12.31
C THR F 192 -21.25 -31.47 13.79
N PRO F 193 -20.56 -32.57 14.10
CA PRO F 193 -20.16 -32.79 15.51
C PRO F 193 -19.22 -31.72 16.03
N TYR F 194 -18.46 -31.09 15.14
CA TYR F 194 -17.52 -30.04 15.50
C TYR F 194 -18.04 -28.64 15.19
N ASN F 195 -19.28 -28.49 14.73
CA ASN F 195 -19.76 -27.19 14.27
C ASN F 195 -20.13 -26.32 15.46
N THR F 196 -19.29 -25.32 15.76
CA THR F 196 -19.53 -24.45 16.92
C THR F 196 -20.53 -23.33 16.64
N TYR F 197 -21.09 -23.24 15.44
CA TYR F 197 -22.21 -22.34 15.24
C TYR F 197 -23.55 -22.96 15.65
N THR F 198 -23.65 -24.28 15.64
CA THR F 198 -24.93 -24.94 15.92
C THR F 198 -24.95 -25.64 17.27
N ILE F 199 -23.79 -26.08 17.76
CA ILE F 199 -23.72 -26.83 19.01
C ILE F 199 -23.36 -25.88 20.15
N ASN F 200 -23.74 -26.29 21.36
CA ASN F 200 -23.37 -25.54 22.56
C ASN F 200 -22.16 -26.17 23.23
N GLY F 201 -21.17 -25.34 23.55
CA GLY F 201 -20.00 -25.80 24.26
C GLY F 201 -18.87 -26.25 23.36
N LEU F 202 -17.95 -27.02 23.95
CA LEU F 202 -16.77 -27.44 23.20
C LEU F 202 -17.08 -28.61 22.29
N PRO F 203 -16.34 -28.75 21.19
CA PRO F 203 -16.49 -29.92 20.34
C PRO F 203 -15.93 -31.15 21.01
N PRO F 204 -16.19 -32.33 20.45
CA PRO F 204 -15.77 -33.57 21.13
C PRO F 204 -14.25 -33.72 21.24
N THR F 205 -13.49 -33.29 20.24
CA THR F 205 -12.04 -33.43 20.24
C THR F 205 -11.33 -32.17 19.80
N PRO F 206 -10.01 -32.14 19.95
CA PRO F 206 -9.21 -31.04 19.38
C PRO F 206 -9.23 -31.07 17.86
N ILE F 207 -8.83 -29.94 17.29
CA ILE F 207 -8.84 -29.75 15.84
C ILE F 207 -7.46 -29.50 15.25
N ALA F 208 -6.40 -29.53 16.05
CA ALA F 208 -5.04 -29.29 15.56
C ALA F 208 -4.06 -29.63 16.68
N LEU F 209 -2.77 -29.46 16.39
CA LEU F 209 -1.73 -29.73 17.36
C LEU F 209 -1.36 -28.43 18.10
N PRO F 210 -1.77 -28.26 19.35
CA PRO F 210 -1.53 -26.98 20.03
C PRO F 210 -0.17 -26.91 20.69
N SER F 211 0.34 -25.70 20.80
CA SER F 211 1.61 -25.45 21.46
C SER F 211 1.43 -25.28 22.97
N GLN F 212 2.57 -25.30 23.67
CA GLN F 212 2.60 -25.11 25.12
C GLN F 212 2.05 -23.73 25.48
N LYS F 213 2.40 -22.72 24.68
CA LYS F 213 1.87 -21.39 24.88
C LYS F 213 0.36 -21.36 24.72
N ALA F 214 -0.17 -22.12 23.76
CA ALA F 214 -1.61 -22.17 23.54
C ALA F 214 -2.32 -22.86 24.70
N ILE F 215 -1.72 -23.92 25.24
CA ILE F 215 -2.29 -24.60 26.41
C ILE F 215 -2.33 -23.67 27.60
N GLU F 216 -1.19 -23.04 27.91
CA GLU F 216 -1.17 -22.14 29.06
C GLU F 216 -2.18 -21.01 28.88
N ALA F 217 -2.27 -20.45 27.69
CA ALA F 217 -3.24 -19.40 27.44
C ALA F 217 -4.65 -19.92 27.68
N ALA F 218 -4.95 -21.12 27.16
CA ALA F 218 -6.26 -21.71 27.39
C ALA F 218 -6.56 -21.80 28.87
N LEU F 219 -5.53 -22.03 29.68
CA LEU F 219 -5.73 -22.15 31.11
C LEU F 219 -5.55 -20.84 31.86
N HIS F 220 -5.27 -19.73 31.15
CA HIS F 220 -5.12 -18.42 31.78
C HIS F 220 -5.72 -17.32 30.93
N PRO F 221 -7.05 -17.23 30.87
CA PRO F 221 -7.68 -16.18 30.07
C PRO F 221 -7.44 -14.79 30.63
N ASP F 222 -7.57 -13.79 29.77
CA ASP F 222 -7.35 -12.41 30.17
C ASP F 222 -8.57 -11.86 30.91
N ASP F 223 -8.36 -10.77 31.63
CA ASP F 223 -9.40 -10.14 32.42
C ASP F 223 -10.01 -9.02 31.60
N SER F 224 -11.12 -9.32 30.93
CA SER F 224 -11.76 -8.36 30.04
C SER F 224 -13.20 -8.81 29.82
N ASN F 225 -13.97 -7.94 29.19
CA ASN F 225 -15.34 -8.27 28.82
C ASN F 225 -15.48 -8.61 27.34
N ASN F 226 -14.40 -8.61 26.58
CA ASN F 226 -14.50 -8.81 25.14
C ASN F 226 -14.90 -10.23 24.82
N ILE F 227 -15.90 -10.38 23.94
CA ILE F 227 -16.36 -11.70 23.51
C ILE F 227 -16.41 -11.79 21.99
N TYR F 228 -15.88 -10.78 21.29
CA TYR F 228 -15.80 -10.80 19.84
C TYR F 228 -14.40 -10.39 19.43
N PHE F 229 -13.98 -10.86 18.25
CA PHE F 229 -12.76 -10.35 17.67
C PHE F 229 -12.73 -10.59 16.17
N VAL F 230 -12.04 -9.68 15.47
CA VAL F 230 -11.91 -9.77 14.02
C VAL F 230 -10.53 -9.24 13.65
N ALA F 231 -9.94 -9.81 12.59
CA ALA F 231 -8.62 -9.37 12.16
C ALA F 231 -8.64 -7.86 11.91
N THR F 232 -7.50 -7.22 12.18
CA THR F 232 -7.45 -5.79 11.91
C THR F 232 -7.18 -5.49 10.42
N GLY F 233 -6.45 -6.38 9.76
CA GLY F 233 -6.01 -6.18 8.40
C GLY F 233 -4.59 -5.64 8.32
N ASN F 234 -4.09 -5.07 9.40
CA ASN F 234 -2.70 -4.62 9.50
C ASN F 234 -1.90 -5.51 10.42
N GLY F 235 -2.37 -6.73 10.69
CA GLY F 235 -1.70 -7.64 11.59
C GLY F 235 -2.35 -7.62 12.96
N GLY F 236 -2.89 -8.74 13.41
CA GLY F 236 -3.55 -8.78 14.69
C GLY F 236 -5.06 -8.78 14.58
N HIS F 237 -5.70 -8.65 15.74
CA HIS F 237 -7.15 -8.64 15.86
C HIS F 237 -7.60 -7.48 16.74
N LYS F 238 -8.85 -7.07 16.54
CA LYS F 238 -9.54 -6.12 17.39
C LYS F 238 -10.58 -6.89 18.17
N PHE F 239 -10.54 -6.75 19.50
CA PHE F 239 -11.41 -7.45 20.42
C PHE F 239 -12.45 -6.47 20.94
N THR F 240 -13.69 -6.94 21.10
CA THR F 240 -14.80 -6.06 21.42
C THR F 240 -15.77 -6.83 22.30
N ALA F 241 -16.64 -6.07 22.99
CA ALA F 241 -17.60 -6.65 23.92
C ALA F 241 -19.07 -6.55 23.52
N ASP F 242 -19.40 -5.85 22.43
CA ASP F 242 -20.77 -5.72 21.96
C ASP F 242 -20.78 -5.84 20.44
N LEU F 243 -21.90 -6.30 19.89
CA LEU F 243 -21.90 -6.66 18.47
C LEU F 243 -21.71 -5.45 17.58
N GLN F 244 -22.20 -4.29 18.00
CA GLN F 244 -22.09 -3.11 17.15
C GLN F 244 -20.62 -2.71 16.99
N ALA F 245 -19.86 -2.74 18.09
CA ALA F 245 -18.43 -2.46 18.01
C ALA F 245 -17.72 -3.48 17.13
N HIS F 246 -18.12 -4.75 17.22
CA HIS F 246 -17.51 -5.74 16.34
C HIS F 246 -17.78 -5.43 14.87
N ASN F 247 -19.01 -5.05 14.53
CA ASN F 247 -19.30 -4.77 13.12
C ASN F 247 -18.54 -3.54 12.65
N GLN F 248 -18.41 -2.53 13.50
CA GLN F 248 -17.53 -1.41 13.14
C GLN F 248 -16.12 -1.93 12.84
N ALA F 249 -15.61 -2.83 13.69
CA ALA F 249 -14.26 -3.34 13.48
C ALA F 249 -14.16 -4.12 12.17
N VAL F 250 -15.17 -4.92 11.85
CA VAL F 250 -15.14 -5.68 10.60
C VAL F 250 -15.17 -4.74 9.41
N GLN F 251 -16.01 -3.71 9.46
CA GLN F 251 -16.03 -2.71 8.41
C GLN F 251 -14.68 -2.02 8.28
N GLU F 252 -14.04 -1.71 9.40
CA GLU F 252 -12.67 -1.17 9.35
C GLU F 252 -11.72 -2.14 8.65
N TYR F 253 -11.88 -3.42 8.96
CA TYR F 253 -11.06 -4.45 8.36
C TYR F 253 -11.28 -4.49 6.87
N LEU F 254 -12.55 -4.33 6.44
CA LEU F 254 -12.87 -4.25 5.02
C LEU F 254 -12.14 -3.07 4.38
N SER F 255 -12.15 -1.92 5.02
CA SER F 255 -11.54 -0.75 4.40
C SER F 255 -10.04 -0.89 4.31
N VAL F 256 -9.40 -1.32 5.39
CA VAL F 256 -7.95 -1.56 5.31
C VAL F 256 -7.62 -2.61 4.25
N LEU F 257 -8.42 -3.66 4.13
CA LEU F 257 -8.14 -4.68 3.15
C LEU F 257 -8.31 -4.17 1.73
N ARG F 258 -9.26 -3.23 1.54
CA ARG F 258 -9.36 -2.56 0.24
C ARG F 258 -8.09 -1.74 -0.01
N SER F 259 -7.67 -0.97 0.99
CA SER F 259 -6.49 -0.12 0.85
C SER F 259 -5.24 -0.97 0.56
N LYS F 260 -5.17 -2.16 1.16
CA LYS F 260 -4.04 -3.04 0.94
C LYS F 260 -4.01 -3.56 -0.49
N LYS F 261 -5.11 -3.39 -1.24
CA LYS F 261 -5.18 -3.82 -2.63
C LYS F 261 -4.33 -2.96 -3.56
#